data_4GUO
#
_entry.id   4GUO
#
_cell.length_a   82.250
_cell.length_b   104.329
_cell.length_c   123.324
_cell.angle_alpha   90.00
_cell.angle_beta   96.38
_cell.angle_gamma   90.00
#
_symmetry.space_group_name_H-M   'P 1 21 1'
#
loop_
_entity.id
_entity.type
_entity.pdbx_description
1 polymer 'Tumor protein p73'
2 polymer "DNA (5'-D(*CP*GP*GP*GP*CP*AP*AP*GP*CP*CP*CP*G)-3')"
3 polymer "DNA (5'-D(*CP*GP*GP*GP*CP*TP*TP*GP*CP*CP*CP*G)-3')"
4 non-polymer 'ZINC ION'
5 water water
#
loop_
_entity_poly.entity_id
_entity_poly.type
_entity_poly.pdbx_seq_one_letter_code
_entity_poly.pdbx_strand_id
1 'polypeptide(L)'
;MGHHHHHHHHEFIPSNTDYPGPHHFEVTFQQSSTAKSATWTYSPLLKKLYCQIAKTCPIQIKVSTPPPPGTAIRAMPVYK
KAEHVTDVVKRCPNHELGRDFNEGQSAPASHLIRVEGNNLSQYVDDPVTGRQSVVVPYEPPQVGTEFTTILYNFMCNSSC
VGGMNRRPILIIITLEMRDGQVLGRRSFEGRICACPGRDRKADEDHYREQ
;
A,B,C,D,I,J,K,L
2 'polydeoxyribonucleotide' (DC)(DG)(DG)(DG)(DC)(DA)(DA)(DG)(DC)(DC)(DC)(DG) E,G,M,O
3 'polydeoxyribonucleotide' (DC)(DG)(DG)(DG)(DC)(DT)(DT)(DG)(DC)(DC)(DC)(DG) F,H,N,P
#
# COMPACT_ATOMS: atom_id res chain seq x y z
N HIS A 10 -31.88 -26.44 -1.32
CA HIS A 10 -32.84 -27.42 -0.73
C HIS A 10 -32.71 -27.41 0.82
N GLU A 11 -32.57 -28.59 1.42
CA GLU A 11 -32.33 -28.67 2.87
C GLU A 11 -30.85 -28.44 3.18
N PHE A 12 -30.57 -27.56 4.15
CA PHE A 12 -29.22 -27.36 4.69
C PHE A 12 -29.00 -28.00 6.07
N ILE A 13 -30.06 -28.11 6.87
CA ILE A 13 -30.10 -29.02 8.02
C ILE A 13 -31.00 -30.23 7.68
N PRO A 14 -30.42 -31.35 7.18
CA PRO A 14 -31.25 -32.53 7.02
C PRO A 14 -31.68 -33.00 8.38
N SER A 15 -32.98 -33.19 8.54
CA SER A 15 -33.52 -33.67 9.81
C SER A 15 -33.11 -35.12 10.01
N ASN A 16 -32.91 -35.47 11.27
CA ASN A 16 -32.51 -36.81 11.65
C ASN A 16 -33.74 -37.62 12.01
N THR A 17 -34.87 -36.94 12.24
CA THR A 17 -36.04 -37.56 12.86
C THR A 17 -36.60 -38.73 12.07
N ASP A 18 -36.73 -39.87 12.75
CA ASP A 18 -37.36 -41.04 12.14
C ASP A 18 -38.77 -40.70 11.70
N TYR A 19 -39.13 -41.19 10.52
CA TYR A 19 -40.43 -40.96 9.91
C TYR A 19 -40.82 -42.24 9.18
N PRO A 20 -41.56 -43.12 9.87
CA PRO A 20 -41.95 -44.35 9.20
C PRO A 20 -42.90 -43.96 8.09
N GLY A 21 -42.67 -44.41 6.86
CA GLY A 21 -43.53 -43.98 5.77
C GLY A 21 -44.95 -44.50 5.84
N PRO A 22 -45.84 -43.90 5.05
CA PRO A 22 -47.11 -44.54 4.69
C PRO A 22 -46.84 -45.97 4.23
N HIS A 23 -45.61 -46.24 3.78
CA HIS A 23 -45.16 -47.58 3.37
C HIS A 23 -44.34 -48.33 4.45
N HIS A 24 -44.47 -47.92 5.71
CA HIS A 24 -43.86 -48.61 6.85
C HIS A 24 -42.38 -48.94 6.71
N PHE A 25 -41.55 -47.88 6.72
CA PHE A 25 -40.11 -47.95 6.46
C PHE A 25 -39.23 -48.24 7.69
N GLU A 26 -38.58 -49.40 7.67
CA GLU A 26 -37.72 -49.84 8.78
C GLU A 26 -36.32 -50.19 8.32
N VAL A 27 -35.33 -49.66 9.04
CA VAL A 27 -33.94 -49.97 8.76
C VAL A 27 -33.40 -50.86 9.85
N THR A 28 -32.93 -52.05 9.46
CA THR A 28 -32.61 -53.15 10.37
C THR A 28 -31.15 -53.56 10.27
N PHE A 29 -30.64 -54.26 11.29
CA PHE A 29 -29.34 -54.94 11.19
C PHE A 29 -29.41 -56.41 11.58
N GLN A 30 -28.75 -57.25 10.77
CA GLN A 30 -28.63 -58.67 11.02
C GLN A 30 -27.66 -58.95 12.16
N GLN A 31 -27.55 -60.23 12.48
CA GLN A 31 -26.65 -60.63 13.56
C GLN A 31 -25.26 -60.07 13.27
N SER A 32 -24.63 -59.60 14.34
CA SER A 32 -23.46 -58.74 14.29
C SER A 32 -22.34 -59.36 15.13
N SER A 33 -21.19 -59.64 14.50
CA SER A 33 -20.10 -60.39 15.15
C SER A 33 -19.54 -59.67 16.37
N THR A 34 -19.39 -60.38 17.50
CA THR A 34 -19.13 -59.75 18.80
C THR A 34 -17.63 -59.38 18.95
N ALA A 35 -16.81 -59.86 18.00
CA ALA A 35 -15.33 -59.78 18.11
C ALA A 35 -14.85 -58.34 18.29
N LYS A 36 -13.74 -58.18 19.00
CA LYS A 36 -13.16 -56.84 19.25
C LYS A 36 -13.01 -55.99 17.97
N SER A 37 -12.50 -56.59 16.90
CA SER A 37 -12.32 -55.87 15.62
C SER A 37 -13.08 -56.55 14.50
N ALA A 38 -14.37 -56.77 14.75
CA ALA A 38 -15.29 -57.28 13.73
C ALA A 38 -15.43 -56.25 12.63
N THR A 39 -15.51 -56.68 11.37
CA THR A 39 -15.68 -55.76 10.24
C THR A 39 -16.78 -54.75 10.54
N TRP A 40 -17.81 -55.15 11.27
CA TRP A 40 -18.80 -54.21 11.78
C TRP A 40 -19.60 -54.82 12.92
N THR A 41 -20.27 -53.96 13.66
CA THR A 41 -21.24 -54.41 14.67
C THR A 41 -22.22 -53.29 14.97
N TYR A 42 -23.42 -53.67 15.37
CA TYR A 42 -24.49 -52.71 15.58
C TYR A 42 -25.06 -52.82 16.98
N SER A 43 -25.18 -51.68 17.64
CA SER A 43 -25.76 -51.62 18.98
C SER A 43 -27.20 -51.16 18.83
N PRO A 44 -28.19 -52.05 19.01
CA PRO A 44 -29.60 -51.60 18.97
C PRO A 44 -29.92 -50.76 20.19
N LEU A 45 -29.25 -51.05 21.29
CA LEU A 45 -29.41 -50.30 22.54
C LEU A 45 -29.11 -48.81 22.34
N LEU A 46 -27.97 -48.54 21.72
CA LEU A 46 -27.51 -47.18 21.43
C LEU A 46 -27.84 -46.69 20.02
N LYS A 47 -28.51 -47.53 19.24
CA LYS A 47 -28.93 -47.25 17.88
C LYS A 47 -27.78 -46.66 17.05
N LYS A 48 -26.63 -47.30 17.16
CA LYS A 48 -25.45 -46.84 16.44
C LYS A 48 -24.62 -47.99 15.85
N LEU A 49 -24.24 -47.84 14.57
CA LEU A 49 -23.37 -48.85 13.90
C LEU A 49 -21.90 -48.44 14.10
N TYR A 50 -21.11 -49.48 14.30
CA TYR A 50 -19.67 -49.39 14.41
C TYR A 50 -19.13 -50.12 13.20
N CYS A 51 -18.60 -49.38 12.25
CA CYS A 51 -18.15 -49.95 10.98
C CYS A 51 -16.67 -49.75 10.82
N GLN A 52 -16.03 -50.73 10.19
CA GLN A 52 -14.61 -50.64 9.82
C GLN A 52 -14.43 -49.90 8.51
N ILE A 53 -13.43 -49.04 8.47
CA ILE A 53 -13.22 -48.21 7.30
C ILE A 53 -13.11 -49.08 6.05
N ALA A 54 -13.91 -48.74 5.05
CA ALA A 54 -13.90 -49.42 3.74
C ALA A 54 -14.23 -50.94 3.77
N LYS A 55 -15.24 -51.31 4.56
CA LYS A 55 -15.70 -52.69 4.62
C LYS A 55 -17.17 -52.80 4.23
N THR A 56 -17.54 -53.97 3.71
CA THR A 56 -18.95 -54.25 3.34
C THR A 56 -19.76 -54.31 4.62
N CYS A 57 -20.70 -53.40 4.70
CA CYS A 57 -21.56 -53.26 5.85
C CYS A 57 -23.00 -53.40 5.40
N PRO A 58 -23.64 -54.54 5.74
CA PRO A 58 -24.92 -54.88 5.18
C PRO A 58 -26.07 -54.27 5.98
N ILE A 59 -26.93 -53.54 5.28
CA ILE A 59 -28.05 -52.85 5.89
C ILE A 59 -29.30 -53.57 5.45
N GLN A 60 -30.21 -53.84 6.40
CA GLN A 60 -31.52 -54.44 6.13
C GLN A 60 -32.58 -53.36 6.00
N ILE A 61 -33.30 -53.38 4.88
CA ILE A 61 -34.39 -52.43 4.65
C ILE A 61 -35.69 -53.10 4.31
N LYS A 62 -36.75 -52.77 5.05
CA LYS A 62 -38.05 -53.39 4.80
C LYS A 62 -39.22 -52.39 4.82
N VAL A 63 -40.23 -52.72 4.03
CA VAL A 63 -41.48 -51.94 3.86
C VAL A 63 -42.70 -52.85 3.79
N SER A 64 -43.83 -52.38 4.34
CA SER A 64 -45.10 -53.14 4.33
C SER A 64 -45.75 -53.16 2.95
N THR A 65 -45.92 -51.97 2.38
CA THR A 65 -46.47 -51.82 1.03
C THR A 65 -45.37 -51.37 0.10
N PRO A 66 -45.21 -52.04 -1.05
CA PRO A 66 -44.18 -51.58 -1.98
C PRO A 66 -44.48 -50.17 -2.51
N PRO A 67 -43.44 -49.35 -2.79
CA PRO A 67 -43.59 -47.98 -3.34
C PRO A 67 -43.52 -47.90 -4.88
N PRO A 68 -43.95 -46.77 -5.49
CA PRO A 68 -43.95 -46.64 -6.96
C PRO A 68 -42.58 -46.87 -7.63
N PRO A 69 -42.55 -47.22 -8.92
CA PRO A 69 -41.26 -47.43 -9.60
C PRO A 69 -40.42 -46.18 -9.69
N GLY A 70 -39.09 -46.35 -9.69
CA GLY A 70 -38.13 -45.24 -9.70
C GLY A 70 -37.99 -44.61 -8.33
N THR A 71 -38.72 -45.15 -7.35
CA THR A 71 -38.50 -44.81 -5.93
C THR A 71 -37.14 -45.33 -5.50
N ALA A 72 -36.41 -44.56 -4.71
CA ALA A 72 -35.00 -44.86 -4.43
C ALA A 72 -34.63 -44.64 -2.96
N ILE A 73 -33.43 -45.08 -2.61
CA ILE A 73 -32.93 -44.96 -1.25
C ILE A 73 -31.65 -44.13 -1.21
N ARG A 74 -31.69 -43.09 -0.38
CA ARG A 74 -30.57 -42.18 -0.19
C ARG A 74 -29.89 -42.36 1.15
N ALA A 75 -28.55 -42.39 1.13
CA ALA A 75 -27.75 -42.41 2.35
C ALA A 75 -26.91 -41.15 2.40
N MET A 76 -26.98 -40.45 3.53
CA MET A 76 -26.24 -39.20 3.72
C MET A 76 -25.76 -39.06 5.15
N PRO A 77 -24.48 -38.73 5.33
CA PRO A 77 -23.92 -38.47 6.64
C PRO A 77 -24.10 -37.02 7.10
N VAL A 78 -24.37 -36.86 8.37
CA VAL A 78 -24.55 -35.57 8.99
C VAL A 78 -23.89 -35.61 10.36
N TYR A 79 -23.21 -34.53 10.75
CA TYR A 79 -22.66 -34.43 12.09
C TYR A 79 -23.77 -34.37 13.12
N LYS A 80 -23.55 -35.08 14.21
CA LYS A 80 -24.58 -35.25 15.22
C LYS A 80 -24.83 -33.94 15.96
N LYS A 81 -23.76 -33.28 16.37
CA LYS A 81 -23.91 -32.09 17.21
C LYS A 81 -24.09 -30.77 16.48
N ALA A 82 -24.89 -29.90 17.09
CA ALA A 82 -25.27 -28.60 16.52
C ALA A 82 -24.09 -27.72 16.12
N GLU A 83 -23.06 -27.70 16.98
CA GLU A 83 -21.86 -26.91 16.76
C GLU A 83 -21.18 -27.23 15.44
N HIS A 84 -21.37 -28.46 14.96
CA HIS A 84 -20.84 -28.96 13.68
C HIS A 84 -21.88 -29.25 12.57
N VAL A 85 -23.17 -29.13 12.89
CA VAL A 85 -24.24 -29.55 11.97
C VAL A 85 -24.03 -29.02 10.56
N THR A 86 -23.65 -27.75 10.50
CA THR A 86 -23.53 -27.08 9.23
C THR A 86 -22.37 -27.55 8.37
N ASP A 87 -21.37 -28.17 8.97
CA ASP A 87 -20.21 -28.69 8.22
C ASP A 87 -20.61 -29.92 7.41
N VAL A 88 -20.30 -29.93 6.13
CA VAL A 88 -20.66 -31.05 5.27
C VAL A 88 -19.69 -32.19 5.56
N VAL A 89 -20.21 -33.41 5.54
CA VAL A 89 -19.42 -34.57 5.90
C VAL A 89 -18.74 -35.16 4.69
N LYS A 90 -17.43 -34.99 4.64
CA LYS A 90 -16.61 -35.48 3.54
C LYS A 90 -15.43 -36.29 4.02
N ARG A 91 -14.75 -36.92 3.07
CA ARG A 91 -13.56 -37.65 3.39
C ARG A 91 -12.41 -36.70 3.70
N CYS A 92 -11.54 -37.11 4.63
CA CYS A 92 -10.39 -36.32 5.00
C CYS A 92 -9.42 -36.16 3.83
N PRO A 93 -8.66 -35.06 3.79
CA PRO A 93 -7.69 -34.79 2.73
C PRO A 93 -6.76 -35.96 2.44
N ASN A 94 -6.20 -36.53 3.50
CA ASN A 94 -5.27 -37.67 3.42
C ASN A 94 -5.85 -38.82 2.62
N HIS A 95 -7.05 -39.24 3.00
CA HIS A 95 -7.72 -40.37 2.37
C HIS A 95 -8.30 -40.03 1.00
N GLU A 96 -8.76 -38.79 0.83
CA GLU A 96 -9.34 -38.38 -0.44
C GLU A 96 -8.28 -38.46 -1.52
N LEU A 97 -7.18 -37.75 -1.30
CA LEU A 97 -6.07 -37.72 -2.25
C LEU A 97 -5.22 -38.98 -2.12
N GLY A 98 -5.54 -39.81 -1.12
CA GLY A 98 -4.84 -41.05 -0.90
C GLY A 98 -4.84 -41.93 -2.14
N ARG A 99 -3.73 -42.59 -2.36
CA ARG A 99 -3.66 -43.60 -3.42
C ARG A 99 -4.15 -44.94 -2.91
N ASP A 100 -4.05 -45.11 -1.59
CA ASP A 100 -4.30 -46.38 -0.93
C ASP A 100 -5.69 -46.99 -1.15
N PHE A 101 -6.74 -46.22 -1.44
CA PHE A 101 -8.08 -46.81 -1.68
C PHE A 101 -8.95 -46.22 -2.79
N ASN A 102 -8.32 -45.56 -3.77
CA ASN A 102 -9.03 -44.92 -4.87
C ASN A 102 -8.68 -45.45 -6.28
N GLU A 103 -7.80 -46.45 -6.36
CA GLU A 103 -7.68 -47.34 -7.52
C GLU A 103 -8.86 -48.35 -7.46
N GLY A 104 -9.27 -48.81 -8.64
CA GLY A 104 -10.51 -49.56 -8.81
C GLY A 104 -11.65 -48.56 -8.58
N GLN A 105 -11.35 -47.29 -8.89
CA GLN A 105 -12.25 -46.14 -8.72
C GLN A 105 -13.44 -46.17 -9.62
N SER A 106 -14.62 -46.28 -9.00
CA SER A 106 -15.93 -45.98 -9.59
C SER A 106 -16.63 -44.74 -8.99
N ALA A 107 -16.18 -44.35 -7.80
CA ALA A 107 -16.83 -43.34 -6.95
C ALA A 107 -15.95 -42.12 -6.79
N PRO A 108 -16.56 -40.93 -6.53
CA PRO A 108 -15.71 -39.79 -6.22
C PRO A 108 -14.94 -40.05 -4.95
N ALA A 109 -13.68 -39.65 -4.95
CA ALA A 109 -12.79 -39.93 -3.83
C ALA A 109 -13.17 -39.09 -2.60
N SER A 110 -14.01 -38.07 -2.79
CA SER A 110 -14.42 -37.16 -1.72
C SER A 110 -15.50 -37.76 -0.81
N HIS A 111 -16.36 -38.57 -1.43
CA HIS A 111 -17.54 -39.14 -0.74
C HIS A 111 -17.23 -40.14 0.34
N LEU A 112 -17.83 -39.92 1.50
CA LEU A 112 -17.58 -40.76 2.65
C LEU A 112 -18.28 -42.07 2.44
N ILE A 113 -19.55 -41.98 2.06
CA ILE A 113 -20.37 -43.18 1.89
C ILE A 113 -20.37 -43.64 0.44
N ARG A 114 -20.03 -44.91 0.25
CA ARG A 114 -20.13 -45.59 -1.06
C ARG A 114 -21.06 -46.79 -0.95
N VAL A 115 -21.51 -47.29 -2.10
CA VAL A 115 -22.34 -48.52 -2.15
C VAL A 115 -21.57 -49.66 -2.85
N GLU A 116 -21.63 -50.87 -2.28
CA GLU A 116 -21.00 -52.08 -2.87
C GLU A 116 -22.06 -52.95 -3.56
N GLY A 117 -21.79 -53.35 -4.81
CA GLY A 117 -22.59 -54.37 -5.55
C GLY A 117 -23.64 -53.91 -6.57
N ASN A 118 -24.14 -52.71 -6.31
CA ASN A 118 -25.09 -52.04 -7.21
C ASN A 118 -24.38 -51.05 -8.14
N ASN A 119 -24.63 -51.16 -9.44
CA ASN A 119 -24.12 -50.23 -10.48
C ASN A 119 -25.12 -49.16 -10.97
N LEU A 120 -26.34 -49.23 -10.44
CA LEU A 120 -27.28 -48.09 -10.49
C LEU A 120 -26.91 -47.15 -9.34
N SER A 121 -25.87 -47.49 -8.59
CA SER A 121 -25.43 -46.64 -7.50
C SER A 121 -25.04 -45.28 -8.05
N GLN A 122 -25.66 -44.27 -7.47
CA GLN A 122 -25.50 -42.89 -7.86
C GLN A 122 -24.90 -42.05 -6.72
N TYR A 123 -24.06 -41.10 -7.09
CA TYR A 123 -23.47 -40.19 -6.12
C TYR A 123 -23.92 -38.75 -6.34
N VAL A 124 -24.77 -38.26 -5.45
CA VAL A 124 -25.29 -36.90 -5.55
C VAL A 124 -24.35 -35.94 -4.82
N ASP A 125 -24.09 -34.82 -5.48
CA ASP A 125 -23.24 -33.81 -4.93
C ASP A 125 -23.96 -32.55 -5.22
N ASP A 126 -24.96 -32.27 -4.41
CA ASP A 126 -25.79 -31.12 -4.63
C ASP A 126 -24.89 -29.89 -4.65
N PRO A 127 -24.82 -29.20 -5.78
CA PRO A 127 -23.97 -27.99 -5.81
C PRO A 127 -24.61 -26.80 -5.10
N VAL A 128 -25.92 -26.87 -4.83
CA VAL A 128 -26.60 -25.80 -4.10
C VAL A 128 -26.08 -25.79 -2.65
N THR A 129 -26.37 -26.85 -1.89
CA THR A 129 -25.94 -26.97 -0.49
C THR A 129 -24.72 -27.85 -0.28
N GLY A 130 -24.02 -28.21 -1.37
CA GLY A 130 -22.69 -28.85 -1.27
C GLY A 130 -22.73 -30.19 -0.57
N ARG A 131 -23.95 -30.73 -0.44
CA ARG A 131 -24.23 -31.86 0.43
C ARG A 131 -23.94 -33.17 -0.27
N GLN A 132 -23.07 -33.99 0.29
CA GLN A 132 -22.68 -35.24 -0.36
C GLN A 132 -23.58 -36.37 0.11
N SER A 133 -24.06 -37.16 -0.85
CA SER A 133 -24.90 -38.32 -0.57
C SER A 133 -24.81 -39.38 -1.67
N VAL A 134 -25.45 -40.51 -1.41
CA VAL A 134 -25.44 -41.67 -2.30
C VAL A 134 -26.83 -42.24 -2.46
N VAL A 135 -27.19 -42.60 -3.67
CA VAL A 135 -28.56 -43.05 -3.98
C VAL A 135 -28.60 -44.31 -4.82
N VAL A 136 -29.50 -45.23 -4.47
CA VAL A 136 -29.77 -46.42 -5.28
C VAL A 136 -31.28 -46.67 -5.42
N PRO A 137 -31.70 -47.23 -6.56
CA PRO A 137 -33.10 -47.54 -6.78
C PRO A 137 -33.60 -48.72 -5.95
N TYR A 138 -34.87 -48.67 -5.62
CA TYR A 138 -35.49 -49.66 -4.73
C TYR A 138 -35.61 -51.02 -5.40
N GLU A 139 -35.17 -52.05 -4.69
CA GLU A 139 -35.34 -53.43 -5.10
C GLU A 139 -36.21 -54.12 -4.07
N PRO A 140 -37.37 -54.65 -4.50
CA PRO A 140 -38.13 -55.50 -3.59
C PRO A 140 -37.27 -56.65 -3.11
N PRO A 141 -37.31 -56.96 -1.80
CA PRO A 141 -36.35 -57.89 -1.22
C PRO A 141 -36.08 -59.01 -2.19
N GLN A 142 -34.84 -59.50 -2.18
CA GLN A 142 -34.44 -60.61 -3.04
C GLN A 142 -35.43 -61.71 -2.69
N VAL A 143 -35.84 -62.46 -3.70
CA VAL A 143 -37.06 -63.29 -3.60
C VAL A 143 -37.01 -64.27 -2.42
N GLY A 144 -38.08 -64.28 -1.63
CA GLY A 144 -38.12 -65.05 -0.37
C GLY A 144 -37.60 -64.28 0.83
N THR A 145 -37.09 -63.07 0.60
CA THR A 145 -36.50 -62.25 1.67
C THR A 145 -37.53 -61.31 2.30
N GLU A 146 -37.30 -61.01 3.57
CA GLU A 146 -38.07 -60.01 4.34
C GLU A 146 -37.65 -58.59 3.95
N PHE A 147 -36.35 -58.42 3.69
CA PHE A 147 -35.74 -57.12 3.42
C PHE A 147 -34.76 -57.05 2.25
N THR A 148 -34.49 -55.81 1.87
CA THR A 148 -33.51 -55.52 0.82
C THR A 148 -32.15 -55.26 1.44
N THR A 149 -31.14 -56.00 1.02
CA THR A 149 -29.78 -55.90 1.57
C THR A 149 -29.00 -54.90 0.71
N ILE A 150 -28.69 -53.74 1.30
CA ILE A 150 -27.80 -52.76 0.65
C ILE A 150 -26.45 -52.86 1.33
N LEU A 151 -25.39 -52.81 0.54
CA LEU A 151 -24.05 -52.83 1.09
C LEU A 151 -23.46 -51.46 1.04
N TYR A 152 -23.13 -50.93 2.21
CA TYR A 152 -22.47 -49.64 2.30
C TYR A 152 -21.03 -49.78 2.69
N ASN A 153 -20.23 -48.85 2.18
CA ASN A 153 -18.84 -48.69 2.57
C ASN A 153 -18.65 -47.31 3.11
N PHE A 154 -17.97 -47.22 4.24
CA PHE A 154 -17.64 -45.95 4.85
C PHE A 154 -16.14 -45.72 4.78
N MET A 155 -15.74 -44.62 4.15
CA MET A 155 -14.38 -44.45 3.65
C MET A 155 -13.40 -43.62 4.49
N CYS A 156 -13.79 -43.25 5.70
CA CYS A 156 -12.88 -42.56 6.63
C CYS A 156 -13.19 -42.99 8.04
N ASN A 157 -12.17 -43.06 8.88
CA ASN A 157 -12.39 -43.27 10.31
C ASN A 157 -13.03 -42.02 10.89
N SER A 158 -13.87 -42.17 11.90
CA SER A 158 -14.44 -41.01 12.53
C SER A 158 -13.35 -40.10 13.07
N SER A 159 -12.27 -40.70 13.56
CA SER A 159 -11.19 -39.97 14.22
C SER A 159 -10.33 -39.19 13.24
N CYS A 160 -10.42 -39.54 11.97
CA CYS A 160 -9.60 -38.92 10.90
C CYS A 160 -9.48 -37.42 10.98
N VAL A 161 -8.25 -36.97 11.13
CA VAL A 161 -7.93 -35.57 11.23
C VAL A 161 -8.13 -34.89 9.90
N GLY A 162 -8.55 -33.63 9.94
CA GLY A 162 -8.76 -32.85 8.71
C GLY A 162 -10.06 -33.21 8.05
N GLY A 163 -10.56 -34.40 8.37
CA GLY A 163 -11.86 -34.81 7.91
C GLY A 163 -12.77 -34.62 9.08
N MET A 164 -13.59 -35.63 9.33
CA MET A 164 -14.58 -35.57 10.35
C MET A 164 -13.97 -35.73 11.72
N ASN A 165 -12.78 -35.19 11.96
CA ASN A 165 -12.01 -35.62 13.13
C ASN A 165 -12.79 -35.72 14.43
N ARG A 166 -12.91 -36.95 14.89
CA ARG A 166 -13.37 -37.31 16.22
C ARG A 166 -14.78 -36.83 16.51
N ARG A 167 -15.52 -36.40 15.49
CA ARG A 167 -16.81 -35.78 15.69
C ARG A 167 -17.91 -36.73 15.30
N PRO A 168 -18.81 -37.02 16.22
CA PRO A 168 -19.81 -38.01 15.89
C PRO A 168 -20.68 -37.56 14.73
N ILE A 169 -21.19 -38.57 14.02
CA ILE A 169 -22.04 -38.37 12.87
C ILE A 169 -23.24 -39.28 12.91
N LEU A 170 -24.27 -38.87 12.22
CA LEU A 170 -25.45 -39.66 12.05
C LEU A 170 -25.44 -40.10 10.61
N ILE A 171 -26.02 -41.27 10.34
CA ILE A 171 -26.24 -41.72 8.97
C ILE A 171 -27.73 -41.68 8.72
N ILE A 172 -28.14 -40.98 7.69
CA ILE A 172 -29.56 -40.87 7.37
C ILE A 172 -29.88 -41.57 6.09
N ILE A 173 -30.66 -42.64 6.25
CA ILE A 173 -31.24 -43.38 5.16
C ILE A 173 -32.62 -42.82 4.89
N THR A 174 -32.82 -42.36 3.65
CA THR A 174 -34.09 -41.76 3.24
C THR A 174 -34.75 -42.54 2.10
N LEU A 175 -36.03 -42.83 2.30
CA LEU A 175 -36.90 -43.52 1.36
C LEU A 175 -37.57 -42.44 0.51
N GLU A 176 -37.00 -42.25 -0.68
CA GLU A 176 -37.32 -41.08 -1.49
C GLU A 176 -38.06 -41.46 -2.75
N MET A 177 -38.95 -40.55 -3.14
CA MET A 177 -39.68 -40.66 -4.39
C MET A 177 -38.75 -40.38 -5.56
N ARG A 178 -39.22 -40.75 -6.74
CA ARG A 178 -38.39 -40.66 -7.93
C ARG A 178 -37.82 -39.28 -8.14
N ASP A 179 -38.59 -38.26 -7.77
CA ASP A 179 -38.15 -36.87 -7.78
C ASP A 179 -38.28 -36.15 -6.44
N GLY A 180 -37.46 -36.61 -5.50
CA GLY A 180 -37.16 -35.78 -4.32
C GLY A 180 -37.93 -36.02 -3.04
N GLN A 181 -39.25 -36.10 -3.14
CA GLN A 181 -40.12 -36.13 -1.96
C GLN A 181 -39.75 -37.29 -1.04
N VAL A 182 -39.49 -36.99 0.23
CA VAL A 182 -39.19 -38.02 1.21
C VAL A 182 -40.46 -38.76 1.60
N LEU A 183 -40.43 -40.08 1.46
CA LEU A 183 -41.57 -40.99 1.80
C LEU A 183 -41.34 -41.68 3.15
N GLY A 184 -40.09 -41.75 3.58
CA GLY A 184 -39.77 -42.37 4.86
C GLY A 184 -38.32 -42.14 5.23
N ARG A 185 -38.06 -42.01 6.52
CA ARG A 185 -36.73 -41.65 7.00
C ARG A 185 -36.35 -42.33 8.30
N ARG A 186 -35.12 -42.85 8.34
CA ARG A 186 -34.55 -43.47 9.54
C ARG A 186 -33.09 -43.09 9.67
N SER A 187 -32.64 -42.87 10.90
CA SER A 187 -31.27 -42.48 11.17
C SER A 187 -30.70 -43.27 12.31
N PHE A 188 -29.37 -43.32 12.30
CA PHE A 188 -28.62 -43.94 13.38
C PHE A 188 -27.22 -43.36 13.43
N GLU A 189 -26.61 -43.39 14.60
CA GLU A 189 -25.29 -42.82 14.77
C GLU A 189 -24.32 -43.72 14.05
N GLY A 190 -23.25 -43.11 13.59
CA GLY A 190 -22.17 -43.83 12.95
C GLY A 190 -20.88 -43.57 13.68
N ARG A 191 -20.08 -44.62 13.77
CA ARG A 191 -18.73 -44.51 14.26
C ARG A 191 -17.87 -45.46 13.45
N ILE A 192 -16.92 -44.88 12.73
CA ILE A 192 -16.05 -45.65 11.86
C ILE A 192 -14.71 -45.76 12.53
N CYS A 193 -14.43 -46.93 13.06
CA CYS A 193 -13.27 -47.13 13.92
C CYS A 193 -12.52 -48.38 13.53
N ALA A 194 -11.38 -48.55 14.17
CA ALA A 194 -10.54 -49.70 13.95
C ALA A 194 -11.09 -50.95 14.65
N CYS A 195 -11.57 -50.78 15.87
CA CYS A 195 -12.07 -51.92 16.66
C CYS A 195 -13.52 -51.77 17.07
N PRO A 196 -14.44 -52.11 16.17
CA PRO A 196 -15.85 -51.86 16.47
C PRO A 196 -16.36 -52.58 17.71
N GLY A 197 -15.96 -53.83 17.89
CA GLY A 197 -16.37 -54.60 19.07
C GLY A 197 -15.97 -53.94 20.35
N ARG A 198 -14.69 -53.58 20.44
CA ARG A 198 -14.14 -52.92 21.63
C ARG A 198 -14.90 -51.67 21.95
N ASP A 199 -15.06 -50.84 20.92
CA ASP A 199 -15.69 -49.53 21.05
C ASP A 199 -17.19 -49.64 21.36
N ARG A 200 -17.84 -50.63 20.79
CA ARG A 200 -19.25 -50.89 21.09
C ARG A 200 -19.40 -51.25 22.56
N LYS A 201 -18.65 -52.27 22.99
CA LYS A 201 -18.78 -52.72 24.39
C LYS A 201 -18.52 -51.54 25.29
N ALA A 202 -17.43 -50.82 25.01
CA ALA A 202 -16.98 -49.70 25.85
C ALA A 202 -18.09 -48.69 26.01
N ASP A 203 -18.78 -48.41 24.92
CA ASP A 203 -19.88 -47.46 24.95
C ASP A 203 -21.05 -47.98 25.74
N GLU A 204 -21.49 -49.18 25.41
CA GLU A 204 -22.70 -49.75 26.01
C GLU A 204 -22.53 -49.90 27.52
N ASP A 205 -21.37 -50.41 27.91
CA ASP A 205 -21.01 -50.58 29.32
C ASP A 205 -21.05 -49.24 30.00
N HIS A 206 -20.36 -48.29 29.38
CA HIS A 206 -20.20 -46.92 29.88
C HIS A 206 -21.52 -46.15 29.99
N TYR A 207 -22.56 -46.64 29.33
CA TYR A 207 -23.90 -46.06 29.36
C TYR A 207 -24.75 -46.66 30.48
N ARG A 208 -24.37 -47.85 30.93
CA ARG A 208 -25.24 -48.64 31.81
C ARG A 208 -25.33 -48.07 33.22
N GLU A 209 -24.56 -47.02 33.53
CA GLU A 209 -24.76 -46.25 34.77
C GLU A 209 -25.61 -44.96 34.65
N GLN A 210 -26.06 -44.61 33.45
CA GLN A 210 -26.83 -43.37 33.20
C GLN A 210 -28.10 -43.67 32.37
N PHE B 12 20.32 -37.76 -2.12
CA PHE B 12 21.28 -36.66 -1.73
C PHE B 12 21.13 -36.35 -0.22
N ILE B 13 21.93 -37.03 0.59
CA ILE B 13 21.88 -36.90 2.06
C ILE B 13 22.59 -35.62 2.50
N PRO B 14 21.88 -34.73 3.25
CA PRO B 14 22.59 -33.58 3.81
C PRO B 14 23.52 -34.03 4.91
N SER B 15 24.68 -33.39 4.98
CA SER B 15 25.70 -33.66 5.99
C SER B 15 25.22 -33.06 7.32
N ASN B 16 24.84 -33.91 8.27
CA ASN B 16 24.41 -33.45 9.59
C ASN B 16 25.57 -33.51 10.53
N THR B 17 26.70 -34.01 10.03
CA THR B 17 27.97 -34.00 10.74
C THR B 17 28.28 -32.55 11.20
N ASP B 18 28.51 -32.41 12.52
CA ASP B 18 28.71 -31.08 13.13
C ASP B 18 30.13 -30.56 13.22
N TYR B 19 30.29 -29.29 12.88
CA TYR B 19 31.55 -28.59 13.05
C TYR B 19 31.42 -27.08 13.33
N PRO B 20 31.92 -26.66 14.51
CA PRO B 20 31.82 -25.27 14.91
C PRO B 20 32.82 -24.37 14.21
N GLY B 21 33.30 -24.78 13.03
CA GLY B 21 34.22 -24.00 12.18
C GLY B 21 34.93 -22.74 12.71
N PRO B 22 35.14 -21.72 11.83
CA PRO B 22 35.96 -20.52 12.12
C PRO B 22 35.51 -19.68 13.29
N HIS B 23 34.26 -19.27 13.21
CA HIS B 23 33.61 -18.60 14.31
C HIS B 23 33.12 -19.72 15.18
N HIS B 24 33.19 -19.58 16.49
CA HIS B 24 32.76 -20.65 17.39
C HIS B 24 31.24 -20.80 17.33
N PHE B 25 30.74 -21.33 16.21
CA PHE B 25 29.30 -21.40 15.94
C PHE B 25 28.59 -22.40 16.85
N GLU B 26 27.71 -21.88 17.70
CA GLU B 26 26.95 -22.75 18.62
C GLU B 26 25.48 -22.34 18.85
N VAL B 27 24.66 -23.36 19.01
CA VAL B 27 23.24 -23.16 19.31
C VAL B 27 22.90 -23.64 20.74
N THR B 28 22.21 -22.77 21.49
CA THR B 28 21.72 -23.09 22.84
C THR B 28 20.20 -22.95 22.85
N PHE B 29 19.60 -23.44 23.94
CA PHE B 29 18.19 -23.23 24.24
C PHE B 29 18.04 -22.56 25.59
N GLN B 30 17.29 -21.47 25.58
CA GLN B 30 17.03 -20.78 26.83
C GLN B 30 16.29 -21.69 27.78
N GLN B 31 16.24 -21.31 29.06
CA GLN B 31 15.50 -22.09 30.03
C GLN B 31 14.00 -22.06 29.77
N SER B 32 13.36 -23.23 29.95
CA SER B 32 11.96 -23.48 29.62
C SER B 32 11.15 -24.23 30.68
N SER B 33 9.84 -24.09 30.56
CA SER B 33 8.89 -24.65 31.52
C SER B 33 8.98 -26.16 31.58
N THR B 34 8.76 -26.72 32.77
CA THR B 34 8.79 -28.18 33.00
C THR B 34 7.35 -28.70 33.14
N ALA B 35 6.47 -28.18 32.29
CA ALA B 35 5.06 -28.58 32.27
C ALA B 35 4.83 -29.75 31.33
N LYS B 36 3.84 -30.57 31.67
CA LYS B 36 3.54 -31.76 30.88
C LYS B 36 3.22 -31.39 29.44
N SER B 37 2.39 -30.37 29.28
CA SER B 37 1.99 -29.89 27.97
C SER B 37 2.42 -28.44 27.81
N ALA B 38 3.72 -28.19 28.05
CA ALA B 38 4.38 -26.91 27.80
C ALA B 38 4.72 -26.75 26.32
N THR B 39 4.52 -25.56 25.76
CA THR B 39 4.70 -25.37 24.30
C THR B 39 5.98 -25.98 23.80
N TRP B 40 7.05 -25.90 24.58
CA TRP B 40 8.28 -26.58 24.22
C TRP B 40 9.19 -26.77 25.41
N THR B 41 10.11 -27.71 25.27
CA THR B 41 11.12 -27.93 26.28
C THR B 41 12.29 -28.68 25.68
N TYR B 42 13.46 -28.47 26.28
CA TYR B 42 14.68 -29.07 25.79
C TYR B 42 15.35 -29.85 26.90
N SER B 43 15.69 -31.10 26.56
CA SER B 43 16.46 -31.96 27.46
C SER B 43 17.89 -31.83 26.96
N PRO B 44 18.75 -31.14 27.73
CA PRO B 44 20.16 -31.09 27.37
C PRO B 44 20.79 -32.48 27.39
N LEU B 45 20.32 -33.28 28.34
CA LEU B 45 20.84 -34.64 28.54
C LEU B 45 20.78 -35.46 27.25
N LEU B 46 19.61 -35.45 26.64
CA LEU B 46 19.43 -36.05 25.33
C LEU B 46 19.61 -34.89 24.39
N LYS B 47 20.12 -35.17 23.20
CA LYS B 47 20.39 -34.09 22.27
C LYS B 47 19.05 -33.66 21.66
N LYS B 48 18.03 -33.39 22.49
CA LYS B 48 16.65 -33.43 22.00
C LYS B 48 15.68 -32.30 22.39
N LEU B 49 15.09 -31.70 21.35
CA LEU B 49 14.08 -30.66 21.51
C LEU B 49 12.68 -31.24 21.42
N TYR B 50 11.87 -30.98 22.44
CA TYR B 50 10.47 -31.42 22.47
C TYR B 50 9.56 -30.24 22.23
N CYS B 51 8.74 -30.35 21.19
CA CYS B 51 8.03 -29.21 20.69
C CYS B 51 6.57 -29.49 20.40
N GLN B 52 5.71 -28.56 20.78
CA GLN B 52 4.31 -28.59 20.38
C GLN B 52 4.20 -28.14 18.94
N ILE B 53 3.22 -28.70 18.24
CA ILE B 53 3.06 -28.38 16.84
C ILE B 53 2.64 -26.95 16.62
N ALA B 54 3.38 -26.25 15.74
CA ALA B 54 3.08 -24.87 15.30
C ALA B 54 3.25 -23.82 16.38
N LYS B 55 3.91 -24.19 17.47
CA LYS B 55 4.14 -23.23 18.55
C LYS B 55 5.48 -22.55 18.38
N THR B 56 5.56 -21.33 18.91
CA THR B 56 6.80 -20.55 18.83
C THR B 56 7.86 -21.16 19.71
N CYS B 57 8.98 -21.49 19.06
CA CYS B 57 10.11 -22.18 19.65
C CYS B 57 11.42 -21.43 19.35
N PRO B 58 11.97 -20.76 20.38
CA PRO B 58 13.10 -19.85 20.20
C PRO B 58 14.44 -20.56 20.34
N ILE B 59 15.32 -20.35 19.37
CA ILE B 59 16.63 -20.98 19.32
C ILE B 59 17.63 -19.86 19.49
N GLN B 60 18.66 -20.08 20.30
CA GLN B 60 19.70 -19.02 20.45
C GLN B 60 21.07 -19.35 19.86
N ILE B 61 21.50 -18.48 18.95
CA ILE B 61 22.75 -18.63 18.21
C ILE B 61 23.78 -17.63 18.70
N LYS B 62 24.99 -18.13 18.95
CA LYS B 62 26.09 -17.29 19.40
C LYS B 62 27.34 -17.56 18.59
N VAL B 63 27.97 -16.46 18.19
CA VAL B 63 29.26 -16.47 17.51
C VAL B 63 30.17 -15.37 18.12
N SER B 64 31.47 -15.61 18.14
CA SER B 64 32.42 -14.58 18.61
C SER B 64 32.90 -13.58 17.55
N THR B 65 33.19 -14.05 16.35
CA THR B 65 33.61 -13.20 15.24
C THR B 65 32.76 -13.52 14.00
N PRO B 66 31.84 -12.59 13.58
CA PRO B 66 30.78 -12.84 12.59
C PRO B 66 31.02 -12.58 11.09
N PRO B 67 31.94 -11.66 10.73
CA PRO B 67 32.22 -11.10 9.38
C PRO B 67 31.33 -11.52 8.17
N PRO B 68 31.54 -12.69 7.54
CA PRO B 68 30.92 -12.84 6.21
C PRO B 68 29.53 -12.20 5.96
N PRO B 69 29.44 -11.33 4.92
CA PRO B 69 28.31 -10.41 4.77
C PRO B 69 27.04 -11.07 4.26
N GLY B 70 27.19 -11.87 3.22
CA GLY B 70 26.10 -12.61 2.62
C GLY B 70 25.68 -13.81 3.45
N THR B 71 26.33 -14.00 4.59
CA THR B 71 26.08 -15.18 5.43
C THR B 71 24.62 -15.31 5.82
N ALA B 72 24.12 -16.54 5.76
CA ALA B 72 22.75 -16.84 6.13
C ALA B 72 22.70 -18.10 6.97
N ILE B 73 21.55 -18.32 7.58
CA ILE B 73 21.32 -19.50 8.40
C ILE B 73 20.15 -20.30 7.89
N ARG B 74 20.39 -21.58 7.73
CA ARG B 74 19.32 -22.42 7.29
C ARG B 74 19.08 -23.58 8.22
N ALA B 75 17.81 -23.92 8.29
CA ALA B 75 17.34 -25.05 9.06
C ALA B 75 16.70 -26.04 8.12
N MET B 76 17.11 -27.29 8.26
CA MET B 76 16.64 -28.38 7.39
C MET B 76 16.42 -29.63 8.22
N PRO B 77 15.23 -30.26 8.07
CA PRO B 77 14.93 -31.50 8.77
C PRO B 77 15.38 -32.73 7.99
N VAL B 78 15.85 -33.72 8.75
CA VAL B 78 16.20 -35.01 8.17
C VAL B 78 15.94 -36.11 9.16
N TYR B 79 15.54 -37.27 8.64
CA TYR B 79 15.29 -38.45 9.46
C TYR B 79 16.56 -38.99 10.12
N LYS B 80 16.41 -39.39 11.38
CA LYS B 80 17.54 -39.84 12.20
C LYS B 80 18.09 -41.18 11.78
N LYS B 81 17.20 -42.16 11.73
CA LYS B 81 17.55 -43.54 11.42
C LYS B 81 17.89 -43.69 9.92
N ALA B 82 19.04 -44.27 9.62
CA ALA B 82 19.63 -44.25 8.25
C ALA B 82 18.73 -44.82 7.14
N GLU B 83 18.00 -45.88 7.45
CA GLU B 83 17.01 -46.42 6.50
C GLU B 83 16.19 -45.34 5.83
N HIS B 84 15.70 -44.44 6.66
CA HIS B 84 14.77 -43.39 6.25
C HIS B 84 15.48 -42.11 5.83
N VAL B 85 16.79 -42.03 6.06
CA VAL B 85 17.54 -40.78 5.80
C VAL B 85 17.32 -40.27 4.36
N THR B 86 17.25 -41.20 3.43
CA THR B 86 17.00 -40.93 2.01
C THR B 86 15.63 -40.27 1.73
N ASP B 87 14.67 -40.55 2.61
CA ASP B 87 13.31 -40.02 2.49
C ASP B 87 13.26 -38.52 2.85
N VAL B 88 12.59 -37.72 2.02
CA VAL B 88 12.47 -36.27 2.30
C VAL B 88 11.44 -36.04 3.40
N VAL B 89 11.70 -35.00 4.20
CA VAL B 89 10.85 -34.66 5.38
C VAL B 89 9.83 -33.57 5.05
N LYS B 90 8.65 -33.99 4.63
CA LYS B 90 7.59 -33.07 4.26
C LYS B 90 6.50 -33.12 5.32
N ARG B 91 5.51 -32.26 5.16
CA ARG B 91 4.35 -32.31 6.03
C ARG B 91 3.38 -33.38 5.59
N CYS B 92 2.70 -33.97 6.57
CA CYS B 92 1.71 -34.97 6.25
C CYS B 92 0.63 -34.35 5.35
N PRO B 93 0.14 -35.09 4.35
CA PRO B 93 -0.95 -34.61 3.54
C PRO B 93 -2.09 -33.94 4.32
N ASN B 94 -2.50 -34.53 5.43
CA ASN B 94 -3.60 -34.01 6.27
C ASN B 94 -3.39 -32.54 6.62
N HIS B 95 -2.23 -32.27 7.19
CA HIS B 95 -1.89 -30.93 7.65
C HIS B 95 -1.57 -29.98 6.50
N GLU B 96 -0.99 -30.52 5.44
CA GLU B 96 -0.63 -29.72 4.26
C GLU B 96 -1.86 -29.18 3.54
N LEU B 97 -2.80 -30.09 3.27
CA LEU B 97 -4.04 -29.79 2.54
C LEU B 97 -5.07 -29.09 3.40
N GLY B 98 -4.99 -29.30 4.71
CA GLY B 98 -5.89 -28.69 5.67
C GLY B 98 -5.87 -27.19 5.69
N ARG B 99 -6.94 -26.62 6.23
CA ARG B 99 -7.13 -25.16 6.38
C ARG B 99 -6.42 -24.61 7.63
N ASP B 100 -6.28 -25.47 8.63
CA ASP B 100 -6.02 -25.05 10.02
C ASP B 100 -4.77 -24.21 10.29
N PHE B 101 -3.71 -24.31 9.50
CA PHE B 101 -2.55 -23.41 9.74
C PHE B 101 -1.92 -22.77 8.52
N ASN B 102 -2.60 -22.83 7.38
CA ASN B 102 -2.00 -22.41 6.11
C ASN B 102 -2.45 -21.06 5.59
N GLU B 103 -3.71 -20.96 5.26
CA GLU B 103 -4.20 -19.67 4.75
C GLU B 103 -3.90 -18.62 5.82
N GLY B 104 -3.45 -17.46 5.34
CA GLY B 104 -3.07 -16.26 6.10
C GLY B 104 -1.57 -15.97 6.15
N GLN B 105 -0.74 -16.98 5.97
CA GLN B 105 0.71 -16.82 5.94
C GLN B 105 1.19 -16.82 4.48
N SER B 106 2.45 -16.43 4.32
CA SER B 106 3.26 -16.59 3.09
C SER B 106 4.50 -17.47 3.31
N ALA B 107 4.22 -18.71 3.65
CA ALA B 107 5.17 -19.80 3.72
C ALA B 107 4.55 -21.05 3.08
N PRO B 108 5.36 -21.92 2.42
CA PRO B 108 4.74 -23.03 1.69
C PRO B 108 4.05 -24.01 2.62
N ALA B 109 2.90 -24.51 2.19
CA ALA B 109 2.09 -25.40 3.01
C ALA B 109 2.75 -26.76 3.27
N SER B 110 3.69 -27.14 2.41
CA SER B 110 4.32 -28.46 2.46
C SER B 110 5.47 -28.57 3.45
N HIS B 111 6.13 -27.45 3.69
CA HIS B 111 7.31 -27.39 4.58
C HIS B 111 7.03 -27.65 6.06
N LEU B 112 7.86 -28.50 6.67
CA LEU B 112 7.74 -28.78 8.09
C LEU B 112 8.20 -27.60 8.93
N ILE B 113 9.39 -27.08 8.61
CA ILE B 113 9.99 -26.01 9.41
C ILE B 113 9.70 -24.65 8.82
N ARG B 114 9.16 -23.78 9.65
CA ARG B 114 8.88 -22.39 9.31
C ARG B 114 9.61 -21.46 10.26
N VAL B 115 9.81 -20.23 9.82
CA VAL B 115 10.41 -19.20 10.67
C VAL B 115 9.35 -18.15 10.97
N GLU B 116 9.22 -17.80 12.23
CA GLU B 116 8.06 -16.98 12.64
C GLU B 116 8.13 -15.47 12.49
N GLY B 117 9.16 -14.82 13.03
CA GLY B 117 9.18 -13.33 13.09
C GLY B 117 9.98 -12.62 12.02
N ASN B 118 10.07 -13.24 10.85
CA ASN B 118 10.94 -12.76 9.79
C ASN B 118 10.32 -12.81 8.40
N ASN B 119 10.41 -11.69 7.68
CA ASN B 119 10.00 -11.58 6.26
C ASN B 119 11.12 -11.86 5.26
N LEU B 120 12.36 -11.73 5.72
CA LEU B 120 13.53 -12.04 4.89
C LEU B 120 13.73 -13.55 4.72
N SER B 121 13.00 -14.30 5.54
CA SER B 121 13.03 -15.74 5.46
C SER B 121 12.62 -16.20 4.08
N GLN B 122 13.40 -17.14 3.55
CA GLN B 122 13.13 -17.79 2.27
C GLN B 122 13.06 -19.31 2.40
N TYR B 123 12.01 -19.88 1.82
CA TYR B 123 11.72 -21.31 1.95
C TYR B 123 12.19 -22.04 0.70
N VAL B 124 13.21 -22.86 0.87
CA VAL B 124 13.91 -23.45 -0.26
C VAL B 124 13.34 -24.79 -0.66
N ASP B 125 13.17 -24.96 -1.98
CA ASP B 125 12.82 -26.25 -2.58
C ASP B 125 13.97 -26.68 -3.48
N ASP B 126 14.84 -27.55 -2.97
CA ASP B 126 16.02 -28.00 -3.72
C ASP B 126 15.50 -28.63 -5.03
N PRO B 127 15.92 -28.05 -6.18
CA PRO B 127 15.43 -28.46 -7.52
C PRO B 127 15.80 -29.90 -7.91
N VAL B 128 16.91 -30.39 -7.38
CA VAL B 128 17.37 -31.77 -7.68
C VAL B 128 17.08 -32.69 -6.51
N THR B 129 17.45 -32.27 -5.32
CA THR B 129 17.33 -33.13 -4.15
C THR B 129 15.89 -33.23 -3.64
N GLY B 130 15.07 -32.24 -3.99
CA GLY B 130 13.70 -32.14 -3.52
C GLY B 130 13.64 -31.92 -2.02
N ARG B 131 14.77 -31.56 -1.42
CA ARG B 131 14.85 -31.31 0.01
C ARG B 131 14.22 -29.96 0.31
N GLN B 132 13.58 -29.88 1.47
CA GLN B 132 12.98 -28.63 1.94
C GLN B 132 13.75 -28.05 3.10
N SER B 133 13.97 -26.75 3.03
CA SER B 133 14.65 -26.00 4.08
C SER B 133 14.19 -24.55 4.11
N VAL B 134 14.54 -23.87 5.19
CA VAL B 134 14.20 -22.46 5.34
C VAL B 134 15.42 -21.69 5.78
N VAL B 135 15.67 -20.59 5.07
CA VAL B 135 16.85 -19.78 5.32
C VAL B 135 16.46 -18.39 5.72
N VAL B 136 17.21 -17.85 6.67
CA VAL B 136 17.16 -16.45 7.01
C VAL B 136 18.57 -15.91 6.94
N PRO B 137 18.67 -14.64 6.56
CA PRO B 137 19.95 -13.99 6.70
C PRO B 137 20.46 -13.95 8.16
N TYR B 138 21.78 -14.07 8.30
CA TYR B 138 22.40 -13.94 9.59
C TYR B 138 22.22 -12.49 10.00
N GLU B 139 21.66 -12.31 11.19
CA GLU B 139 21.55 -11.00 11.83
C GLU B 139 22.42 -11.10 13.06
N PRO B 140 23.27 -10.10 13.30
CA PRO B 140 24.12 -10.14 14.48
C PRO B 140 23.32 -9.79 15.71
N PRO B 141 23.74 -10.27 16.87
CA PRO B 141 23.00 -9.91 18.06
C PRO B 141 22.92 -8.41 18.23
N GLN B 142 21.83 -7.92 18.80
CA GLN B 142 21.70 -6.50 19.08
C GLN B 142 22.71 -6.15 20.17
N VAL B 143 23.05 -4.88 20.19
CA VAL B 143 24.00 -4.33 21.12
C VAL B 143 23.63 -4.60 22.58
N GLY B 144 24.64 -5.02 23.34
CA GLY B 144 24.43 -5.43 24.73
C GLY B 144 24.00 -6.88 24.83
N THR B 145 23.64 -7.48 23.70
CA THR B 145 23.00 -8.80 23.65
C THR B 145 23.93 -9.93 23.23
N GLU B 146 23.77 -11.07 23.90
CA GLU B 146 24.68 -12.19 23.68
C GLU B 146 24.42 -12.91 22.35
N PHE B 147 23.17 -13.24 22.07
CA PHE B 147 22.84 -14.08 20.91
C PHE B 147 21.78 -13.55 19.96
N THR B 148 21.88 -14.05 18.73
CA THR B 148 20.85 -13.92 17.73
C THR B 148 19.81 -14.98 18.06
N THR B 149 18.55 -14.56 18.20
CA THR B 149 17.46 -15.46 18.56
C THR B 149 16.48 -15.70 17.44
N ILE B 150 16.53 -16.90 16.86
CA ILE B 150 15.69 -17.18 15.72
C ILE B 150 14.44 -17.87 16.24
N LEU B 151 13.30 -17.53 15.66
CA LEU B 151 12.05 -18.17 16.04
C LEU B 151 11.61 -19.19 15.03
N TYR B 152 11.52 -20.43 15.48
CA TYR B 152 11.06 -21.51 14.62
C TYR B 152 9.70 -22.04 15.01
N ASN B 153 8.99 -22.52 14.00
CA ASN B 153 7.86 -23.38 14.27
C ASN B 153 7.82 -24.62 13.41
N PHE B 154 7.36 -25.70 14.03
CA PHE B 154 7.34 -27.02 13.40
C PHE B 154 5.92 -27.46 13.18
N MET B 155 5.63 -27.77 11.93
CA MET B 155 4.24 -27.81 11.47
C MET B 155 3.54 -29.15 11.42
N CYS B 156 4.18 -30.19 11.93
CA CYS B 156 3.53 -31.52 12.02
C CYS B 156 3.99 -32.17 13.29
N ASN B 157 3.15 -33.00 13.89
CA ASN B 157 3.61 -33.87 14.98
C ASN B 157 4.53 -34.97 14.43
N SER B 158 5.51 -35.38 15.23
CA SER B 158 6.41 -36.43 14.78
C SER B 158 5.64 -37.68 14.40
N SER B 159 4.57 -37.91 15.15
CA SER B 159 3.77 -39.14 15.01
C SER B 159 2.88 -39.20 13.78
N CYS B 160 2.65 -38.06 13.15
CA CYS B 160 1.73 -38.00 12.02
C CYS B 160 1.93 -39.05 10.94
N VAL B 161 0.91 -39.84 10.67
CA VAL B 161 0.97 -40.73 9.51
C VAL B 161 0.80 -39.90 8.25
N GLY B 162 1.44 -40.35 7.18
CA GLY B 162 1.42 -39.64 5.90
C GLY B 162 2.55 -38.64 5.85
N GLY B 163 3.15 -38.42 7.02
CA GLY B 163 4.37 -37.68 7.15
C GLY B 163 5.43 -38.56 7.80
N MET B 164 6.08 -38.01 8.81
CA MET B 164 7.05 -38.74 9.64
C MET B 164 6.18 -39.75 10.39
N ASN B 165 6.29 -41.03 10.08
CA ASN B 165 5.36 -42.00 10.65
C ASN B 165 5.83 -42.46 12.03
N ARG B 166 5.83 -41.55 13.00
CA ARG B 166 6.43 -41.76 14.33
C ARG B 166 7.96 -41.78 14.29
N ARG B 167 8.52 -41.70 13.09
CA ARG B 167 9.98 -41.85 12.92
C ARG B 167 10.70 -40.53 13.19
N PRO B 168 11.70 -40.59 14.08
CA PRO B 168 12.37 -39.40 14.51
C PRO B 168 13.19 -38.71 13.46
N ILE B 169 13.50 -37.47 13.76
CA ILE B 169 14.21 -36.58 12.86
C ILE B 169 15.22 -35.72 13.61
N LEU B 170 16.20 -35.23 12.85
CA LEU B 170 17.17 -34.29 13.37
C LEU B 170 16.98 -32.98 12.65
N ILE B 171 17.29 -31.89 13.35
CA ILE B 171 17.25 -30.55 12.76
C ILE B 171 18.65 -30.09 12.59
N ILE B 172 18.98 -29.67 11.38
CA ILE B 172 20.34 -29.23 11.09
C ILE B 172 20.35 -27.76 10.76
N ILE B 173 20.92 -27.00 11.68
CA ILE B 173 21.09 -25.58 11.50
C ILE B 173 22.49 -25.35 10.98
N THR B 174 22.57 -24.73 9.81
CA THR B 174 23.85 -24.47 9.18
C THR B 174 24.09 -23.00 8.98
N LEU B 175 25.27 -22.56 9.40
CA LEU B 175 25.76 -21.20 9.17
C LEU B 175 26.49 -21.22 7.84
N GLU B 176 26.04 -20.40 6.89
CA GLU B 176 26.54 -20.46 5.51
C GLU B 176 26.89 -19.16 4.84
N MET B 177 27.82 -19.23 3.89
CA MET B 177 28.14 -18.12 3.01
C MET B 177 27.08 -18.12 1.95
N ARG B 178 26.77 -16.97 1.36
CA ARG B 178 25.73 -16.89 0.33
C ARG B 178 26.04 -17.85 -0.80
N ASP B 179 27.25 -18.39 -0.90
CA ASP B 179 27.53 -19.45 -1.88
C ASP B 179 26.94 -20.79 -1.44
N GLY B 180 26.64 -20.96 -0.16
CA GLY B 180 26.25 -22.29 0.32
C GLY B 180 27.58 -22.96 0.64
N GLN B 181 28.27 -22.38 1.62
CA GLN B 181 29.52 -22.89 2.11
C GLN B 181 29.40 -22.98 3.62
N VAL B 182 29.51 -24.19 4.16
CA VAL B 182 29.19 -24.42 5.56
C VAL B 182 30.30 -23.85 6.42
N LEU B 183 29.99 -22.73 7.09
CA LEU B 183 30.96 -22.13 8.02
C LEU B 183 30.87 -22.85 9.35
N GLY B 184 29.64 -23.03 9.78
CA GLY B 184 29.30 -23.67 11.05
C GLY B 184 28.14 -24.61 10.88
N ARG B 185 28.12 -25.65 11.69
CA ARG B 185 26.98 -26.57 11.73
C ARG B 185 26.76 -27.17 13.09
N ARG B 186 25.51 -27.17 13.51
CA ARG B 186 25.08 -27.83 14.72
C ARG B 186 23.73 -28.54 14.46
N SER B 187 23.50 -29.61 15.19
CA SER B 187 22.29 -30.39 14.99
C SER B 187 21.81 -31.05 16.26
N PHE B 188 20.50 -31.24 16.33
CA PHE B 188 19.81 -31.84 17.48
C PHE B 188 18.59 -32.61 17.01
N GLU B 189 18.20 -33.62 17.79
CA GLU B 189 17.03 -34.42 17.45
C GLU B 189 15.80 -33.62 17.83
N GLY B 190 14.77 -33.75 17.00
CA GLY B 190 13.50 -33.10 17.28
C GLY B 190 12.40 -34.10 17.52
N ARG B 191 11.49 -33.73 18.41
CA ARG B 191 10.26 -34.49 18.64
C ARG B 191 9.11 -33.54 18.78
N ILE B 192 8.22 -33.53 17.79
CA ILE B 192 7.04 -32.69 17.86
C ILE B 192 5.93 -33.54 18.43
N CYS B 193 5.43 -33.14 19.59
CA CYS B 193 4.36 -33.88 20.26
C CYS B 193 3.38 -32.96 20.95
N ALA B 194 2.30 -33.56 21.45
CA ALA B 194 1.25 -32.82 22.16
C ALA B 194 1.70 -32.44 23.55
N CYS B 195 2.40 -33.35 24.23
CA CYS B 195 2.84 -33.13 25.61
C CYS B 195 4.36 -33.22 25.79
N PRO B 196 5.10 -32.13 25.47
CA PRO B 196 6.56 -32.16 25.51
C PRO B 196 7.13 -32.49 26.86
N GLY B 197 6.56 -31.90 27.92
CA GLY B 197 7.01 -32.18 29.29
C GLY B 197 6.92 -33.65 29.65
N ARG B 198 5.74 -34.23 29.41
CA ARG B 198 5.51 -35.63 29.69
C ARG B 198 6.49 -36.54 28.94
N ASP B 199 6.57 -36.32 27.63
CA ASP B 199 7.36 -37.13 26.71
C ASP B 199 8.83 -37.00 27.06
N ARG B 200 9.24 -35.81 27.48
CA ARG B 200 10.61 -35.58 27.91
C ARG B 200 10.92 -36.32 29.18
N LYS B 201 10.11 -36.10 30.20
CA LYS B 201 10.27 -36.72 31.51
C LYS B 201 10.39 -38.24 31.33
N ALA B 202 9.41 -38.78 30.63
CA ALA B 202 9.34 -40.21 30.32
C ALA B 202 10.57 -40.68 29.56
N ASP B 203 10.96 -39.92 28.55
CA ASP B 203 12.10 -40.25 27.68
C ASP B 203 13.41 -40.28 28.43
N GLU B 204 13.63 -39.27 29.27
CA GLU B 204 14.84 -39.16 30.10
C GLU B 204 14.95 -40.36 31.02
N ASP B 205 13.84 -40.69 31.68
CA ASP B 205 13.79 -41.85 32.57
C ASP B 205 14.21 -43.13 31.83
N HIS B 206 13.58 -43.38 30.66
CA HIS B 206 13.83 -44.57 29.79
C HIS B 206 15.18 -44.49 28.99
N TYR B 207 16.16 -43.92 29.69
CA TYR B 207 17.56 -43.83 29.27
C TYR B 207 18.63 -44.42 30.27
N ARG B 208 18.27 -44.67 31.53
CA ARG B 208 19.23 -45.12 32.57
C ARG B 208 19.83 -46.55 32.44
N GLU B 209 19.11 -47.46 31.76
CA GLU B 209 19.56 -48.83 31.60
C GLU B 209 19.36 -49.31 30.18
N HIS C 10 15.50 -1.43 12.04
CA HIS C 10 14.99 -2.70 11.43
C HIS C 10 15.00 -3.87 12.38
N GLU C 11 14.82 -3.60 13.67
CA GLU C 11 14.99 -4.61 14.69
C GLU C 11 13.64 -5.04 15.22
N PHE C 12 13.09 -6.03 14.53
CA PHE C 12 11.92 -6.81 14.95
C PHE C 12 12.41 -7.52 16.21
N ILE C 13 11.50 -7.77 17.15
CA ILE C 13 11.89 -8.47 18.38
C ILE C 13 12.98 -7.67 19.15
N PRO C 14 12.59 -6.56 19.74
CA PRO C 14 13.58 -5.74 20.38
C PRO C 14 14.31 -6.45 21.53
N SER C 15 15.62 -6.25 21.59
CA SER C 15 16.40 -6.75 22.72
C SER C 15 15.89 -6.16 24.01
N ASN C 16 15.92 -6.97 25.06
CA ASN C 16 15.47 -6.56 26.40
C ASN C 16 16.50 -6.75 27.50
N THR C 17 17.70 -7.20 27.14
CA THR C 17 18.75 -7.36 28.14
C THR C 17 19.34 -6.04 28.59
N ASP C 18 19.43 -5.85 29.91
CA ASP C 18 20.09 -4.68 30.49
C ASP C 18 21.51 -4.59 29.96
N TYR C 19 21.94 -3.37 29.66
CA TYR C 19 23.27 -3.08 29.11
C TYR C 19 23.70 -1.68 29.55
N PRO C 20 24.49 -1.59 30.63
CA PRO C 20 24.74 -0.25 31.18
C PRO C 20 25.51 0.64 30.20
N GLY C 21 26.37 0.03 29.40
CA GLY C 21 27.11 0.78 28.39
C GLY C 21 28.15 1.73 28.96
N PRO C 22 28.73 2.61 28.11
CA PRO C 22 29.76 3.52 28.55
C PRO C 22 29.35 4.29 29.80
N HIS C 23 28.41 5.20 29.64
CA HIS C 23 27.87 5.96 30.77
C HIS C 23 27.06 4.88 31.45
N HIS C 24 27.24 4.68 32.75
CA HIS C 24 26.57 3.57 33.45
C HIS C 24 25.05 3.74 33.60
N PHE C 25 24.32 3.36 32.57
CA PHE C 25 22.91 3.71 32.47
C PHE C 25 22.06 2.98 33.49
N GLU C 26 21.32 3.74 34.28
CA GLU C 26 20.58 3.16 35.41
C GLU C 26 19.16 3.65 35.52
N VAL C 27 18.26 2.68 35.65
CA VAL C 27 16.83 2.91 35.83
C VAL C 27 16.37 2.45 37.22
N THR C 28 15.64 3.32 37.90
CA THR C 28 15.27 3.08 39.31
C THR C 28 13.93 3.67 39.64
N PHE C 29 13.32 3.23 40.74
CA PHE C 29 12.01 3.72 41.16
C PHE C 29 12.07 4.22 42.60
N GLN C 30 11.69 5.49 42.77
CA GLN C 30 11.83 6.20 44.04
C GLN C 30 10.57 6.02 44.88
N GLN C 31 9.49 6.71 44.53
CA GLN C 31 8.33 6.69 45.40
C GLN C 31 7.79 5.27 45.58
N SER C 32 7.27 5.00 46.77
CA SER C 32 6.58 3.75 47.03
C SER C 32 5.40 4.04 47.97
N SER C 33 4.18 3.85 47.47
CA SER C 33 3.03 4.16 48.29
C SER C 33 2.27 2.87 48.67
N THR C 34 2.75 2.22 49.71
CA THR C 34 2.12 0.96 50.15
C THR C 34 0.59 1.05 50.17
N ALA C 35 -0.08 0.34 49.28
CA ALA C 35 -1.52 0.27 49.25
C ALA C 35 -1.89 -0.76 48.20
N LYS C 36 -3.06 -1.33 48.36
CA LYS C 36 -3.59 -2.30 47.39
C LYS C 36 -3.94 -1.66 46.03
N SER C 37 -4.66 -0.54 46.10
CA SER C 37 -5.13 0.18 44.91
C SER C 37 -4.34 1.49 44.71
N ALA C 38 -3.04 1.44 45.02
CA ALA C 38 -2.16 2.60 44.88
C ALA C 38 -1.88 2.87 43.41
N THR C 39 -1.82 4.15 43.01
CA THR C 39 -1.58 4.49 41.60
C THR C 39 -0.45 3.67 41.00
N TRP C 40 0.60 3.40 41.79
CA TRP C 40 1.68 2.51 41.34
C TRP C 40 2.64 2.07 42.43
N THR C 41 3.36 0.98 42.16
CA THR C 41 4.49 0.56 42.99
C THR C 41 5.34 -0.48 42.27
N TYR C 42 6.57 -0.65 42.76
CA TYR C 42 7.53 -1.51 42.10
C TYR C 42 8.04 -2.59 43.02
N SER C 43 8.14 -3.81 42.49
CA SER C 43 8.70 -4.96 43.21
C SER C 43 10.11 -5.16 42.73
N PRO C 44 11.09 -4.78 43.56
CA PRO C 44 12.49 -4.95 43.20
C PRO C 44 12.84 -6.41 43.07
N LEU C 45 12.25 -7.21 43.96
CA LEU C 45 12.50 -8.65 43.98
C LEU C 45 12.10 -9.27 42.64
N LEU C 46 10.95 -8.88 42.11
CA LEU C 46 10.45 -9.42 40.84
C LEU C 46 10.77 -8.60 39.59
N LYS C 47 11.47 -7.49 39.79
CA LYS C 47 11.82 -6.59 38.68
C LYS C 47 10.60 -6.20 37.85
N LYS C 48 9.53 -5.89 38.56
CA LYS C 48 8.24 -5.67 37.93
C LYS C 48 7.55 -4.41 38.43
N LEU C 49 7.09 -3.58 37.50
CA LEU C 49 6.33 -2.37 37.82
C LEU C 49 4.84 -2.65 37.76
N TYR C 50 4.14 -2.27 38.81
CA TYR C 50 2.69 -2.39 38.87
C TYR C 50 2.08 -1.01 38.86
N CYS C 51 1.17 -0.77 37.92
CA CYS C 51 0.67 0.57 37.66
C CYS C 51 -0.79 0.64 37.26
N GLN C 52 -1.50 1.66 37.73
CA GLN C 52 -2.89 1.90 37.32
C GLN C 52 -2.95 2.49 35.91
N ILE C 53 -4.03 2.20 35.20
CA ILE C 53 -4.22 2.73 33.85
C ILE C 53 -4.32 4.25 33.81
N ALA C 54 -3.55 4.83 32.90
CA ALA C 54 -3.58 6.26 32.60
C ALA C 54 -3.20 7.10 33.80
N LYS C 55 -2.49 6.51 34.76
CA LYS C 55 -2.00 7.28 35.88
C LYS C 55 -0.53 7.62 35.75
N THR C 56 -0.20 8.76 36.32
CA THR C 56 1.16 9.26 36.29
C THR C 56 2.10 8.41 37.14
N CYS C 57 3.17 7.94 36.51
CA CYS C 57 4.21 7.30 37.28
C CYS C 57 5.63 7.64 36.85
N PRO C 58 6.39 8.12 37.84
CA PRO C 58 7.73 8.63 37.67
C PRO C 58 8.76 7.53 37.76
N ILE C 59 9.66 7.52 36.78
CA ILE C 59 10.81 6.63 36.79
C ILE C 59 12.08 7.45 36.81
N GLN C 60 13.07 6.92 37.52
CA GLN C 60 14.30 7.65 37.80
C GLN C 60 15.43 7.17 36.93
N ILE C 61 16.02 8.10 36.18
CA ILE C 61 17.17 7.79 35.33
C ILE C 61 18.43 8.48 35.81
N LYS C 62 19.52 7.72 35.86
CA LYS C 62 20.82 8.22 36.28
C LYS C 62 21.95 7.83 35.37
N VAL C 63 22.91 8.76 35.23
CA VAL C 63 24.21 8.48 34.65
C VAL C 63 25.35 9.08 35.50
N SER C 64 26.53 8.44 35.44
CA SER C 64 27.76 9.00 36.02
C SER C 64 28.29 10.15 35.18
N THR C 65 28.46 9.89 33.89
CA THR C 65 29.08 10.84 32.98
C THR C 65 28.06 11.29 31.93
N PRO C 66 27.98 12.60 31.64
CA PRO C 66 27.01 13.11 30.67
C PRO C 66 27.12 12.43 29.29
N PRO C 67 25.97 12.01 28.72
CA PRO C 67 25.98 11.39 27.40
C PRO C 67 26.20 12.41 26.31
N PRO C 68 26.66 11.95 25.13
CA PRO C 68 26.96 12.87 24.05
C PRO C 68 25.73 13.72 23.73
N PRO C 69 25.95 14.88 23.12
CA PRO C 69 24.83 15.75 22.78
C PRO C 69 23.84 15.12 21.79
N GLY C 70 22.58 15.52 21.91
CA GLY C 70 21.48 14.98 21.11
C GLY C 70 21.01 13.59 21.52
N THR C 71 21.61 13.03 22.56
CA THR C 71 21.17 11.70 23.04
C THR C 71 19.69 11.73 23.42
N ALA C 72 19.00 10.62 23.29
CA ALA C 72 17.58 10.54 23.66
C ALA C 72 17.26 9.33 24.55
N ILE C 73 16.07 9.35 25.15
CA ILE C 73 15.58 8.23 25.94
C ILE C 73 14.29 7.69 25.33
N ARG C 74 14.32 6.41 25.00
CA ARG C 74 13.12 5.77 24.42
C ARG C 74 12.53 4.72 25.34
N ALA C 75 11.20 4.69 25.35
CA ALA C 75 10.44 3.67 26.06
C ALA C 75 9.61 2.91 25.07
N MET C 76 9.71 1.59 25.15
CA MET C 76 8.99 0.73 24.22
C MET C 76 8.56 -0.54 24.92
N PRO C 77 7.28 -0.92 24.76
CA PRO C 77 6.78 -2.18 25.27
C PRO C 77 6.95 -3.37 24.31
N VAL C 78 7.31 -4.52 24.89
CA VAL C 78 7.33 -5.80 24.18
C VAL C 78 6.72 -6.84 25.08
N TYR C 79 6.08 -7.82 24.47
CA TYR C 79 5.55 -8.97 25.21
C TYR C 79 6.68 -9.85 25.75
N LYS C 80 6.50 -10.33 26.98
CA LYS C 80 7.47 -11.17 27.68
C LYS C 80 7.64 -12.53 26.99
N LYS C 81 6.53 -13.20 26.72
CA LYS C 81 6.49 -14.58 26.12
C LYS C 81 6.78 -14.66 24.63
N ALA C 82 7.49 -15.72 24.22
CA ALA C 82 7.99 -15.87 22.85
C ALA C 82 6.90 -15.95 21.79
N GLU C 83 5.85 -16.70 22.08
CA GLU C 83 4.71 -16.83 21.14
C GLU C 83 4.22 -15.46 20.72
N HIS C 84 4.15 -14.57 21.71
CA HIS C 84 3.60 -13.23 21.54
C HIS C 84 4.62 -12.16 21.17
N VAL C 85 5.90 -12.46 21.33
CA VAL C 85 6.96 -11.47 21.18
C VAL C 85 6.83 -10.73 19.84
N THR C 86 6.51 -11.48 18.79
CA THR C 86 6.37 -10.94 17.42
C THR C 86 5.21 -9.96 17.30
N ASP C 87 4.24 -10.07 18.19
CA ASP C 87 3.06 -9.19 18.22
C ASP C 87 3.38 -7.82 18.77
N VAL C 88 2.97 -6.79 18.05
CA VAL C 88 3.25 -5.42 18.47
C VAL C 88 2.32 -5.04 19.59
N VAL C 89 2.82 -4.27 20.54
CA VAL C 89 2.03 -3.91 21.70
C VAL C 89 1.32 -2.58 21.45
N LYS C 90 0.06 -2.69 21.09
CA LYS C 90 -0.78 -1.54 20.84
C LYS C 90 -1.85 -1.46 21.91
N ARG C 91 -2.55 -0.35 21.89
CA ARG C 91 -3.66 -0.11 22.76
C ARG C 91 -4.82 -0.93 22.27
N CYS C 92 -5.67 -1.36 23.18
CA CYS C 92 -6.86 -2.11 22.82
C CYS C 92 -7.83 -1.20 22.05
N PRO C 93 -8.64 -1.78 21.16
CA PRO C 93 -9.61 -1.06 20.39
C PRO C 93 -10.51 -0.15 21.23
N ASN C 94 -11.03 -0.73 22.30
CA ASN C 94 -11.98 -0.03 23.18
C ASN C 94 -11.47 1.29 23.70
N HIS C 95 -10.27 1.25 24.26
CA HIS C 95 -9.61 2.45 24.82
C HIS C 95 -9.11 3.40 23.74
N GLU C 96 -8.69 2.83 22.61
CA GLU C 96 -8.19 3.63 21.48
C GLU C 96 -9.27 4.56 20.92
N LEU C 97 -10.46 4.00 20.74
CA LEU C 97 -11.54 4.73 20.11
C LEU C 97 -12.37 5.59 21.06
N GLY C 98 -12.30 5.32 22.36
CA GLY C 98 -12.93 6.19 23.36
C GLY C 98 -12.47 7.63 23.19
N ARG C 99 -13.30 8.61 23.56
CA ARG C 99 -12.83 10.01 23.56
C ARG C 99 -11.95 10.28 24.78
N ASP C 100 -12.17 9.49 25.84
CA ASP C 100 -11.39 9.57 27.07
C ASP C 100 -9.92 9.40 26.70
N PHE C 101 -9.19 10.42 27.10
CA PHE C 101 -7.74 10.52 26.98
C PHE C 101 -7.19 10.85 25.59
N ASN C 102 -8.06 10.76 24.58
CA ASN C 102 -7.69 11.00 23.19
C ASN C 102 -8.29 12.33 22.68
N GLU C 103 -8.96 13.02 23.59
CA GLU C 103 -9.65 14.27 23.32
C GLU C 103 -8.59 15.37 23.28
N GLY C 104 -8.15 15.70 22.08
CA GLY C 104 -7.21 16.82 21.90
C GLY C 104 -5.79 16.58 22.45
N GLN C 105 -5.34 15.33 22.40
CA GLN C 105 -3.95 14.99 22.72
C GLN C 105 -3.10 15.13 21.45
N SER C 106 -1.79 15.19 21.66
CA SER C 106 -0.78 15.12 20.61
C SER C 106 -0.33 13.68 20.36
N ALA C 107 -0.62 12.80 21.31
CA ALA C 107 -0.19 11.40 21.21
C ALA C 107 -1.21 10.63 20.40
N PRO C 108 -0.73 9.70 19.57
CA PRO C 108 -1.65 8.83 18.88
C PRO C 108 -2.42 7.93 19.82
N ALA C 109 -3.63 7.61 19.41
CA ALA C 109 -4.55 6.85 20.25
C ALA C 109 -4.12 5.40 20.43
N SER C 110 -3.33 4.90 19.49
CA SER C 110 -2.96 3.49 19.48
C SER C 110 -1.82 3.21 20.45
N HIS C 111 -0.99 4.22 20.72
CA HIS C 111 0.19 4.03 21.58
C HIS C 111 -0.14 3.72 23.02
N LEU C 112 0.50 2.67 23.53
CA LEU C 112 0.33 2.28 24.91
C LEU C 112 1.02 3.24 25.85
N ILE C 113 2.30 3.50 25.56
CA ILE C 113 3.09 4.34 26.46
C ILE C 113 3.11 5.78 26.01
N ARG C 114 2.76 6.67 26.94
CA ARG C 114 2.83 8.12 26.74
C ARG C 114 3.77 8.77 27.74
N VAL C 115 4.26 9.95 27.42
CA VAL C 115 5.09 10.72 28.35
C VAL C 115 4.31 11.91 28.84
N GLU C 116 4.29 12.13 30.16
CA GLU C 116 3.56 13.22 30.76
C GLU C 116 4.49 14.39 30.99
N GLY C 117 4.06 15.58 30.59
CA GLY C 117 4.79 16.80 30.96
C GLY C 117 6.00 17.16 30.13
N ASN C 118 6.15 16.55 28.96
CA ASN C 118 7.22 16.92 28.02
C ASN C 118 6.62 17.10 26.63
N ASN C 119 6.73 18.29 26.09
CA ASN C 119 6.16 18.58 24.74
C ASN C 119 7.14 18.24 23.63
N LEU C 120 8.40 18.03 23.98
CA LEU C 120 9.41 17.57 23.01
C LEU C 120 9.28 16.08 22.72
N SER C 121 8.50 15.42 23.56
CA SER C 121 8.29 13.98 23.41
C SER C 121 7.71 13.69 22.04
N GLN C 122 8.35 12.72 21.37
CA GLN C 122 7.91 12.30 20.04
C GLN C 122 7.58 10.82 19.97
N TYR C 123 6.49 10.52 19.27
CA TYR C 123 5.93 9.17 19.21
C TYR C 123 6.32 8.49 17.94
N VAL C 124 7.10 7.42 18.06
CA VAL C 124 7.65 6.71 16.91
C VAL C 124 6.80 5.52 16.49
N ASP C 125 6.48 5.47 15.20
CA ASP C 125 5.88 4.29 14.58
C ASP C 125 6.86 3.84 13.51
N ASP C 126 7.68 2.85 13.85
CA ASP C 126 8.66 2.36 12.90
C ASP C 126 7.94 1.92 11.64
N PRO C 127 8.26 2.53 10.49
CA PRO C 127 7.51 2.31 9.23
C PRO C 127 7.62 0.89 8.70
N VAL C 128 8.69 0.20 9.08
CA VAL C 128 8.91 -1.19 8.68
C VAL C 128 8.54 -2.22 9.76
N THR C 129 9.12 -2.06 10.94
CA THR C 129 8.89 -2.97 12.05
C THR C 129 7.54 -2.78 12.71
N GLY C 130 6.89 -1.65 12.39
CA GLY C 130 5.54 -1.36 12.86
C GLY C 130 5.50 -1.20 14.37
N ARG C 131 6.68 -1.19 14.99
CA ARG C 131 6.76 -1.12 16.43
C ARG C 131 6.43 0.29 16.86
N GLN C 132 5.79 0.39 18.02
CA GLN C 132 5.47 1.71 18.61
C GLN C 132 6.31 2.00 19.82
N SER C 133 6.78 3.24 19.89
CA SER C 133 7.58 3.74 21.03
C SER C 133 7.44 5.24 21.24
N VAL C 134 7.99 5.73 22.35
CA VAL C 134 8.01 7.19 22.64
C VAL C 134 9.39 7.61 23.10
N VAL C 135 9.86 8.72 22.54
CA VAL C 135 11.22 9.22 22.87
C VAL C 135 11.17 10.66 23.36
N VAL C 136 12.10 10.97 24.26
CA VAL C 136 12.36 12.34 24.72
C VAL C 136 13.86 12.59 24.72
N PRO C 137 14.28 13.85 24.46
CA PRO C 137 15.69 14.15 24.56
C PRO C 137 16.17 14.03 26.00
N TYR C 138 17.41 13.59 26.12
CA TYR C 138 18.04 13.41 27.42
C TYR C 138 18.27 14.77 28.06
N GLU C 139 17.88 14.90 29.33
CA GLU C 139 18.14 16.10 30.13
C GLU C 139 18.95 15.77 31.40
N PRO C 140 20.07 16.48 31.65
CA PRO C 140 20.89 16.16 32.83
C PRO C 140 20.17 16.59 34.10
N PRO C 141 20.01 15.68 35.05
CA PRO C 141 19.13 15.98 36.19
C PRO C 141 18.69 17.45 36.39
N GLN C 142 18.95 18.01 37.56
CA GLN C 142 18.72 19.41 37.85
C GLN C 142 19.67 19.60 39.00
N VAL C 143 20.25 20.77 39.06
CA VAL C 143 21.52 20.96 39.80
C VAL C 143 21.65 20.24 41.15
N GLY C 144 20.62 20.32 42.00
CA GLY C 144 20.62 19.70 43.31
C GLY C 144 20.48 18.19 43.24
N THR C 145 20.10 17.68 42.08
CA THR C 145 19.55 16.31 41.98
C THR C 145 20.54 15.27 41.45
N GLU C 146 20.25 14.02 41.82
CA GLU C 146 20.96 12.82 41.36
C GLU C 146 20.27 12.11 40.16
N PHE C 147 19.03 12.49 39.85
CA PHE C 147 18.21 11.77 38.85
C PHE C 147 17.46 12.63 37.81
N THR C 148 17.42 12.14 36.57
CA THR C 148 16.55 12.66 35.54
C THR C 148 15.26 11.91 35.62
N THR C 149 14.19 12.61 35.92
CA THR C 149 12.92 11.96 36.18
C THR C 149 11.99 12.09 35.00
N ILE C 150 11.76 10.97 34.33
CA ILE C 150 10.77 10.93 33.28
C ILE C 150 9.49 10.43 33.89
N LEU C 151 8.37 11.04 33.50
CA LEU C 151 7.08 10.55 33.99
C LEU C 151 6.20 9.99 32.85
N TYR C 152 5.86 8.73 33.04
CA TYR C 152 5.17 7.94 32.02
C TYR C 152 3.70 7.70 32.33
N ASN C 153 2.94 7.52 31.26
CA ASN C 153 1.57 7.07 31.33
C ASN C 153 1.36 5.81 30.54
N PHE C 154 0.59 4.88 31.09
CA PHE C 154 0.28 3.64 30.40
C PHE C 154 -1.21 3.54 30.16
N MET C 155 -1.57 3.40 28.90
CA MET C 155 -2.92 3.71 28.49
C MET C 155 -3.88 2.54 28.35
N CYS C 156 -3.47 1.34 28.75
CA CYS C 156 -4.34 0.16 28.77
C CYS C 156 -3.98 -0.76 29.90
N ASN C 157 -4.98 -1.45 30.46
CA ASN C 157 -4.72 -2.50 31.45
C ASN C 157 -4.14 -3.73 30.80
N SER C 158 -3.29 -4.44 31.52
CA SER C 158 -2.73 -5.66 30.97
C SER C 158 -3.83 -6.64 30.56
N SER C 159 -4.92 -6.64 31.32
CA SER C 159 -6.07 -7.52 31.06
C SER C 159 -6.91 -7.17 29.84
N CYS C 160 -6.78 -5.94 29.37
CA CYS C 160 -7.62 -5.41 28.28
C CYS C 160 -7.76 -6.36 27.12
N VAL C 161 -9.00 -6.77 26.86
CA VAL C 161 -9.31 -7.67 25.76
C VAL C 161 -9.12 -6.95 24.45
N GLY C 162 -8.62 -7.66 23.44
CA GLY C 162 -8.44 -7.08 22.10
C GLY C 162 -7.15 -6.32 22.01
N GLY C 163 -6.62 -5.94 23.17
CA GLY C 163 -5.32 -5.29 23.27
C GLY C 163 -4.35 -6.28 23.86
N MET C 164 -3.61 -5.87 24.88
CA MET C 164 -2.67 -6.78 25.58
C MET C 164 -3.27 -8.14 26.00
N ASN C 165 -4.57 -8.16 26.27
CA ASN C 165 -5.31 -9.39 26.56
C ASN C 165 -4.61 -10.34 27.52
N ARG C 166 -4.40 -9.87 28.74
CA ARG C 166 -3.93 -10.69 29.85
C ARG C 166 -2.45 -11.05 29.73
N ARG C 167 -1.80 -10.61 28.66
CA ARG C 167 -0.43 -11.00 28.36
C ARG C 167 0.64 -10.05 28.92
N PRO C 168 1.63 -10.60 29.64
CA PRO C 168 2.62 -9.73 30.26
C PRO C 168 3.48 -9.05 29.24
N ILE C 169 3.94 -7.86 29.61
CA ILE C 169 4.83 -7.06 28.80
C ILE C 169 6.05 -6.69 29.59
N LEU C 170 7.04 -6.29 28.83
CA LEU C 170 8.31 -5.85 29.35
C LEU C 170 8.43 -4.43 28.87
N ILE C 171 8.83 -3.50 29.74
CA ILE C 171 9.03 -2.11 29.29
C ILE C 171 10.52 -1.91 29.11
N ILE C 172 10.92 -1.42 27.94
CA ILE C 172 12.33 -1.25 27.65
C ILE C 172 12.70 0.20 27.47
N ILE C 173 13.52 0.68 28.40
CA ILE C 173 14.06 2.03 28.35
C ILE C 173 15.43 2.00 27.69
N THR C 174 15.59 2.79 26.63
CA THR C 174 16.84 2.82 25.87
C THR C 174 17.42 4.21 25.85
N LEU C 175 18.69 4.31 26.25
CA LEU C 175 19.49 5.50 26.07
C LEU C 175 20.10 5.38 24.68
N GLU C 176 19.82 6.34 23.81
CA GLU C 176 20.23 6.30 22.39
C GLU C 176 20.86 7.55 21.83
N MET C 177 21.67 7.35 20.79
CA MET C 177 22.24 8.44 20.01
C MET C 177 21.20 9.04 19.07
N ARG C 178 21.53 10.19 18.49
CA ARG C 178 20.66 10.89 17.55
C ARG C 178 20.20 9.99 16.41
N ASP C 179 21.13 9.20 15.91
CA ASP C 179 20.81 8.29 14.82
C ASP C 179 20.01 7.09 15.29
N GLY C 180 20.17 6.73 16.57
CA GLY C 180 19.43 5.62 17.18
C GLY C 180 20.33 4.56 17.83
N GLN C 181 21.64 4.74 17.68
CA GLN C 181 22.60 3.78 18.26
C GLN C 181 22.42 3.61 19.76
N VAL C 182 22.46 2.37 20.23
CA VAL C 182 22.28 2.08 21.66
C VAL C 182 23.50 2.50 22.45
N LEU C 183 23.25 3.24 23.53
CA LEU C 183 24.28 3.54 24.55
C LEU C 183 24.03 2.86 25.89
N GLY C 184 22.77 2.57 26.13
CA GLY C 184 22.37 1.99 27.38
C GLY C 184 20.98 1.41 27.27
N ARG C 185 20.75 0.35 28.02
CA ARG C 185 19.46 -0.31 27.98
C ARG C 185 19.11 -0.86 29.35
N ARG C 186 17.83 -0.74 29.67
CA ARG C 186 17.25 -1.33 30.87
C ARG C 186 15.85 -1.82 30.57
N SER C 187 15.50 -3.02 31.08
CA SER C 187 14.17 -3.55 30.92
C SER C 187 13.65 -4.06 32.25
N PHE C 188 12.32 -4.09 32.31
CA PHE C 188 11.62 -4.59 33.47
C PHE C 188 10.20 -4.97 33.06
N GLU C 189 9.61 -5.92 33.80
CA GLU C 189 8.26 -6.37 33.51
C GLU C 189 7.26 -5.30 33.93
N GLY C 190 6.21 -5.15 33.13
CA GLY C 190 5.16 -4.21 33.44
C GLY C 190 3.83 -4.91 33.59
N ARG C 191 3.04 -4.45 34.54
CA ARG C 191 1.65 -4.88 34.67
C ARG C 191 0.75 -3.71 34.99
N ILE C 192 -0.15 -3.41 34.07
CA ILE C 192 -1.11 -2.35 34.27
C ILE C 192 -2.35 -2.94 34.89
N CYS C 193 -2.68 -2.42 36.07
CA CYS C 193 -3.65 -3.02 36.95
C CYS C 193 -4.77 -2.12 37.35
N ALA C 194 -5.81 -2.75 37.89
CA ALA C 194 -6.78 -2.05 38.71
C ALA C 194 -6.19 -1.78 40.10
N CYS C 195 -5.58 -2.79 40.70
CA CYS C 195 -5.00 -2.63 42.04
C CYS C 195 -3.58 -3.20 42.04
N PRO C 196 -2.58 -2.33 41.91
CA PRO C 196 -1.18 -2.74 41.97
C PRO C 196 -0.73 -3.44 43.25
N GLY C 197 -1.00 -2.86 44.41
CA GLY C 197 -0.60 -3.47 45.68
C GLY C 197 -1.00 -4.93 45.85
N ARG C 198 -2.28 -5.19 45.71
CA ARG C 198 -2.83 -6.56 45.80
C ARG C 198 -2.12 -7.54 44.87
N ASP C 199 -2.05 -7.14 43.60
CA ASP C 199 -1.51 -8.01 42.54
C ASP C 199 -0.03 -8.22 42.75
N ARG C 200 0.64 -7.19 43.27
CA ARG C 200 2.05 -7.31 43.63
C ARG C 200 2.24 -8.32 44.74
N LYS C 201 1.53 -8.09 45.84
CA LYS C 201 1.63 -8.94 47.02
C LYS C 201 1.34 -10.36 46.65
N ALA C 202 0.27 -10.58 45.89
CA ALA C 202 -0.12 -11.91 45.45
C ALA C 202 1.03 -12.61 44.70
N ASP C 203 1.66 -11.88 43.79
CA ASP C 203 2.78 -12.41 43.00
C ASP C 203 4.04 -12.60 43.86
N GLU C 204 4.27 -11.67 44.80
CA GLU C 204 5.43 -11.74 45.71
C GLU C 204 5.29 -12.94 46.65
N ASP C 205 4.08 -13.17 47.15
CA ASP C 205 3.76 -14.35 48.00
C ASP C 205 3.99 -15.65 47.23
N HIS C 206 3.49 -15.69 46.00
CA HIS C 206 3.71 -16.81 45.04
C HIS C 206 5.20 -17.13 44.82
N TYR C 207 6.03 -16.14 45.07
CA TYR C 207 7.48 -16.26 45.00
C TYR C 207 8.05 -16.73 46.35
N ARG C 208 7.44 -16.24 47.43
CA ARG C 208 7.74 -16.70 48.82
C ARG C 208 7.36 -18.16 49.06
N GLU C 209 6.23 -18.52 48.46
CA GLU C 209 5.75 -19.88 48.47
C GLU C 209 6.38 -20.66 47.33
N GLN C 210 7.71 -20.72 47.37
CA GLN C 210 8.49 -21.53 46.44
C GLN C 210 9.50 -22.35 47.26
N PHE D 12 -42.22 0.89 14.94
CA PHE D 12 -42.36 0.81 16.42
C PHE D 12 -41.05 0.39 17.07
N ILE D 13 -40.74 0.94 18.24
CA ILE D 13 -39.46 0.67 18.92
C ILE D 13 -39.49 0.51 20.46
N PRO D 14 -39.44 -0.75 20.96
CA PRO D 14 -39.54 -2.06 20.33
C PRO D 14 -40.44 -3.01 21.12
N SER D 15 -41.50 -3.46 20.48
CA SER D 15 -42.51 -4.24 21.17
C SER D 15 -41.90 -5.51 21.75
N ASN D 16 -42.54 -6.03 22.79
CA ASN D 16 -42.06 -7.24 23.55
C ASN D 16 -43.13 -8.33 23.79
N THR D 17 -44.29 -7.90 24.23
CA THR D 17 -45.26 -8.83 24.83
C THR D 17 -45.60 -9.99 23.87
N ASP D 18 -45.52 -11.20 24.40
CA ASP D 18 -45.75 -12.42 23.61
C ASP D 18 -47.14 -12.47 23.02
N TYR D 19 -47.22 -12.98 21.80
CA TYR D 19 -48.47 -13.05 21.02
C TYR D 19 -48.42 -14.25 20.06
N PRO D 20 -49.10 -15.37 20.41
CA PRO D 20 -49.07 -16.55 19.51
C PRO D 20 -49.73 -16.38 18.12
N GLY D 21 -50.99 -15.96 18.10
CA GLY D 21 -51.68 -15.61 16.87
C GLY D 21 -52.34 -16.70 16.03
N PRO D 22 -52.68 -16.34 14.78
CA PRO D 22 -53.36 -17.20 13.80
C PRO D 22 -52.76 -18.58 13.62
N HIS D 23 -51.44 -18.58 13.53
CA HIS D 23 -50.67 -19.77 13.61
C HIS D 23 -50.05 -19.53 14.97
N HIS D 24 -50.22 -20.49 15.88
CA HIS D 24 -49.73 -20.34 17.23
C HIS D 24 -48.25 -20.49 17.25
N PHE D 25 -47.59 -19.37 17.43
CA PHE D 25 -46.14 -19.26 17.37
C PHE D 25 -45.53 -19.63 18.72
N GLU D 26 -44.75 -20.72 18.70
CA GLU D 26 -44.10 -21.27 19.90
C GLU D 26 -42.59 -21.35 19.67
N VAL D 27 -41.86 -20.79 20.61
CA VAL D 27 -40.40 -20.89 20.62
C VAL D 27 -40.02 -21.86 21.70
N THR D 28 -39.27 -22.89 21.33
CA THR D 28 -38.87 -23.94 22.26
C THR D 28 -37.39 -24.24 22.21
N PHE D 29 -36.85 -24.80 23.29
CA PHE D 29 -35.45 -25.21 23.34
C PHE D 29 -35.36 -26.68 23.66
N GLN D 30 -34.59 -27.39 22.85
CA GLN D 30 -34.38 -28.80 23.10
C GLN D 30 -33.64 -29.00 24.43
N GLN D 31 -33.53 -30.27 24.85
CA GLN D 31 -32.68 -30.60 26.00
C GLN D 31 -31.20 -30.35 25.68
N SER D 32 -30.51 -29.77 26.65
CA SER D 32 -29.14 -29.35 26.52
C SER D 32 -28.29 -29.99 27.62
N SER D 33 -27.01 -29.76 27.42
CA SER D 33 -25.99 -30.16 28.38
C SER D 33 -26.22 -29.46 29.74
N THR D 34 -25.80 -30.10 30.83
CA THR D 34 -25.81 -29.50 32.17
C THR D 34 -24.42 -28.93 32.50
N ALA D 35 -23.46 -29.18 31.59
CA ALA D 35 -22.03 -28.88 31.81
C ALA D 35 -21.77 -27.41 32.14
N LYS D 36 -20.72 -27.16 32.89
CA LYS D 36 -20.42 -25.81 33.31
C LYS D 36 -20.07 -24.91 32.13
N SER D 37 -19.31 -25.44 31.18
CA SER D 37 -18.94 -24.74 29.96
C SER D 37 -19.58 -25.34 28.73
N ALA D 38 -20.85 -25.73 28.85
CA ALA D 38 -21.57 -26.29 27.70
C ALA D 38 -21.83 -25.17 26.75
N THR D 39 -21.72 -25.43 25.46
CA THR D 39 -21.85 -24.34 24.49
C THR D 39 -23.12 -23.52 24.76
N TRP D 40 -24.18 -24.18 25.24
CA TRP D 40 -25.38 -23.46 25.67
C TRP D 40 -26.31 -24.32 26.51
N THR D 41 -27.23 -23.66 27.21
CA THR D 41 -28.33 -24.31 27.96
C THR D 41 -29.47 -23.35 28.19
N TYR D 42 -30.64 -23.92 28.43
CA TYR D 42 -31.84 -23.15 28.67
C TYR D 42 -32.44 -23.47 30.04
N SER D 43 -32.79 -22.41 30.77
CA SER D 43 -33.47 -22.53 32.05
C SER D 43 -34.93 -22.25 31.81
N PRO D 44 -35.75 -23.30 31.88
CA PRO D 44 -37.20 -23.12 31.75
C PRO D 44 -37.77 -22.27 32.88
N LEU D 45 -37.24 -22.48 34.08
CA LEU D 45 -37.69 -21.75 35.27
C LEU D 45 -37.59 -20.25 35.08
N LEU D 46 -36.42 -19.82 34.63
CA LEU D 46 -36.13 -18.42 34.48
C LEU D 46 -36.39 -17.87 33.08
N LYS D 47 -36.83 -18.74 32.18
CA LYS D 47 -37.08 -18.37 30.77
C LYS D 47 -35.91 -17.61 30.16
N LYS D 48 -34.72 -18.16 30.38
CA LYS D 48 -33.46 -17.50 30.00
C LYS D 48 -32.54 -18.43 29.27
N LEU D 49 -32.03 -17.96 28.14
CA LEU D 49 -31.06 -18.71 27.36
C LEU D 49 -29.65 -18.31 27.77
N TYR D 50 -28.85 -19.33 28.10
CA TYR D 50 -27.45 -19.14 28.45
C TYR D 50 -26.60 -19.74 27.38
N CYS D 51 -25.85 -18.91 26.67
CA CYS D 51 -25.03 -19.45 25.57
C CYS D 51 -23.69 -18.75 25.42
N GLN D 52 -22.73 -19.53 24.96
CA GLN D 52 -21.36 -19.02 24.80
C GLN D 52 -21.21 -18.14 23.59
N ILE D 53 -20.29 -17.19 23.70
CA ILE D 53 -20.03 -16.26 22.60
C ILE D 53 -19.60 -17.02 21.35
N ALA D 54 -20.30 -16.73 20.26
CA ALA D 54 -20.00 -17.23 18.92
C ALA D 54 -20.28 -18.69 18.69
N LYS D 55 -20.92 -19.35 19.65
CA LYS D 55 -21.17 -20.79 19.47
C LYS D 55 -22.55 -20.98 18.87
N THR D 56 -22.68 -22.00 18.02
CA THR D 56 -23.95 -22.28 17.36
C THR D 56 -24.97 -22.73 18.41
N CYS D 57 -26.07 -21.98 18.42
CA CYS D 57 -27.10 -22.08 19.41
C CYS D 57 -28.46 -22.31 18.70
N PRO D 58 -28.99 -23.54 18.73
CA PRO D 58 -30.21 -23.88 17.99
C PRO D 58 -31.47 -23.55 18.74
N ILE D 59 -32.40 -22.97 18.02
CA ILE D 59 -33.72 -22.64 18.57
C ILE D 59 -34.80 -23.30 17.73
N GLN D 60 -35.86 -23.74 18.40
CA GLN D 60 -36.96 -24.46 17.76
C GLN D 60 -38.22 -23.63 17.59
N ILE D 61 -38.68 -23.52 16.34
CA ILE D 61 -39.85 -22.73 16.00
C ILE D 61 -40.97 -23.66 15.59
N LYS D 62 -42.16 -23.36 16.12
CA LYS D 62 -43.35 -24.15 15.84
C LYS D 62 -44.57 -23.27 15.61
N VAL D 63 -45.42 -23.68 14.66
CA VAL D 63 -46.64 -22.96 14.29
C VAL D 63 -47.81 -23.91 14.08
N SER D 64 -49.00 -23.49 14.46
CA SER D 64 -50.19 -24.33 14.33
C SER D 64 -50.58 -24.57 12.87
N THR D 65 -50.35 -23.58 12.01
CA THR D 65 -50.84 -23.63 10.63
C THR D 65 -49.85 -23.07 9.62
N PRO D 66 -49.69 -23.78 8.48
CA PRO D 66 -48.72 -23.35 7.52
C PRO D 66 -49.00 -21.92 7.16
N PRO D 67 -48.04 -21.04 7.45
CA PRO D 67 -48.20 -19.61 7.24
C PRO D 67 -48.05 -19.17 5.79
N PRO D 68 -48.46 -17.92 5.51
CA PRO D 68 -48.32 -17.28 4.21
C PRO D 68 -46.95 -17.51 3.52
N PRO D 69 -46.93 -17.37 2.18
CA PRO D 69 -45.70 -17.68 1.44
C PRO D 69 -44.55 -16.72 1.76
N GLY D 70 -44.82 -15.41 1.65
CA GLY D 70 -43.81 -14.35 1.88
C GLY D 70 -43.57 -13.87 3.30
N THR D 71 -43.46 -14.85 4.18
CA THR D 71 -43.34 -14.70 5.61
C THR D 71 -41.96 -15.10 6.13
N ALA D 72 -41.52 -14.41 7.17
CA ALA D 72 -40.13 -14.52 7.67
C ALA D 72 -40.05 -14.55 9.19
N ILE D 73 -38.86 -14.90 9.68
CA ILE D 73 -38.58 -14.92 11.13
C ILE D 73 -37.44 -13.95 11.44
N ARG D 74 -37.72 -13.00 12.32
CA ARG D 74 -36.70 -12.05 12.72
C ARG D 74 -36.37 -12.09 14.21
N ALA D 75 -35.07 -11.97 14.48
CA ALA D 75 -34.56 -11.97 15.84
C ALA D 75 -33.93 -10.63 16.11
N MET D 76 -34.29 -10.03 17.25
CA MET D 76 -33.78 -8.72 17.63
C MET D 76 -33.53 -8.64 19.14
N PRO D 77 -32.34 -8.17 19.52
CA PRO D 77 -32.00 -8.00 20.91
C PRO D 77 -32.39 -6.64 21.46
N VAL D 78 -32.81 -6.64 22.71
CA VAL D 78 -33.11 -5.40 23.37
C VAL D 78 -32.92 -5.55 24.87
N TYR D 79 -32.47 -4.47 25.50
CA TYR D 79 -32.21 -4.48 26.94
C TYR D 79 -33.49 -4.63 27.72
N LYS D 80 -33.40 -5.40 28.80
CA LYS D 80 -34.57 -5.67 29.66
C LYS D 80 -34.94 -4.47 30.52
N LYS D 81 -33.95 -3.96 31.24
CA LYS D 81 -34.16 -2.94 32.29
C LYS D 81 -34.78 -1.69 31.67
N ALA D 82 -35.68 -1.09 32.45
CA ALA D 82 -36.45 0.11 32.04
C ALA D 82 -35.55 1.24 31.57
N GLU D 83 -34.44 1.45 32.26
CA GLU D 83 -33.46 2.48 31.89
C GLU D 83 -32.97 2.41 30.44
N HIS D 84 -32.62 1.19 30.04
CA HIS D 84 -31.73 0.98 28.91
C HIS D 84 -32.43 0.62 27.60
N VAL D 85 -33.74 0.38 27.64
CA VAL D 85 -34.45 -0.06 26.44
C VAL D 85 -34.12 0.81 25.23
N THR D 86 -34.00 2.11 25.47
CA THR D 86 -33.70 3.12 24.45
C THR D 86 -32.48 2.78 23.61
N ASP D 87 -31.50 2.21 24.29
CA ASP D 87 -30.18 1.98 23.70
C ASP D 87 -30.18 0.78 22.77
N VAL D 88 -29.67 0.97 21.56
CA VAL D 88 -29.60 -0.13 20.59
C VAL D 88 -28.46 -1.04 21.02
N VAL D 89 -28.72 -2.35 21.06
CA VAL D 89 -27.69 -3.30 21.53
C VAL D 89 -26.88 -3.83 20.32
N LYS D 90 -25.63 -3.45 20.27
CA LYS D 90 -24.70 -3.98 19.27
C LYS D 90 -23.48 -4.57 19.96
N ARG D 91 -22.58 -5.01 19.11
CA ARG D 91 -21.37 -5.60 19.56
C ARG D 91 -20.45 -4.54 20.08
N CYS D 92 -19.67 -4.91 21.08
CA CYS D 92 -18.71 -4.00 21.67
C CYS D 92 -17.58 -3.68 20.66
N PRO D 93 -16.90 -2.55 20.83
CA PRO D 93 -15.81 -2.17 19.94
C PRO D 93 -14.72 -3.23 19.76
N ASN D 94 -14.31 -3.84 20.86
CA ASN D 94 -13.26 -4.87 20.86
C ASN D 94 -13.53 -6.01 19.91
N HIS D 95 -14.71 -6.58 20.04
CA HIS D 95 -15.12 -7.73 19.26
C HIS D 95 -15.48 -7.33 17.83
N GLU D 96 -16.01 -6.12 17.66
CA GLU D 96 -16.39 -5.60 16.33
C GLU D 96 -15.18 -5.43 15.43
N LEU D 97 -14.12 -4.84 15.99
CA LEU D 97 -12.87 -4.58 15.27
C LEU D 97 -11.87 -5.74 15.27
N GLY D 98 -11.81 -6.49 16.37
CA GLY D 98 -10.97 -7.68 16.47
C GLY D 98 -11.25 -8.65 15.33
N ARG D 99 -10.23 -9.38 14.88
CA ARG D 99 -10.34 -10.18 13.65
C ARG D 99 -11.16 -11.49 13.85
N ASP D 100 -11.43 -11.85 15.11
CA ASP D 100 -11.83 -13.24 15.51
C ASP D 100 -13.00 -13.90 14.76
N PHE D 101 -14.00 -13.13 14.38
CA PHE D 101 -15.11 -13.73 13.61
C PHE D 101 -15.59 -12.86 12.45
N ASN D 102 -14.98 -11.70 12.31
CA ASN D 102 -15.45 -10.73 11.34
C ASN D 102 -14.76 -10.97 10.03
N GLU D 103 -13.77 -11.86 10.04
CA GLU D 103 -13.00 -12.22 8.83
C GLU D 103 -13.84 -12.90 7.74
N GLY D 104 -14.85 -13.63 8.17
CA GLY D 104 -15.83 -14.25 7.28
C GLY D 104 -16.75 -13.23 6.66
N GLN D 105 -17.04 -13.35 5.37
CA GLN D 105 -17.78 -12.30 4.62
C GLN D 105 -19.22 -11.97 5.11
N SER D 106 -19.94 -12.90 5.70
CA SER D 106 -21.43 -12.86 5.57
C SER D 106 -22.29 -11.73 6.24
N ALA D 107 -21.93 -11.35 7.46
CA ALA D 107 -22.72 -10.45 8.32
C ALA D 107 -21.93 -9.23 8.76
N PRO D 108 -22.65 -8.14 9.02
CA PRO D 108 -21.97 -6.98 9.56
C PRO D 108 -21.33 -7.25 10.92
N ALA D 109 -20.18 -6.66 11.12
CA ALA D 109 -19.37 -6.90 12.31
C ALA D 109 -20.02 -6.28 13.56
N SER D 110 -20.97 -5.37 13.34
CA SER D 110 -21.65 -4.66 14.44
C SER D 110 -22.73 -5.50 15.12
N HIS D 111 -23.38 -6.36 14.33
CA HIS D 111 -24.54 -7.13 14.81
C HIS D 111 -24.21 -8.17 15.86
N LEU D 112 -24.97 -8.13 16.95
CA LEU D 112 -24.79 -9.09 18.05
C LEU D 112 -25.30 -10.43 17.62
N ILE D 113 -26.52 -10.45 17.08
CA ILE D 113 -27.14 -11.70 16.67
C ILE D 113 -26.87 -11.99 15.21
N ARG D 114 -26.36 -13.18 14.99
CA ARG D 114 -26.03 -13.68 13.70
C ARG D 114 -26.78 -15.02 13.45
N VAL D 115 -27.05 -15.36 12.18
CA VAL D 115 -27.70 -16.63 11.84
C VAL D 115 -26.78 -17.46 10.99
N GLU D 116 -26.51 -18.68 11.42
CA GLU D 116 -25.58 -19.51 10.67
C GLU D 116 -26.35 -20.60 9.91
N GLY D 117 -25.83 -20.92 8.74
CA GLY D 117 -26.31 -22.05 7.94
C GLY D 117 -27.35 -21.68 6.89
N ASN D 118 -27.91 -20.49 7.07
CA ASN D 118 -28.83 -19.94 6.11
C ASN D 118 -28.13 -18.84 5.34
N ASN D 119 -28.19 -18.90 4.01
CA ASN D 119 -27.62 -17.86 3.15
C ASN D 119 -28.59 -16.69 2.94
N LEU D 120 -29.87 -16.98 3.04
CA LEU D 120 -30.92 -15.99 2.84
C LEU D 120 -31.20 -15.19 4.09
N SER D 121 -30.14 -15.03 4.89
CA SER D 121 -30.15 -14.21 6.09
C SER D 121 -30.01 -12.74 5.76
N GLN D 122 -31.06 -11.99 6.04
CA GLN D 122 -31.08 -10.56 5.74
C GLN D 122 -30.76 -9.89 7.05
N TYR D 123 -29.68 -9.09 7.07
CA TYR D 123 -29.32 -8.31 8.24
C TYR D 123 -29.88 -6.91 8.11
N VAL D 124 -30.82 -6.58 8.99
CA VAL D 124 -31.58 -5.35 8.91
C VAL D 124 -31.01 -4.26 9.82
N ASP D 125 -30.81 -3.08 9.24
CA ASP D 125 -30.52 -1.85 9.97
C ASP D 125 -31.61 -0.83 9.66
N ASP D 126 -32.56 -0.65 10.58
CA ASP D 126 -33.59 0.39 10.43
C ASP D 126 -32.90 1.72 10.22
N PRO D 127 -33.29 2.45 9.15
CA PRO D 127 -32.53 3.65 8.78
C PRO D 127 -32.69 4.83 9.74
N VAL D 128 -33.79 4.87 10.47
CA VAL D 128 -34.07 5.99 11.37
C VAL D 128 -33.97 5.66 12.85
N THR D 129 -34.70 4.64 13.29
CA THR D 129 -34.51 4.03 14.61
C THR D 129 -33.52 2.91 14.42
N GLY D 130 -32.25 3.26 14.54
CA GLY D 130 -31.14 2.38 14.22
C GLY D 130 -31.05 0.99 14.81
N ARG D 131 -32.20 0.31 14.91
CA ARG D 131 -32.27 -1.02 15.50
C ARG D 131 -31.67 -1.98 14.51
N GLN D 132 -30.96 -2.97 15.03
CA GLN D 132 -30.44 -4.04 14.19
C GLN D 132 -30.94 -5.43 14.55
N SER D 133 -31.23 -6.17 13.49
CA SER D 133 -31.89 -7.44 13.59
C SER D 133 -31.53 -8.31 12.39
N VAL D 134 -31.87 -9.59 12.50
CA VAL D 134 -31.55 -10.54 11.44
C VAL D 134 -32.78 -11.35 11.13
N VAL D 135 -33.08 -11.46 9.83
CA VAL D 135 -34.27 -12.15 9.38
C VAL D 135 -33.91 -13.25 8.39
N VAL D 136 -34.71 -14.29 8.43
CA VAL D 136 -34.61 -15.35 7.45
C VAL D 136 -36.02 -15.69 7.00
N PRO D 137 -36.16 -16.15 5.72
CA PRO D 137 -37.45 -16.57 5.29
C PRO D 137 -37.85 -17.79 6.07
N TYR D 138 -39.11 -17.83 6.45
CA TYR D 138 -39.64 -18.96 7.17
C TYR D 138 -39.71 -20.15 6.23
N GLU D 139 -39.24 -21.29 6.72
CA GLU D 139 -39.44 -22.55 6.03
C GLU D 139 -40.27 -23.50 6.88
N PRO D 140 -41.14 -24.27 6.21
CA PRO D 140 -41.88 -25.29 6.91
C PRO D 140 -40.95 -26.36 7.45
N PRO D 141 -41.35 -27.02 8.53
CA PRO D 141 -40.52 -28.14 8.96
C PRO D 141 -40.33 -29.14 7.83
N GLN D 142 -39.21 -29.83 7.82
CA GLN D 142 -38.97 -30.89 6.84
C GLN D 142 -39.93 -32.05 7.16
N VAL D 143 -40.20 -32.85 6.15
CA VAL D 143 -41.25 -33.88 6.24
C VAL D 143 -41.07 -34.82 7.45
N GLY D 144 -42.15 -35.02 8.20
CA GLY D 144 -42.11 -35.84 9.41
C GLY D 144 -41.66 -35.08 10.65
N THR D 145 -41.33 -33.80 10.50
CA THR D 145 -40.74 -32.99 11.59
C THR D 145 -41.70 -31.98 12.26
N GLU D 146 -41.63 -31.85 13.58
CA GLU D 146 -42.47 -30.92 14.34
C GLU D 146 -41.93 -29.49 14.33
N PHE D 147 -40.61 -29.37 14.44
CA PHE D 147 -39.96 -28.06 14.63
C PHE D 147 -39.20 -27.57 13.40
N THR D 148 -39.26 -26.26 13.16
CA THR D 148 -38.31 -25.60 12.24
C THR D 148 -37.17 -25.07 13.10
N THR D 149 -35.94 -25.56 12.84
CA THR D 149 -34.77 -25.14 13.64
C THR D 149 -33.98 -24.00 12.98
N ILE D 150 -33.72 -22.94 13.73
CA ILE D 150 -32.86 -21.85 13.28
C ILE D 150 -31.60 -21.86 14.15
N LEU D 151 -30.47 -21.66 13.50
CA LEU D 151 -29.18 -21.61 14.19
C LEU D 151 -28.73 -20.18 14.39
N TYR D 152 -28.64 -19.79 15.65
CA TYR D 152 -28.21 -18.46 16.02
C TYR D 152 -26.83 -18.40 16.64
N ASN D 153 -26.13 -17.31 16.36
CA ASN D 153 -24.84 -17.02 16.93
C ASN D 153 -24.92 -15.70 17.64
N PHE D 154 -24.40 -15.66 18.85
CA PHE D 154 -24.39 -14.43 19.63
C PHE D 154 -22.94 -13.99 19.80
N MET D 155 -22.64 -12.79 19.33
CA MET D 155 -21.26 -12.40 19.05
C MET D 155 -20.54 -11.55 20.09
N CYS D 156 -21.15 -11.33 21.25
CA CYS D 156 -20.47 -10.63 22.36
C CYS D 156 -20.95 -11.20 23.67
N ASN D 157 -20.10 -11.23 24.67
CA ASN D 157 -20.52 -11.61 26.02
C ASN D 157 -21.40 -10.54 26.62
N SER D 158 -22.35 -10.95 27.44
CA SER D 158 -23.22 -9.99 28.08
C SER D 158 -22.41 -9.02 28.93
N SER D 159 -21.32 -9.52 29.51
CA SER D 159 -20.44 -8.74 30.38
C SER D 159 -19.59 -7.70 29.66
N CYS D 160 -19.43 -7.85 28.36
CA CYS D 160 -18.58 -6.94 27.56
C CYS D 160 -18.73 -5.49 27.88
N VAL D 161 -17.63 -4.87 28.29
CA VAL D 161 -17.61 -3.42 28.54
C VAL D 161 -17.66 -2.65 27.24
N GLY D 162 -18.37 -1.53 27.23
CA GLY D 162 -18.45 -0.71 26.01
C GLY D 162 -19.39 -1.35 25.02
N GLY D 163 -19.90 -2.54 25.37
CA GLY D 163 -21.01 -3.15 24.67
C GLY D 163 -22.17 -3.27 25.65
N MET D 164 -22.80 -4.44 25.70
CA MET D 164 -23.91 -4.66 26.65
C MET D 164 -23.54 -4.36 28.10
N ASN D 165 -22.27 -4.46 28.43
CA ASN D 165 -21.76 -4.08 29.75
C ASN D 165 -22.58 -4.61 30.91
N ARG D 166 -22.66 -5.93 30.99
CA ARG D 166 -23.29 -6.66 32.09
C ARG D 166 -24.81 -6.42 32.18
N ARG D 167 -25.39 -5.70 31.23
CA ARG D 167 -26.82 -5.39 31.21
C ARG D 167 -27.65 -6.48 30.53
N PRO D 168 -28.62 -7.08 31.25
CA PRO D 168 -29.43 -8.12 30.66
C PRO D 168 -30.22 -7.66 29.45
N ILE D 169 -30.42 -8.58 28.54
CA ILE D 169 -31.14 -8.32 27.31
C ILE D 169 -32.14 -9.44 27.02
N LEU D 170 -33.18 -9.09 26.29
CA LEU D 170 -34.18 -10.06 25.88
C LEU D 170 -33.94 -10.28 24.42
N ILE D 171 -34.16 -11.49 23.98
CA ILE D 171 -34.12 -11.78 22.55
C ILE D 171 -35.55 -11.88 22.09
N ILE D 172 -35.89 -11.14 21.04
CA ILE D 172 -37.25 -11.17 20.51
C ILE D 172 -37.31 -11.78 19.14
N ILE D 173 -37.91 -12.97 19.09
CA ILE D 173 -38.18 -13.69 17.87
C ILE D 173 -39.59 -13.31 17.39
N THR D 174 -39.66 -12.75 16.18
CA THR D 174 -40.94 -12.38 15.59
C THR D 174 -41.17 -13.07 14.24
N LEU D 175 -42.36 -13.65 14.15
CA LEU D 175 -42.87 -14.20 12.90
C LEU D 175 -43.56 -13.04 12.23
N GLU D 176 -43.16 -12.73 10.99
CA GLU D 176 -43.77 -11.57 10.29
C GLU D 176 -43.85 -11.66 8.76
N MET D 177 -44.79 -10.89 8.23
CA MET D 177 -45.09 -10.84 6.80
C MET D 177 -44.05 -10.00 6.03
N ARG D 178 -43.85 -10.27 4.72
CA ARG D 178 -43.05 -9.38 3.85
C ARG D 178 -43.51 -7.95 4.00
N ASP D 179 -44.83 -7.78 4.13
CA ASP D 179 -45.49 -6.52 4.46
C ASP D 179 -44.76 -5.88 5.63
N GLY D 180 -44.64 -6.65 6.70
CA GLY D 180 -44.07 -6.20 7.98
C GLY D 180 -45.01 -6.50 9.16
N GLN D 181 -46.23 -6.94 8.83
CA GLN D 181 -47.21 -7.31 9.85
C GLN D 181 -46.71 -8.44 10.74
N VAL D 182 -46.87 -8.23 12.06
CA VAL D 182 -46.26 -9.06 13.09
C VAL D 182 -47.28 -10.06 13.61
N LEU D 183 -47.41 -11.16 12.89
CA LEU D 183 -48.43 -12.17 13.22
C LEU D 183 -48.05 -13.12 14.38
N GLY D 184 -46.78 -13.12 14.77
CA GLY D 184 -46.33 -13.92 15.90
C GLY D 184 -45.15 -13.29 16.60
N ARG D 185 -45.20 -13.30 17.93
CA ARG D 185 -44.12 -12.78 18.77
C ARG D 185 -43.87 -13.66 19.98
N ARG D 186 -42.60 -13.95 20.21
CA ARG D 186 -42.14 -14.65 21.38
C ARG D 186 -40.77 -14.08 21.77
N SER D 187 -40.48 -14.15 23.06
CA SER D 187 -39.23 -13.59 23.57
C SER D 187 -38.75 -14.31 24.82
N PHE D 188 -37.44 -14.22 25.07
CA PHE D 188 -36.82 -14.82 26.24
C PHE D 188 -35.58 -14.03 26.63
N GLU D 189 -35.22 -14.09 27.92
CA GLU D 189 -34.03 -13.37 28.39
C GLU D 189 -32.81 -14.08 27.82
N GLY D 190 -31.79 -13.30 27.51
CA GLY D 190 -30.53 -13.84 26.99
C GLY D 190 -29.32 -13.48 27.81
N ARG D 191 -28.41 -14.44 27.93
CA ARG D 191 -27.13 -14.19 28.57
C ARG D 191 -26.00 -14.91 27.86
N ILE D 192 -25.07 -14.11 27.37
CA ILE D 192 -23.91 -14.64 26.67
C ILE D 192 -22.76 -14.67 27.67
N CYS D 193 -22.29 -15.87 27.96
CA CYS D 193 -21.22 -15.99 28.96
C CYS D 193 -20.22 -17.07 28.65
N ALA D 194 -19.16 -17.10 29.44
CA ALA D 194 -18.10 -18.09 29.29
C ALA D 194 -18.55 -19.47 29.74
N CYS D 195 -19.27 -19.51 30.86
CA CYS D 195 -19.76 -20.76 31.44
C CYS D 195 -21.27 -20.77 31.66
N PRO D 196 -22.02 -21.17 30.62
CA PRO D 196 -23.48 -21.17 30.67
C PRO D 196 -24.08 -22.05 31.76
N GLY D 197 -23.53 -23.26 31.91
CA GLY D 197 -23.98 -24.15 32.97
C GLY D 197 -23.87 -23.54 34.35
N ARG D 198 -22.69 -23.01 34.64
CA ARG D 198 -22.41 -22.40 35.94
C ARG D 198 -23.36 -21.26 36.26
N ASP D 199 -23.48 -20.37 35.29
CA ASP D 199 -24.28 -19.15 35.43
C ASP D 199 -25.75 -19.47 35.57
N ARG D 200 -26.22 -20.50 34.87
CA ARG D 200 -27.60 -20.95 35.03
C ARG D 200 -27.83 -21.49 36.44
N LYS D 201 -27.00 -22.44 36.82
CA LYS D 201 -27.06 -23.05 38.13
C LYS D 201 -27.08 -21.98 39.20
N ALA D 202 -26.13 -21.06 39.11
CA ALA D 202 -26.00 -19.93 40.04
C ALA D 202 -27.27 -19.10 40.12
N ASP D 203 -27.84 -18.79 38.97
CA ASP D 203 -29.08 -18.00 38.91
C ASP D 203 -30.25 -18.73 39.51
N GLU D 204 -30.38 -19.99 39.13
CA GLU D 204 -31.51 -20.82 39.57
C GLU D 204 -31.48 -20.98 41.09
N ASP D 205 -30.28 -21.21 41.64
CA ASP D 205 -30.07 -21.26 43.09
C ASP D 205 -30.58 -19.99 43.77
N HIS D 206 -30.16 -18.85 43.22
CA HIS D 206 -30.51 -17.50 43.75
C HIS D 206 -31.94 -17.03 43.47
N TYR D 207 -32.66 -17.72 42.60
CA TYR D 207 -34.09 -17.43 42.41
C TYR D 207 -34.79 -18.04 43.60
N ARG D 208 -34.28 -19.18 44.04
CA ARG D 208 -34.64 -19.81 45.31
C ARG D 208 -34.09 -18.97 46.48
N GLU D 209 -33.04 -18.19 46.21
CA GLU D 209 -32.43 -17.25 47.17
C GLU D 209 -31.73 -17.99 48.31
N ILE E 13 -7.53 -0.28 -9.72
CA ILE E 13 -6.94 -0.35 -8.34
C ILE E 13 -6.56 -1.80 -7.94
N PRO E 14 -5.73 -2.48 -8.74
CA PRO E 14 -5.64 -3.92 -8.48
C PRO E 14 -5.04 -4.26 -7.13
N SER E 15 -5.65 -5.24 -6.47
CA SER E 15 -5.12 -5.77 -5.22
C SER E 15 -3.79 -6.49 -5.48
N ASN E 16 -2.85 -6.31 -4.56
CA ASN E 16 -1.54 -6.97 -4.64
C ASN E 16 -1.20 -7.82 -3.43
N THR E 17 -2.07 -7.82 -2.44
CA THR E 17 -1.90 -8.67 -1.28
C THR E 17 -1.86 -10.13 -1.72
N ASP E 18 -0.88 -10.85 -1.21
CA ASP E 18 -0.84 -12.30 -1.40
C ASP E 18 -2.10 -12.91 -0.82
N TYR E 19 -2.63 -13.93 -1.53
CA TYR E 19 -3.83 -14.67 -1.12
C TYR E 19 -3.71 -16.16 -1.50
N PRO E 20 -3.14 -16.98 -0.62
CA PRO E 20 -3.05 -18.44 -0.83
C PRO E 20 -4.28 -19.14 -1.45
N GLY E 21 -5.42 -18.94 -0.81
CA GLY E 21 -6.66 -19.58 -1.25
C GLY E 21 -6.85 -21.03 -0.86
N PRO E 22 -7.97 -21.63 -1.30
CA PRO E 22 -8.34 -23.00 -1.00
C PRO E 22 -7.27 -23.99 -1.40
N HIS E 23 -6.50 -23.65 -2.44
CA HIS E 23 -5.47 -24.52 -3.00
C HIS E 23 -4.02 -24.07 -2.75
N HIS E 24 -3.84 -23.27 -1.71
CA HIS E 24 -2.53 -22.79 -1.29
C HIS E 24 -1.63 -22.44 -2.49
N PHE E 25 -2.14 -21.56 -3.33
CA PHE E 25 -1.46 -21.16 -4.53
C PHE E 25 -0.14 -20.50 -4.19
N GLU E 26 0.94 -21.11 -4.65
CA GLU E 26 2.32 -20.67 -4.35
C GLU E 26 3.08 -20.41 -5.64
N VAL E 27 3.66 -19.22 -5.75
CA VAL E 27 4.55 -18.88 -6.84
C VAL E 27 5.98 -18.87 -6.33
N THR E 28 6.86 -19.64 -6.98
CA THR E 28 8.27 -19.75 -6.55
C THR E 28 9.19 -19.69 -7.75
N PHE E 29 10.49 -19.50 -7.52
CA PHE E 29 11.51 -19.45 -8.59
C PHE E 29 12.59 -20.51 -8.41
N GLN E 30 12.90 -21.24 -9.47
CA GLN E 30 14.01 -22.21 -9.46
C GLN E 30 15.33 -21.51 -9.23
N GLN E 31 16.27 -22.10 -8.49
CA GLN E 31 17.49 -21.35 -8.15
C GLN E 31 18.06 -20.74 -9.43
N SER E 32 18.61 -19.52 -9.30
CA SER E 32 19.12 -18.74 -10.41
C SER E 32 20.61 -18.47 -10.28
N SER E 33 21.31 -18.50 -11.41
CA SER E 33 22.71 -18.09 -11.49
C SER E 33 22.85 -16.67 -10.99
N THR E 34 23.99 -16.33 -10.36
CA THR E 34 24.24 -15.00 -9.87
C THR E 34 25.19 -14.29 -10.85
N ALA E 35 25.04 -14.56 -12.15
CA ALA E 35 25.92 -14.00 -13.18
C ALA E 35 25.54 -12.55 -13.37
N LYS E 36 26.54 -11.73 -13.69
CA LYS E 36 26.33 -10.28 -13.85
C LYS E 36 25.22 -9.98 -14.85
N SER E 37 25.32 -10.64 -15.99
CA SER E 37 24.33 -10.52 -17.04
C SER E 37 23.81 -11.93 -17.25
N ALA E 38 23.21 -12.50 -16.19
CA ALA E 38 22.43 -13.73 -16.24
C ALA E 38 21.07 -13.42 -16.81
N THR E 39 20.56 -14.29 -17.66
CA THR E 39 19.24 -14.08 -18.27
C THR E 39 18.24 -13.49 -17.26
N TRP E 40 18.30 -14.02 -16.05
CA TRP E 40 17.46 -13.51 -14.97
C TRP E 40 17.94 -13.99 -13.62
N THR E 41 17.43 -13.37 -12.57
CA THR E 41 17.69 -13.81 -11.21
C THR E 41 16.65 -13.27 -10.24
N TYR E 42 16.41 -14.02 -9.17
CA TYR E 42 15.43 -13.65 -8.17
C TYR E 42 16.13 -13.48 -6.82
N SER E 43 15.85 -12.35 -6.17
CA SER E 43 16.41 -12.05 -4.86
C SER E 43 15.34 -12.37 -3.85
N PRO E 44 15.53 -13.46 -3.09
CA PRO E 44 14.60 -13.79 -2.02
C PRO E 44 14.60 -12.75 -0.94
N LEU E 45 15.78 -12.23 -0.67
CA LEU E 45 15.96 -11.20 0.32
C LEU E 45 15.11 -9.97 0.03
N LEU E 46 15.17 -9.51 -1.21
CA LEU E 46 14.41 -8.32 -1.67
C LEU E 46 13.04 -8.65 -2.27
N LYS E 47 12.69 -9.94 -2.36
CA LYS E 47 11.43 -10.38 -2.98
C LYS E 47 11.19 -9.70 -4.33
N LYS E 48 12.27 -9.64 -5.11
CA LYS E 48 12.31 -8.89 -6.37
C LYS E 48 12.88 -9.74 -7.49
N LEU E 49 12.17 -9.78 -8.62
CA LEU E 49 12.64 -10.50 -9.81
C LEU E 49 13.39 -9.55 -10.73
N TYR E 50 14.62 -9.93 -11.08
CA TYR E 50 15.49 -9.15 -11.98
C TYR E 50 15.61 -9.87 -13.31
N CYS E 51 15.21 -9.23 -14.39
CA CYS E 51 15.04 -9.94 -15.64
C CYS E 51 15.42 -9.17 -16.86
N GLN E 52 16.09 -9.83 -17.80
CA GLN E 52 16.52 -9.18 -19.04
C GLN E 52 15.35 -9.01 -19.98
N ILE E 53 15.38 -7.94 -20.75
CA ILE E 53 14.29 -7.63 -21.68
C ILE E 53 14.13 -8.74 -22.71
N ALA E 54 12.89 -9.23 -22.83
CA ALA E 54 12.48 -10.22 -23.84
C ALA E 54 13.12 -11.61 -23.71
N LYS E 55 13.74 -11.89 -22.57
CA LYS E 55 14.38 -13.19 -22.36
C LYS E 55 13.45 -14.10 -21.59
N THR E 56 13.70 -15.41 -21.75
CA THR E 56 12.87 -16.44 -21.13
C THR E 56 13.04 -16.41 -19.64
N CYS E 57 11.91 -16.18 -18.96
CA CYS E 57 11.86 -16.15 -17.52
C CYS E 57 10.84 -17.17 -17.02
N PRO E 58 11.30 -18.31 -16.48
CA PRO E 58 10.38 -19.31 -15.95
C PRO E 58 9.95 -19.00 -14.55
N ILE E 59 8.67 -19.21 -14.28
CA ILE E 59 8.24 -19.18 -12.90
C ILE E 59 7.39 -20.41 -12.56
N GLN E 60 7.56 -20.88 -11.33
CA GLN E 60 6.84 -22.08 -10.87
C GLN E 60 5.55 -21.72 -10.21
N ILE E 61 4.56 -22.55 -10.50
CA ILE E 61 3.27 -22.48 -9.84
C ILE E 61 2.97 -23.77 -9.13
N LYS E 62 2.48 -23.65 -7.90
CA LYS E 62 2.21 -24.80 -7.05
C LYS E 62 0.87 -24.69 -6.36
N VAL E 63 0.14 -25.82 -6.32
CA VAL E 63 -1.17 -25.92 -5.68
C VAL E 63 -1.30 -27.20 -4.87
N SER E 64 -2.09 -27.18 -3.81
CA SER E 64 -2.30 -28.43 -3.07
C SER E 64 -3.37 -29.33 -3.68
N THR E 65 -4.52 -28.74 -3.92
CA THR E 65 -5.72 -29.43 -4.40
C THR E 65 -6.11 -28.85 -5.74
N PRO E 66 -6.24 -29.69 -6.77
CA PRO E 66 -6.54 -29.24 -8.14
C PRO E 66 -7.66 -28.18 -8.23
N PRO E 67 -7.37 -27.10 -8.95
CA PRO E 67 -8.38 -26.10 -9.20
C PRO E 67 -9.48 -26.61 -10.13
N PRO E 68 -10.71 -26.10 -9.95
CA PRO E 68 -11.81 -26.46 -10.84
C PRO E 68 -11.45 -26.23 -12.30
N PRO E 69 -12.04 -27.01 -13.20
CA PRO E 69 -11.77 -26.81 -14.62
C PRO E 69 -12.16 -25.41 -15.14
N GLY E 70 -11.48 -24.96 -16.20
CA GLY E 70 -11.67 -23.62 -16.76
C GLY E 70 -11.00 -22.54 -15.93
N THR E 71 -10.27 -22.97 -14.90
CA THR E 71 -9.45 -22.05 -14.10
C THR E 71 -8.35 -21.49 -15.01
N ALA E 72 -8.00 -20.24 -14.76
CA ALA E 72 -6.97 -19.56 -15.55
C ALA E 72 -5.98 -18.79 -14.70
N ILE E 73 -4.87 -18.42 -15.33
CA ILE E 73 -3.80 -17.67 -14.65
C ILE E 73 -3.45 -16.40 -15.36
N ARG E 74 -3.60 -15.29 -14.64
CA ARG E 74 -3.31 -13.96 -15.17
C ARG E 74 -2.04 -13.33 -14.59
N ALA E 75 -1.30 -12.67 -15.46
CA ALA E 75 -0.16 -11.88 -15.07
C ALA E 75 -0.43 -10.44 -15.50
N MET E 76 -0.23 -9.54 -14.55
CA MET E 76 -0.48 -8.14 -14.78
C MET E 76 0.54 -7.31 -14.01
N PRO E 77 1.14 -6.34 -14.69
CA PRO E 77 2.03 -5.38 -14.05
C PRO E 77 1.31 -4.18 -13.45
N VAL E 78 1.79 -3.75 -12.29
CA VAL E 78 1.25 -2.58 -11.62
C VAL E 78 2.39 -1.83 -11.03
N TYR E 79 2.34 -0.49 -11.10
CA TYR E 79 3.38 0.32 -10.47
C TYR E 79 3.31 0.19 -8.97
N LYS E 80 4.49 0.16 -8.36
CA LYS E 80 4.60 0.01 -6.92
C LYS E 80 4.19 1.27 -6.16
N LYS E 81 4.79 2.40 -6.55
CA LYS E 81 4.65 3.69 -5.86
C LYS E 81 3.23 4.20 -5.96
N ALA E 82 2.73 4.68 -4.83
CA ALA E 82 1.36 5.17 -4.67
C ALA E 82 0.98 6.29 -5.64
N GLU E 83 1.93 7.21 -5.89
CA GLU E 83 1.79 8.33 -6.84
C GLU E 83 1.51 7.88 -8.28
N HIS E 84 1.95 6.67 -8.64
CA HIS E 84 1.87 6.07 -9.99
C HIS E 84 0.91 4.88 -10.15
N VAL E 85 0.37 4.37 -9.06
CA VAL E 85 -0.41 3.12 -9.09
C VAL E 85 -1.56 3.16 -10.08
N THR E 86 -2.24 4.31 -10.15
CA THR E 86 -3.36 4.51 -11.09
C THR E 86 -2.94 4.48 -12.56
N ASP E 87 -1.66 4.75 -12.84
CA ASP E 87 -1.13 4.72 -14.22
C ASP E 87 -1.03 3.30 -14.71
N VAL E 88 -1.55 3.05 -15.91
CA VAL E 88 -1.54 1.71 -16.46
C VAL E 88 -0.14 1.39 -16.96
N VAL E 89 0.31 0.16 -16.71
CA VAL E 89 1.68 -0.21 -17.10
C VAL E 89 1.59 -0.65 -18.55
N LYS E 90 1.57 0.38 -19.40
CA LYS E 90 1.71 0.19 -20.82
C LYS E 90 3.19 0.31 -21.04
N ARG E 91 3.59 -0.13 -22.21
CA ARG E 91 4.97 -0.24 -22.60
C ARG E 91 5.48 1.04 -23.27
N CYS E 92 6.79 1.26 -23.17
CA CYS E 92 7.42 2.45 -23.73
C CYS E 92 7.11 2.52 -25.22
N PRO E 93 6.72 3.70 -25.71
CA PRO E 93 6.49 3.93 -27.14
C PRO E 93 7.64 3.44 -28.04
N ASN E 94 8.87 3.50 -27.54
CA ASN E 94 10.04 3.04 -28.29
C ASN E 94 10.00 1.58 -28.69
N HIS E 95 9.87 0.71 -27.69
CA HIS E 95 9.82 -0.73 -27.88
C HIS E 95 8.45 -1.15 -28.49
N GLU E 96 7.38 -0.43 -28.16
CA GLU E 96 6.02 -0.69 -28.68
C GLU E 96 5.90 -0.52 -30.19
N LEU E 97 6.28 0.65 -30.69
CA LEU E 97 6.19 0.97 -32.12
C LEU E 97 7.45 0.55 -32.86
N GLY E 98 8.59 0.62 -32.17
CA GLY E 98 9.87 0.27 -32.72
C GLY E 98 9.79 -1.13 -33.29
N ARG E 99 10.42 -1.32 -34.43
CA ARG E 99 10.29 -2.57 -35.17
C ARG E 99 11.13 -3.71 -34.59
N ASP E 100 12.15 -3.35 -33.82
CA ASP E 100 13.27 -4.28 -33.47
C ASP E 100 12.92 -5.65 -32.84
N PHE E 101 11.88 -5.68 -32.01
CA PHE E 101 11.37 -6.94 -31.46
C PHE E 101 9.89 -6.99 -31.72
N ASN E 102 9.31 -8.14 -31.40
CA ASN E 102 7.91 -8.48 -31.59
C ASN E 102 7.39 -8.31 -33.02
N GLU E 103 8.25 -8.58 -34.01
CA GLU E 103 7.82 -8.63 -35.41
C GLU E 103 7.04 -9.93 -35.61
N GLY E 104 5.76 -9.81 -35.94
CA GLY E 104 4.91 -10.96 -36.30
C GLY E 104 4.38 -11.85 -35.18
N GLN E 105 4.77 -11.51 -33.96
CA GLN E 105 4.48 -12.28 -32.74
C GLN E 105 2.98 -12.20 -32.44
N SER E 106 2.46 -13.11 -31.64
CA SER E 106 1.01 -13.06 -31.30
C SER E 106 0.52 -11.84 -30.52
N ALA E 107 1.31 -11.46 -29.53
CA ALA E 107 0.86 -10.45 -28.54
C ALA E 107 0.84 -9.05 -29.16
N PRO E 108 -0.03 -8.14 -28.64
CA PRO E 108 0.00 -6.77 -29.15
C PRO E 108 1.26 -6.03 -28.74
N ALA E 109 1.47 -4.87 -29.34
CA ALA E 109 2.66 -4.07 -29.08
C ALA E 109 2.67 -3.35 -27.73
N SER E 110 1.48 -3.01 -27.23
CA SER E 110 1.38 -2.20 -26.01
C SER E 110 1.68 -3.01 -24.76
N HIS E 111 1.38 -4.30 -24.82
CA HIS E 111 1.50 -5.20 -23.67
C HIS E 111 2.95 -5.44 -23.24
N LEU E 112 3.20 -5.19 -21.96
CA LEU E 112 4.52 -5.36 -21.39
C LEU E 112 4.84 -6.82 -21.23
N ILE E 113 3.91 -7.55 -20.62
CA ILE E 113 4.14 -8.95 -20.30
C ILE E 113 3.58 -9.85 -21.38
N ARG E 114 4.42 -10.77 -21.85
CA ARG E 114 3.97 -11.83 -22.77
C ARG E 114 4.30 -13.21 -22.21
N VAL E 115 3.64 -14.24 -22.73
CA VAL E 115 4.03 -15.62 -22.34
C VAL E 115 4.59 -16.38 -23.56
N GLU E 116 5.66 -17.13 -23.32
CA GLU E 116 6.48 -17.71 -24.38
C GLU E 116 6.24 -19.21 -24.44
N GLY E 117 5.71 -19.67 -25.56
CA GLY E 117 5.43 -21.10 -25.79
C GLY E 117 4.04 -21.58 -25.42
N ASN E 118 3.06 -20.68 -25.28
CA ASN E 118 1.67 -21.07 -25.07
C ASN E 118 0.72 -20.34 -26.04
N ASN E 119 0.00 -21.10 -26.85
CA ASN E 119 -0.97 -20.53 -27.80
C ASN E 119 -2.31 -20.29 -27.17
N LEU E 120 -2.57 -20.97 -26.06
CA LEU E 120 -3.85 -20.84 -25.39
C LEU E 120 -3.86 -19.53 -24.64
N SER E 121 -2.74 -18.81 -24.73
CA SER E 121 -2.60 -17.50 -24.08
C SER E 121 -3.43 -16.42 -24.73
N GLN E 122 -3.94 -15.51 -23.91
CA GLN E 122 -4.59 -14.32 -24.44
C GLN E 122 -4.34 -13.01 -23.64
N TYR E 123 -4.16 -11.90 -24.38
CA TYR E 123 -3.79 -10.61 -23.81
C TYR E 123 -4.95 -9.66 -23.79
N VAL E 124 -5.44 -9.38 -22.60
CA VAL E 124 -6.72 -8.64 -22.46
C VAL E 124 -6.57 -7.16 -22.08
N ASP E 125 -7.35 -6.31 -22.77
CA ASP E 125 -7.55 -4.88 -22.42
C ASP E 125 -8.95 -4.71 -21.85
N ASP E 126 -9.04 -4.49 -20.55
CA ASP E 126 -10.30 -4.15 -19.88
C ASP E 126 -10.84 -2.82 -20.40
N PRO E 127 -12.05 -2.80 -20.96
CA PRO E 127 -12.66 -1.55 -21.45
C PRO E 127 -13.01 -0.55 -20.35
N VAL E 128 -13.11 -1.01 -19.11
CA VAL E 128 -13.40 -0.14 -17.95
C VAL E 128 -12.11 0.36 -17.28
N THR E 129 -11.28 -0.55 -16.83
CA THR E 129 -10.02 -0.18 -16.15
C THR E 129 -8.93 0.18 -17.15
N GLY E 130 -9.10 -0.17 -18.42
CA GLY E 130 -8.08 0.08 -19.46
C GLY E 130 -6.79 -0.66 -19.14
N ARG E 131 -6.85 -1.53 -18.13
CA ARG E 131 -5.68 -2.24 -17.65
C ARG E 131 -5.36 -3.36 -18.63
N GLN E 132 -4.06 -3.61 -18.81
CA GLN E 132 -3.57 -4.63 -19.68
C GLN E 132 -2.98 -5.81 -18.89
N SER E 133 -3.33 -7.02 -19.32
CA SER E 133 -2.85 -8.25 -18.68
C SER E 133 -2.81 -9.39 -19.66
N VAL E 134 -2.23 -10.49 -19.20
CA VAL E 134 -2.06 -11.70 -19.98
C VAL E 134 -2.58 -12.89 -19.21
N VAL E 135 -3.23 -13.82 -19.90
CA VAL E 135 -3.69 -15.01 -19.20
C VAL E 135 -3.62 -16.31 -20.01
N VAL E 136 -3.45 -17.40 -19.26
CA VAL E 136 -3.40 -18.76 -19.79
C VAL E 136 -4.26 -19.68 -18.92
N PRO E 137 -4.86 -20.73 -19.54
CA PRO E 137 -5.55 -21.72 -18.74
C PRO E 137 -4.56 -22.49 -17.90
N TYR E 138 -4.94 -22.80 -16.67
CA TYR E 138 -4.08 -23.53 -15.76
C TYR E 138 -3.96 -24.98 -16.19
N GLU E 139 -2.73 -25.45 -16.27
CA GLU E 139 -2.45 -26.87 -16.50
C GLU E 139 -1.91 -27.48 -15.22
N PRO E 140 -2.31 -28.72 -14.92
CA PRO E 140 -1.71 -29.42 -13.81
C PRO E 140 -0.25 -29.68 -14.11
N PRO E 141 0.56 -29.94 -13.07
CA PRO E 141 1.97 -30.17 -13.36
C PRO E 141 2.18 -31.33 -14.33
N GLN E 142 3.26 -31.28 -15.11
CA GLN E 142 3.64 -32.42 -15.93
C GLN E 142 3.96 -33.57 -15.01
N VAL E 143 3.63 -34.79 -15.42
CA VAL E 143 3.74 -35.93 -14.52
C VAL E 143 5.08 -35.97 -13.75
N GLY E 144 6.15 -35.43 -14.31
CA GLY E 144 7.45 -35.29 -13.62
C GLY E 144 7.46 -34.68 -12.22
N THR E 145 7.74 -33.39 -12.17
CA THR E 145 7.88 -32.68 -10.90
C THR E 145 6.46 -32.17 -10.48
N GLU E 146 6.39 -31.64 -9.26
CA GLU E 146 5.18 -31.13 -8.57
C GLU E 146 4.82 -29.63 -8.78
N PHE E 147 5.40 -29.07 -9.84
CA PHE E 147 5.19 -27.67 -10.25
C PHE E 147 4.64 -27.48 -11.66
N THR E 148 3.79 -26.48 -11.83
CA THR E 148 3.43 -25.95 -13.14
C THR E 148 4.41 -24.83 -13.45
N THR E 149 5.06 -24.90 -14.61
CA THR E 149 5.93 -23.80 -15.05
C THR E 149 5.32 -22.92 -16.15
N ILE E 150 5.27 -21.61 -15.94
CA ILE E 150 4.87 -20.67 -17.01
C ILE E 150 6.10 -19.89 -17.46
N LEU E 151 6.21 -19.67 -18.78
CA LEU E 151 7.33 -18.92 -19.33
C LEU E 151 6.94 -17.51 -19.73
N TYR E 152 7.46 -16.54 -18.98
CA TYR E 152 7.13 -15.14 -19.23
C TYR E 152 8.26 -14.38 -19.91
N ASN E 153 7.85 -13.40 -20.70
CA ASN E 153 8.76 -12.46 -21.32
C ASN E 153 8.33 -11.02 -21.01
N PHE E 154 9.29 -10.19 -20.64
CA PHE E 154 9.00 -8.78 -20.34
C PHE E 154 9.63 -7.88 -21.37
N MET E 155 8.82 -7.02 -21.99
CA MET E 155 9.24 -6.36 -23.23
C MET E 155 10.07 -5.09 -23.17
N CYS E 156 10.00 -4.41 -22.04
CA CYS E 156 10.59 -3.07 -21.91
C CYS E 156 11.39 -3.00 -20.63
N ASN E 157 12.56 -2.37 -20.67
CA ASN E 157 13.38 -2.21 -19.47
C ASN E 157 12.69 -1.26 -18.51
N SER E 158 12.78 -1.56 -17.21
CA SER E 158 12.03 -0.76 -16.23
C SER E 158 12.54 0.67 -16.34
N SER E 159 13.81 0.83 -16.75
CA SER E 159 14.47 2.13 -16.82
C SER E 159 14.04 3.04 -17.96
N CYS E 160 13.64 2.43 -19.07
CA CYS E 160 13.46 3.24 -20.27
C CYS E 160 12.37 4.34 -20.10
N VAL E 161 12.74 5.53 -20.56
CA VAL E 161 11.88 6.70 -20.44
C VAL E 161 10.74 6.56 -21.45
N GLY E 162 9.68 7.29 -21.15
CA GLY E 162 8.48 7.26 -21.96
C GLY E 162 7.63 6.06 -21.60
N GLY E 163 8.26 5.03 -21.05
CA GLY E 163 7.55 3.87 -20.56
C GLY E 163 7.50 3.91 -19.05
N MET E 164 7.95 2.82 -18.42
CA MET E 164 8.03 2.74 -16.96
C MET E 164 8.90 3.84 -16.29
N ASN E 165 9.90 4.36 -16.97
CA ASN E 165 10.69 5.50 -16.45
C ASN E 165 11.41 5.33 -15.07
N ARG E 166 12.02 4.17 -14.90
CA ARG E 166 12.64 3.77 -13.64
C ARG E 166 11.64 3.51 -12.51
N ARG E 167 10.36 3.75 -12.78
CA ARG E 167 9.37 3.59 -11.75
C ARG E 167 9.19 2.10 -11.46
N PRO E 168 9.36 1.69 -10.19
CA PRO E 168 9.25 0.26 -9.92
C PRO E 168 7.86 -0.28 -10.20
N ILE E 169 7.79 -1.57 -10.44
CA ILE E 169 6.51 -2.25 -10.63
C ILE E 169 6.46 -3.54 -9.83
N LEU E 170 5.24 -4.01 -9.66
CA LEU E 170 5.01 -5.32 -9.11
C LEU E 170 4.41 -6.15 -10.21
N ILE E 171 4.75 -7.45 -10.24
CA ILE E 171 4.11 -8.38 -11.15
C ILE E 171 3.11 -9.16 -10.29
N ILE E 172 1.83 -9.09 -10.64
CA ILE E 172 0.83 -9.77 -9.83
C ILE E 172 0.22 -10.93 -10.64
N ILE E 173 0.51 -12.13 -10.15
CA ILE E 173 0.06 -13.38 -10.75
C ILE E 173 -1.19 -13.89 -10.04
N THR E 174 -2.25 -14.07 -10.81
CA THR E 174 -3.56 -14.47 -10.24
C THR E 174 -4.13 -15.72 -10.84
N LEU E 175 -4.56 -16.62 -9.95
CA LEU E 175 -5.29 -17.84 -10.30
C LEU E 175 -6.78 -17.61 -10.14
N GLU E 176 -7.56 -17.82 -11.19
CA GLU E 176 -8.99 -17.46 -11.14
C GLU E 176 -9.99 -18.32 -11.91
N MET E 177 -11.26 -18.22 -11.49
CA MET E 177 -12.36 -18.95 -12.13
C MET E 177 -12.67 -18.37 -13.51
N ARG E 178 -13.34 -19.15 -14.36
CA ARG E 178 -13.88 -18.62 -15.64
C ARG E 178 -14.65 -17.34 -15.42
N ASP E 179 -15.46 -17.34 -14.37
CA ASP E 179 -16.20 -16.15 -13.88
C ASP E 179 -15.23 -15.00 -13.78
N GLY E 180 -14.13 -15.25 -13.07
CA GLY E 180 -13.12 -14.24 -12.75
C GLY E 180 -12.80 -14.17 -11.26
N GLN E 181 -13.57 -14.90 -10.45
CA GLN E 181 -13.29 -14.90 -8.99
C GLN E 181 -11.88 -15.39 -8.70
N VAL E 182 -11.22 -14.70 -7.78
CA VAL E 182 -9.86 -15.02 -7.42
C VAL E 182 -9.78 -16.20 -6.45
N LEU E 183 -9.00 -17.21 -6.83
CA LEU E 183 -8.73 -18.39 -6.01
C LEU E 183 -7.39 -18.26 -5.34
N GLY E 184 -6.53 -17.49 -5.95
CA GLY E 184 -5.23 -17.24 -5.40
C GLY E 184 -4.58 -16.08 -6.07
N ARG E 185 -3.82 -15.31 -5.29
CA ARG E 185 -3.08 -14.19 -5.82
C ARG E 185 -1.71 -14.19 -5.18
N ARG E 186 -0.72 -13.81 -5.96
CA ARG E 186 0.65 -13.74 -5.47
C ARG E 186 1.40 -12.71 -6.28
N SER E 187 2.27 -11.94 -5.63
CA SER E 187 2.95 -10.86 -6.31
C SER E 187 4.37 -10.66 -5.82
N PHE E 188 5.16 -10.01 -6.66
CA PHE E 188 6.54 -9.69 -6.34
C PHE E 188 6.99 -8.50 -7.17
N GLU E 189 7.98 -7.76 -6.66
CA GLU E 189 8.51 -6.60 -7.37
C GLU E 189 9.28 -7.08 -8.58
N GLY E 190 9.16 -6.34 -9.68
CA GLY E 190 9.86 -6.65 -10.90
C GLY E 190 10.81 -5.56 -11.31
N ARG E 191 11.96 -5.97 -11.83
CA ARG E 191 12.90 -5.04 -12.44
C ARG E 191 13.48 -5.60 -13.72
N ILE E 192 13.18 -4.95 -14.83
CA ILE E 192 13.70 -5.36 -16.13
C ILE E 192 14.91 -4.50 -16.37
N CYS E 193 16.07 -5.14 -16.45
CA CYS E 193 17.31 -4.42 -16.68
C CYS E 193 18.27 -5.20 -17.57
N ALA E 194 19.35 -4.52 -17.93
CA ALA E 194 20.35 -5.11 -18.79
C ALA E 194 21.14 -6.16 -18.06
N CYS E 195 21.50 -5.85 -16.83
CA CYS E 195 22.35 -6.75 -16.04
C CYS E 195 21.72 -7.14 -14.71
N PRO E 196 20.84 -8.14 -14.74
CA PRO E 196 20.18 -8.56 -13.52
C PRO E 196 21.11 -8.93 -12.36
N GLY E 197 22.17 -9.67 -12.64
CA GLY E 197 23.12 -10.08 -11.59
C GLY E 197 23.74 -8.92 -10.87
N ARG E 198 24.25 -7.98 -11.65
CA ARG E 198 24.84 -6.75 -11.12
C ARG E 198 23.89 -5.96 -10.25
N ASP E 199 22.70 -5.74 -10.79
CA ASP E 199 21.68 -4.96 -10.14
C ASP E 199 21.17 -5.63 -8.87
N ARG E 200 21.09 -6.94 -8.87
CA ARG E 200 20.72 -7.72 -7.67
C ARG E 200 21.76 -7.49 -6.58
N LYS E 201 23.01 -7.74 -6.93
CA LYS E 201 24.14 -7.58 -6.01
C LYS E 201 24.15 -6.18 -5.43
N ALA E 202 24.05 -5.21 -6.33
CA ALA E 202 24.06 -3.79 -5.97
C ALA E 202 22.97 -3.47 -4.97
N ASP E 203 21.79 -4.01 -5.21
CA ASP E 203 20.67 -3.84 -4.28
C ASP E 203 20.92 -4.54 -2.92
N GLU E 204 21.48 -5.75 -2.93
CA GLU E 204 21.84 -6.45 -1.65
C GLU E 204 22.83 -5.61 -0.81
N ASP E 205 23.88 -5.16 -1.49
CA ASP E 205 24.94 -4.37 -0.86
C ASP E 205 24.37 -3.11 -0.26
N HIS E 206 23.48 -2.49 -1.03
CA HIS E 206 22.75 -1.30 -0.61
C HIS E 206 21.80 -1.51 0.55
N TYR E 207 21.35 -2.73 0.75
CA TYR E 207 20.34 -3.02 1.76
C TYR E 207 20.90 -2.89 3.15
N ARG E 208 21.99 -3.62 3.45
CA ARG E 208 22.63 -3.54 4.79
C ARG E 208 23.45 -2.27 5.00
N GLU E 209 24.01 -1.76 3.92
CA GLU E 209 24.76 -0.49 3.96
C GLU E 209 23.82 0.68 4.25
N GLN E 210 24.39 1.88 4.27
CA GLN E 210 23.58 3.09 4.40
C GLN E 210 22.94 3.46 3.05
N PHE F 12 18.68 10.28 -50.77
CA PHE F 12 19.45 11.43 -51.30
C PHE F 12 20.86 11.47 -50.69
N ILE F 13 21.70 12.29 -51.30
CA ILE F 13 23.04 12.59 -50.80
C ILE F 13 23.13 14.12 -50.63
N PRO F 14 22.61 14.66 -49.50
CA PRO F 14 22.74 16.10 -49.27
C PRO F 14 24.18 16.54 -49.04
N SER F 15 24.57 17.68 -49.63
CA SER F 15 25.96 18.14 -49.53
C SER F 15 26.31 18.39 -48.08
N ASN F 16 27.59 18.24 -47.79
CA ASN F 16 28.16 18.66 -46.51
C ASN F 16 29.41 19.57 -46.69
N THR F 17 29.78 19.86 -47.95
CA THR F 17 31.05 20.52 -48.30
C THR F 17 31.12 21.97 -47.81
N ASP F 18 32.08 22.22 -46.91
CA ASP F 18 32.30 23.56 -46.35
C ASP F 18 32.71 24.51 -47.46
N TYR F 19 32.26 25.74 -47.36
CA TYR F 19 32.60 26.76 -48.34
C TYR F 19 32.13 28.10 -47.76
N PRO F 20 32.97 29.16 -47.80
CA PRO F 20 32.49 30.52 -47.56
C PRO F 20 31.73 31.09 -48.77
N GLY F 21 32.40 31.76 -49.71
CA GLY F 21 31.82 32.26 -50.97
C GLY F 21 31.81 33.75 -51.18
N PRO F 22 30.96 34.23 -52.13
CA PRO F 22 30.91 35.64 -52.51
C PRO F 22 30.77 36.52 -51.29
N HIS F 23 30.06 35.99 -50.29
CA HIS F 23 29.69 36.74 -49.10
C HIS F 23 30.55 36.39 -47.88
N HIS F 24 31.69 35.73 -48.07
CA HIS F 24 32.59 35.39 -46.93
C HIS F 24 31.79 34.84 -45.71
N PHE F 25 30.95 33.85 -45.99
CA PHE F 25 29.99 33.31 -45.03
C PHE F 25 30.71 32.75 -43.79
N GLU F 26 30.28 33.21 -42.61
CA GLU F 26 30.86 32.83 -41.31
C GLU F 26 29.83 32.32 -40.32
N VAL F 27 29.73 31.00 -40.17
CA VAL F 27 28.84 30.39 -39.19
C VAL F 27 29.75 30.23 -38.01
N THR F 28 29.87 31.32 -37.27
CA THR F 28 30.72 31.34 -36.09
C THR F 28 29.84 30.92 -34.91
N PHE F 29 30.47 30.88 -33.76
CA PHE F 29 29.82 30.55 -32.51
C PHE F 29 30.13 31.54 -31.45
N GLN F 30 29.15 31.79 -30.60
CA GLN F 30 29.31 32.78 -29.56
C GLN F 30 30.44 32.35 -28.64
N GLN F 31 30.76 33.26 -27.72
CA GLN F 31 31.84 32.99 -26.78
C GLN F 31 31.54 31.63 -26.22
N SER F 32 32.55 30.77 -26.20
CA SER F 32 32.39 29.40 -25.73
C SER F 32 31.95 29.46 -24.27
N SER F 33 30.95 28.65 -23.93
CA SER F 33 30.28 28.65 -22.62
C SER F 33 31.04 27.85 -21.53
N THR F 34 30.41 27.79 -20.36
CA THR F 34 31.04 27.28 -19.12
C THR F 34 31.46 25.76 -19.00
N ALA F 35 32.10 25.47 -17.88
CA ALA F 35 32.88 24.19 -17.67
C ALA F 35 32.20 22.83 -17.93
N LYS F 36 31.21 22.45 -17.12
CA LYS F 36 30.46 21.18 -17.26
C LYS F 36 28.95 21.34 -17.13
N SER F 37 28.21 20.67 -18.01
CA SER F 37 26.74 20.74 -17.99
C SER F 37 26.18 22.17 -18.09
N ALA F 38 26.83 22.97 -18.93
CA ALA F 38 26.29 24.26 -19.40
C ALA F 38 25.21 23.98 -20.44
N THR F 39 24.47 25.02 -20.81
CA THR F 39 23.51 24.87 -21.90
C THR F 39 24.12 24.30 -23.18
N TRP F 40 25.21 24.90 -23.59
CA TRP F 40 25.92 24.43 -24.79
C TRP F 40 27.37 24.89 -24.76
N THR F 41 28.18 24.32 -25.65
CA THR F 41 29.56 24.74 -25.81
C THR F 41 30.11 24.29 -27.16
N TYR F 42 31.06 25.05 -27.69
CA TYR F 42 31.66 24.74 -28.98
C TYR F 42 33.13 24.44 -28.80
N SER F 43 33.59 23.38 -29.47
CA SER F 43 35.00 23.05 -29.54
C SER F 43 35.53 23.40 -30.92
N PRO F 44 36.33 24.49 -31.01
CA PRO F 44 36.98 24.78 -32.30
C PRO F 44 38.01 23.72 -32.70
N LEU F 45 38.67 23.09 -31.72
CA LEU F 45 39.63 21.99 -31.98
C LEU F 45 39.01 20.90 -32.85
N LEU F 46 37.85 20.42 -32.40
CA LEU F 46 37.11 19.34 -33.07
C LEU F 46 36.06 19.82 -34.08
N LYS F 47 35.92 21.14 -34.21
CA LYS F 47 34.91 21.79 -35.06
C LYS F 47 33.51 21.16 -34.86
N LYS F 48 33.15 21.03 -33.60
CA LYS F 48 31.88 20.39 -33.25
C LYS F 48 31.12 21.06 -32.10
N LEU F 49 29.81 21.02 -32.22
CA LEU F 49 28.91 21.64 -31.26
C LEU F 49 28.41 20.63 -30.24
N TYR F 50 28.51 21.00 -28.97
CA TYR F 50 27.95 20.20 -27.87
C TYR F 50 26.77 20.92 -27.24
N CYS F 51 25.61 20.29 -27.28
CA CYS F 51 24.39 21.01 -26.94
C CYS F 51 23.36 20.18 -26.20
N GLN F 52 22.78 20.76 -25.16
CA GLN F 52 21.79 20.10 -24.33
C GLN F 52 20.42 20.02 -25.02
N ILE F 53 19.63 19.03 -24.63
CA ILE F 53 18.33 18.79 -25.26
C ILE F 53 17.31 19.89 -25.03
N ALA F 54 16.78 20.41 -26.14
CA ALA F 54 15.73 21.45 -26.13
C ALA F 54 16.17 22.79 -25.55
N LYS F 55 17.47 23.00 -25.40
CA LYS F 55 17.95 24.26 -24.85
C LYS F 55 18.29 25.22 -25.97
N THR F 56 18.17 26.51 -25.66
CA THR F 56 18.37 27.58 -26.64
C THR F 56 19.85 27.67 -27.02
N CYS F 57 20.12 27.47 -28.31
CA CYS F 57 21.47 27.40 -28.83
C CYS F 57 21.69 28.45 -29.95
N PRO F 58 22.44 29.54 -29.65
CA PRO F 58 22.70 30.61 -30.59
C PRO F 58 23.85 30.27 -31.50
N ILE F 59 23.56 30.32 -32.79
CA ILE F 59 24.59 30.10 -33.80
C ILE F 59 24.69 31.40 -34.59
N GLN F 60 25.90 31.98 -34.63
CA GLN F 60 26.05 33.28 -35.29
C GLN F 60 26.13 33.10 -36.78
N ILE F 61 25.67 34.12 -37.50
CA ILE F 61 25.91 34.22 -38.94
C ILE F 61 26.53 35.58 -39.33
N LYS F 62 27.57 35.51 -40.17
CA LYS F 62 28.20 36.71 -40.76
C LYS F 62 28.37 36.54 -42.26
N VAL F 63 28.07 37.61 -42.99
CA VAL F 63 28.36 37.73 -44.43
C VAL F 63 29.03 39.08 -44.69
N SER F 64 30.15 39.07 -45.42
CA SER F 64 30.89 40.31 -45.73
C SER F 64 30.12 41.19 -46.70
N THR F 65 29.56 40.56 -47.73
CA THR F 65 28.78 41.25 -48.75
C THR F 65 27.39 40.64 -48.90
N PRO F 66 26.33 41.45 -48.76
CA PRO F 66 24.94 40.94 -48.72
C PRO F 66 24.38 40.15 -49.93
N PRO F 67 23.41 39.24 -49.65
CA PRO F 67 22.66 38.38 -50.58
C PRO F 67 21.29 38.88 -51.03
N PRO F 68 20.74 38.37 -52.15
CA PRO F 68 19.45 38.89 -52.59
C PRO F 68 18.29 38.44 -51.73
N PRO F 69 17.19 39.22 -51.73
CA PRO F 69 15.92 38.81 -51.10
C PRO F 69 15.19 37.67 -51.85
N GLY F 70 14.03 37.24 -51.33
CA GLY F 70 13.33 36.03 -51.83
C GLY F 70 13.99 34.71 -51.41
N THR F 71 14.91 34.78 -50.44
CA THR F 71 15.78 33.71 -49.94
C THR F 71 15.49 33.31 -48.46
N ALA F 72 16.01 32.16 -48.08
CA ALA F 72 15.84 31.61 -46.73
C ALA F 72 17.00 30.73 -46.26
N ILE F 73 16.98 30.34 -44.98
CA ILE F 73 18.02 29.48 -44.38
C ILE F 73 17.44 28.20 -43.86
N ARG F 74 17.97 27.10 -44.38
CA ARG F 74 17.54 25.75 -44.05
C ARG F 74 18.59 25.01 -43.24
N ALA F 75 18.14 24.37 -42.17
CA ALA F 75 19.00 23.53 -41.33
C ALA F 75 18.52 22.10 -41.45
N MET F 76 19.47 21.18 -41.65
CA MET F 76 19.15 19.77 -41.84
C MET F 76 20.19 18.87 -41.18
N PRO F 77 19.72 17.84 -40.46
CA PRO F 77 20.61 16.89 -39.84
C PRO F 77 21.01 15.75 -40.77
N VAL F 78 22.31 15.41 -40.75
CA VAL F 78 22.91 14.37 -41.59
C VAL F 78 23.89 13.59 -40.75
N TYR F 79 23.94 12.27 -40.97
CA TYR F 79 24.88 11.37 -40.26
C TYR F 79 26.32 11.54 -40.76
N LYS F 80 27.24 11.62 -39.79
CA LYS F 80 28.67 11.79 -40.02
C LYS F 80 29.23 10.56 -40.68
N LYS F 81 28.88 9.42 -40.09
CA LYS F 81 29.24 8.10 -40.59
C LYS F 81 28.58 7.80 -41.92
N ALA F 82 29.41 7.35 -42.85
CA ALA F 82 29.05 7.20 -44.26
C ALA F 82 27.95 6.16 -44.51
N GLU F 83 28.06 5.00 -43.87
CA GLU F 83 27.11 3.89 -44.01
C GLU F 83 25.69 4.27 -43.60
N HIS F 84 25.57 5.20 -42.65
CA HIS F 84 24.28 5.66 -42.14
C HIS F 84 23.78 6.88 -42.89
N VAL F 85 24.62 7.45 -43.75
CA VAL F 85 24.32 8.72 -44.41
C VAL F 85 22.95 8.65 -45.09
N THR F 86 22.63 7.50 -45.67
CA THR F 86 21.38 7.30 -46.42
C THR F 86 20.14 7.39 -45.54
N ASP F 87 20.29 7.21 -44.24
CA ASP F 87 19.16 7.30 -43.29
C ASP F 87 18.74 8.74 -43.02
N VAL F 88 17.43 8.99 -43.02
CA VAL F 88 16.90 10.28 -42.55
C VAL F 88 16.98 10.32 -41.04
N VAL F 89 17.21 11.52 -40.51
CA VAL F 89 17.34 11.75 -39.05
C VAL F 89 16.08 12.29 -38.38
N LYS F 90 15.58 11.62 -37.33
CA LYS F 90 14.34 12.01 -36.67
C LYS F 90 14.37 12.07 -35.13
N ARG F 91 13.29 12.61 -34.58
CA ARG F 91 13.05 12.55 -33.16
C ARG F 91 12.71 11.10 -32.87
N CYS F 92 13.41 10.50 -31.90
CA CYS F 92 13.11 9.13 -31.50
C CYS F 92 11.63 9.03 -31.05
N PRO F 93 10.97 7.87 -31.25
CA PRO F 93 9.52 7.73 -30.99
C PRO F 93 9.08 8.16 -29.58
N ASN F 94 9.84 7.71 -28.59
CA ASN F 94 9.58 8.07 -27.19
C ASN F 94 9.43 9.58 -27.02
N HIS F 95 10.41 10.31 -27.55
CA HIS F 95 10.41 11.79 -27.46
C HIS F 95 9.32 12.46 -28.29
N GLU F 96 9.06 11.91 -29.46
CA GLU F 96 8.01 12.46 -30.33
C GLU F 96 6.65 12.30 -29.72
N LEU F 97 6.39 11.15 -29.13
CA LEU F 97 5.09 10.85 -28.48
C LEU F 97 4.90 11.41 -27.08
N GLY F 98 6.01 11.58 -26.37
CA GLY F 98 6.02 12.18 -25.05
C GLY F 98 5.39 13.56 -25.04
N ARG F 99 5.05 14.05 -23.85
CA ARG F 99 4.35 15.34 -23.73
C ARG F 99 5.30 16.56 -23.71
N ASP F 100 6.53 16.33 -23.29
CA ASP F 100 7.52 17.38 -23.06
C ASP F 100 7.91 18.07 -24.36
N PHE F 101 7.62 19.36 -24.40
CA PHE F 101 7.95 20.32 -25.49
C PHE F 101 7.06 20.32 -26.74
N ASN F 102 6.03 19.48 -26.75
CA ASN F 102 5.13 19.31 -27.90
C ASN F 102 3.79 19.99 -27.68
N GLU F 103 3.77 20.78 -26.62
CA GLU F 103 2.61 21.56 -26.22
C GLU F 103 2.55 22.92 -26.93
N GLY F 104 1.47 23.15 -27.67
CA GLY F 104 1.24 24.45 -28.32
C GLY F 104 2.24 24.80 -29.42
N GLN F 105 2.75 23.76 -30.07
CA GLN F 105 3.89 23.91 -30.96
C GLN F 105 3.53 24.04 -32.44
N SER F 106 4.20 24.98 -33.09
CA SER F 106 4.11 25.17 -34.53
C SER F 106 4.93 24.07 -35.18
N ALA F 107 5.94 23.60 -34.44
CA ALA F 107 6.84 22.57 -34.95
C ALA F 107 6.27 21.17 -34.79
N PRO F 108 6.46 20.34 -35.81
CA PRO F 108 6.06 18.94 -35.69
C PRO F 108 6.89 18.19 -34.64
N ALA F 109 6.27 17.21 -34.02
CA ALA F 109 6.92 16.43 -32.97
C ALA F 109 8.03 15.53 -33.51
N SER F 110 7.98 15.24 -34.81
CA SER F 110 8.94 14.32 -35.43
C SER F 110 10.27 14.98 -35.72
N HIS F 111 10.26 16.30 -35.90
CA HIS F 111 11.46 17.08 -36.22
C HIS F 111 12.45 17.24 -35.08
N LEU F 112 13.70 16.93 -35.38
CA LEU F 112 14.80 17.03 -34.41
C LEU F 112 15.18 18.49 -34.20
N ILE F 113 15.34 19.22 -35.31
CA ILE F 113 15.78 20.60 -35.25
C ILE F 113 14.59 21.54 -35.29
N ARG F 114 14.52 22.42 -34.30
CA ARG F 114 13.52 23.49 -34.24
C ARG F 114 14.22 24.83 -34.20
N VAL F 115 13.46 25.87 -34.53
CA VAL F 115 13.95 27.25 -34.39
C VAL F 115 13.16 27.95 -33.31
N GLU F 116 13.87 28.54 -32.36
CA GLU F 116 13.23 29.13 -31.19
C GLU F 116 13.16 30.62 -31.43
N GLY F 117 11.98 31.21 -31.24
CA GLY F 117 11.83 32.65 -31.30
C GLY F 117 11.56 33.17 -32.69
N ASN F 118 11.04 32.32 -33.59
CA ASN F 118 10.75 32.72 -34.95
C ASN F 118 9.34 32.33 -35.38
N ASN F 119 8.47 33.32 -35.44
CA ASN F 119 7.06 33.05 -35.73
C ASN F 119 6.86 32.56 -37.17
N LEU F 120 7.74 33.02 -38.06
CA LEU F 120 7.61 32.84 -39.50
C LEU F 120 8.53 31.77 -40.09
N SER F 121 9.06 30.92 -39.21
CA SER F 121 9.77 29.70 -39.62
C SER F 121 8.81 28.64 -40.21
N GLN F 122 9.32 27.85 -41.13
CA GLN F 122 8.54 26.77 -41.74
C GLN F 122 9.28 25.41 -41.77
N TYR F 123 8.52 24.34 -41.51
CA TYR F 123 9.08 23.00 -41.38
C TYR F 123 8.73 22.14 -42.59
N VAL F 124 9.72 21.89 -43.44
CA VAL F 124 9.49 21.25 -44.75
C VAL F 124 9.93 19.78 -44.81
N ASP F 125 9.04 18.96 -45.36
CA ASP F 125 9.29 17.52 -45.59
C ASP F 125 9.50 17.19 -47.05
N ASP F 126 10.69 16.69 -47.41
CA ASP F 126 11.01 16.29 -48.79
C ASP F 126 9.98 15.24 -49.20
N PRO F 127 9.13 15.58 -50.19
CA PRO F 127 8.07 14.65 -50.59
C PRO F 127 8.59 13.38 -51.27
N VAL F 128 9.81 13.45 -51.80
CA VAL F 128 10.47 12.32 -52.49
C VAL F 128 11.47 11.58 -51.58
N THR F 129 12.40 12.32 -50.97
CA THR F 129 13.42 11.71 -50.10
C THR F 129 12.88 11.33 -48.71
N GLY F 130 11.81 12.00 -48.29
CA GLY F 130 11.30 11.94 -46.89
C GLY F 130 12.17 12.67 -45.87
N ARG F 131 13.12 13.45 -46.36
CA ARG F 131 14.01 14.27 -45.51
C ARG F 131 13.25 15.39 -44.84
N GLN F 132 13.67 15.73 -43.61
CA GLN F 132 13.08 16.83 -42.85
C GLN F 132 14.09 17.90 -42.40
N SER F 133 13.58 19.12 -42.46
CA SER F 133 14.36 20.30 -42.17
C SER F 133 13.46 21.47 -41.75
N VAL F 134 14.12 22.55 -41.37
CA VAL F 134 13.45 23.78 -40.92
C VAL F 134 14.09 24.99 -41.58
N VAL F 135 13.24 25.89 -42.06
CA VAL F 135 13.70 27.08 -42.73
C VAL F 135 13.16 28.37 -42.10
N VAL F 136 14.01 29.39 -42.13
CA VAL F 136 13.63 30.76 -41.81
C VAL F 136 14.14 31.70 -42.89
N PRO F 137 13.36 32.74 -43.21
CA PRO F 137 13.85 33.76 -44.13
C PRO F 137 15.02 34.56 -43.56
N TYR F 138 15.96 34.93 -44.44
CA TYR F 138 17.16 35.71 -44.07
C TYR F 138 16.83 37.16 -43.77
N GLU F 139 17.45 37.68 -42.72
CA GLU F 139 17.43 39.11 -42.44
C GLU F 139 18.84 39.62 -42.14
N PRO F 140 19.21 40.84 -42.58
CA PRO F 140 20.55 41.37 -42.28
C PRO F 140 20.70 41.67 -40.79
N PRO F 141 21.94 41.82 -40.28
CA PRO F 141 22.08 42.08 -38.86
C PRO F 141 21.44 43.39 -38.45
N GLN F 142 21.21 43.53 -37.15
CA GLN F 142 20.71 44.81 -36.59
C GLN F 142 21.80 45.85 -36.62
N VAL F 143 21.50 47.07 -37.07
CA VAL F 143 22.56 48.02 -37.40
C VAL F 143 23.52 48.21 -36.23
N GLY F 144 24.82 48.10 -36.53
CA GLY F 144 25.87 48.06 -35.49
C GLY F 144 26.24 46.65 -35.06
N THR F 145 25.49 45.65 -35.54
CA THR F 145 25.76 44.21 -35.25
C THR F 145 26.50 43.56 -36.40
N GLU F 146 27.42 42.66 -36.06
CA GLU F 146 28.17 41.89 -37.07
C GLU F 146 27.32 40.72 -37.56
N PHE F 147 26.69 40.04 -36.61
CA PHE F 147 26.09 38.72 -36.85
C PHE F 147 24.57 38.74 -36.92
N THR F 148 24.03 37.95 -37.85
CA THR F 148 22.59 37.69 -38.00
C THR F 148 22.17 36.36 -37.35
N THR F 149 21.91 36.43 -36.05
CA THR F 149 21.91 35.25 -35.23
C THR F 149 20.57 34.50 -35.28
N ILE F 150 20.66 33.18 -35.26
CA ILE F 150 19.49 32.32 -35.21
C ILE F 150 19.51 31.45 -33.95
N LEU F 151 18.34 31.22 -33.35
CA LEU F 151 18.22 30.35 -32.20
C LEU F 151 17.69 28.98 -32.60
N TYR F 152 18.52 27.97 -32.39
CA TYR F 152 18.12 26.59 -32.67
C TYR F 152 17.88 25.81 -31.40
N ASN F 153 16.99 24.83 -31.53
CA ASN F 153 16.75 23.85 -30.50
C ASN F 153 16.88 22.46 -31.08
N PHE F 154 17.54 21.58 -30.34
CA PHE F 154 17.71 20.17 -30.76
C PHE F 154 16.98 19.25 -29.81
N MET F 155 16.09 18.41 -30.34
CA MET F 155 15.05 17.75 -29.58
C MET F 155 15.25 16.27 -29.20
N CYS F 156 16.45 15.75 -29.41
CA CYS F 156 16.80 14.39 -28.98
C CYS F 156 18.25 14.31 -28.66
N ASN F 157 18.61 13.46 -27.71
CA ASN F 157 20.03 13.22 -27.42
C ASN F 157 20.69 12.40 -28.52
N SER F 158 21.98 12.63 -28.75
CA SER F 158 22.72 11.82 -29.70
C SER F 158 22.72 10.37 -29.26
N SER F 159 22.59 10.16 -27.97
CA SER F 159 22.49 8.82 -27.38
C SER F 159 21.14 8.13 -27.58
N CYS F 160 20.08 8.89 -27.83
CA CYS F 160 18.70 8.36 -27.92
C CYS F 160 18.57 7.10 -28.74
N VAL F 161 18.17 6.03 -28.06
CA VAL F 161 17.99 4.73 -28.67
C VAL F 161 16.72 4.77 -29.53
N GLY F 162 16.75 4.08 -30.67
CA GLY F 162 15.58 4.09 -31.57
C GLY F 162 15.37 5.39 -32.34
N GLY F 163 16.38 6.25 -32.26
CA GLY F 163 16.45 7.49 -33.02
C GLY F 163 17.84 7.62 -33.63
N MET F 164 18.53 8.69 -33.28
CA MET F 164 19.98 8.89 -33.61
C MET F 164 20.93 7.80 -33.08
N ASN F 165 20.51 7.11 -32.03
CA ASN F 165 21.16 5.86 -31.65
C ASN F 165 22.69 5.90 -31.47
N ARG F 166 23.18 6.95 -30.81
CA ARG F 166 24.60 7.06 -30.39
C ARG F 166 25.55 7.37 -31.55
N ARG F 167 25.02 7.40 -32.78
CA ARG F 167 25.85 7.61 -33.99
C ARG F 167 25.84 9.08 -34.40
N PRO F 168 27.02 9.67 -34.60
CA PRO F 168 27.06 11.11 -34.75
C PRO F 168 26.36 11.64 -35.99
N ILE F 169 25.88 12.87 -35.83
CA ILE F 169 25.28 13.64 -36.91
C ILE F 169 26.04 14.95 -37.04
N LEU F 170 25.98 15.50 -38.24
CA LEU F 170 26.51 16.83 -38.50
C LEU F 170 25.33 17.70 -38.94
N ILE F 171 25.45 18.97 -38.64
CA ILE F 171 24.37 19.90 -38.91
C ILE F 171 24.76 20.63 -40.18
N ILE F 172 23.85 20.71 -41.15
CA ILE F 172 24.15 21.42 -42.40
C ILE F 172 23.16 22.58 -42.66
N ILE F 173 23.74 23.77 -42.76
CA ILE F 173 23.00 25.02 -43.00
C ILE F 173 23.15 25.50 -44.44
N THR F 174 22.00 25.60 -45.13
CA THR F 174 21.96 26.05 -46.54
C THR F 174 21.15 27.34 -46.73
N LEU F 175 21.60 28.10 -47.73
CA LEU F 175 21.11 29.43 -48.05
C LEU F 175 20.49 29.49 -49.45
N GLU F 176 19.16 29.29 -49.50
CA GLU F 176 18.46 29.04 -50.78
C GLU F 176 17.27 29.95 -51.09
N MET F 177 17.00 30.10 -52.39
CA MET F 177 15.82 30.82 -52.92
C MET F 177 14.58 29.91 -52.88
N ARG F 178 13.49 30.37 -53.48
CA ARG F 178 12.28 29.53 -53.69
C ARG F 178 12.62 28.16 -54.31
N ASP F 179 13.49 28.20 -55.31
CA ASP F 179 14.02 27.02 -56.01
C ASP F 179 15.56 26.94 -55.90
N GLY F 180 16.04 27.57 -54.83
CA GLY F 180 17.37 28.09 -54.77
C GLY F 180 18.65 27.33 -54.56
N GLN F 181 19.76 28.06 -54.72
CA GLN F 181 21.08 27.53 -54.60
C GLN F 181 21.85 28.24 -53.51
N VAL F 182 22.86 27.51 -53.06
CA VAL F 182 23.60 27.86 -51.86
C VAL F 182 24.68 28.91 -52.15
N LEU F 183 24.61 30.02 -51.44
CA LEU F 183 25.64 31.07 -51.50
C LEU F 183 26.63 30.92 -50.35
N GLY F 184 26.26 30.13 -49.36
CA GLY F 184 27.13 29.74 -48.25
C GLY F 184 26.77 28.43 -47.54
N ARG F 185 27.37 27.33 -47.99
CA ARG F 185 27.07 26.02 -47.46
C ARG F 185 27.98 25.92 -46.30
N ARG F 186 27.46 25.54 -45.15
CA ARG F 186 28.30 25.40 -43.97
C ARG F 186 27.80 24.30 -43.05
N SER F 187 28.72 23.66 -42.36
CA SER F 187 28.39 22.49 -41.57
C SER F 187 29.39 22.22 -40.45
N PHE F 188 28.91 21.54 -39.43
CA PHE F 188 29.72 21.18 -38.25
C PHE F 188 29.10 19.94 -37.60
N GLU F 189 29.94 19.17 -36.91
CA GLU F 189 29.48 17.97 -36.21
C GLU F 189 28.69 18.42 -35.00
N GLY F 190 27.60 17.68 -34.71
CA GLY F 190 26.72 18.00 -33.60
C GLY F 190 26.50 16.83 -32.67
N ARG F 191 26.79 17.02 -31.37
CA ARG F 191 26.54 16.01 -30.34
C ARG F 191 25.64 16.63 -29.31
N ILE F 192 24.42 16.12 -29.20
CA ILE F 192 23.52 16.64 -28.19
C ILE F 192 23.51 15.73 -26.95
N CYS F 193 23.83 16.30 -25.81
CA CYS F 193 24.01 15.51 -24.60
C CYS F 193 23.62 16.22 -23.30
N ALA F 194 23.62 15.45 -22.21
CA ALA F 194 23.28 15.90 -20.87
C ALA F 194 24.32 16.85 -20.32
N CYS F 195 25.59 16.53 -20.57
CA CYS F 195 26.69 17.34 -20.04
C CYS F 195 27.66 17.82 -21.13
N PRO F 196 27.27 18.88 -21.89
CA PRO F 196 28.12 19.34 -22.98
C PRO F 196 29.57 19.59 -22.58
N GLY F 197 29.76 20.23 -21.45
CA GLY F 197 31.11 20.51 -20.97
C GLY F 197 31.97 19.27 -20.75
N ARG F 198 31.45 18.35 -19.95
CA ARG F 198 32.16 17.07 -19.66
C ARG F 198 32.55 16.31 -20.92
N ASP F 199 31.57 16.17 -21.80
CA ASP F 199 31.74 15.44 -23.04
C ASP F 199 32.73 16.13 -23.97
N ARG F 200 32.72 17.45 -23.99
CA ARG F 200 33.68 18.21 -24.80
C ARG F 200 35.08 17.95 -24.31
N LYS F 201 35.27 18.16 -23.01
CA LYS F 201 36.56 17.94 -22.38
C LYS F 201 37.08 16.56 -22.71
N ALA F 202 36.23 15.57 -22.45
CA ALA F 202 36.56 14.16 -22.65
C ALA F 202 37.02 13.90 -24.09
N ASP F 203 36.27 14.43 -25.04
CA ASP F 203 36.59 14.26 -26.46
C ASP F 203 37.92 14.96 -26.80
N GLU F 204 38.12 16.15 -26.21
CA GLU F 204 39.32 16.97 -26.46
C GLU F 204 40.58 16.27 -25.99
N ASP F 205 40.51 15.70 -24.80
CA ASP F 205 41.63 14.94 -24.23
C ASP F 205 42.00 13.76 -25.10
N HIS F 206 40.99 13.02 -25.52
CA HIS F 206 41.18 11.87 -26.38
C HIS F 206 41.69 12.24 -27.77
N TYR F 207 41.67 13.52 -28.12
CA TYR F 207 42.24 14.03 -29.36
C TYR F 207 43.70 14.40 -29.20
N ARG F 208 43.97 15.04 -28.07
CA ARG F 208 45.27 15.59 -27.77
C ARG F 208 46.31 14.51 -27.49
N GLU F 209 45.87 13.27 -27.25
CA GLU F 209 46.77 12.10 -27.13
C GLU F 209 46.78 11.16 -28.36
N GLN F 210 45.72 11.23 -29.19
CA GLN F 210 45.66 10.48 -30.47
C GLN F 210 46.42 11.19 -31.59
N HIS G 9 11.53 45.10 -42.03
CA HIS G 9 12.18 43.90 -41.39
C HIS G 9 11.37 43.42 -40.16
N HIS G 10 11.27 42.10 -40.01
CA HIS G 10 10.71 41.45 -38.82
C HIS G 10 11.86 40.91 -37.95
N GLU G 11 12.06 41.48 -36.76
CA GLU G 11 13.27 41.25 -35.92
C GLU G 11 12.92 40.74 -34.53
N PHE G 12 12.83 39.42 -34.42
CA PHE G 12 12.28 38.74 -33.22
C PHE G 12 13.01 39.02 -31.89
N ILE G 13 14.32 38.89 -31.93
CA ILE G 13 15.16 39.30 -30.82
C ILE G 13 15.71 40.69 -31.10
N PRO G 14 15.40 41.66 -30.24
CA PRO G 14 15.99 42.99 -30.41
C PRO G 14 17.45 43.00 -30.06
N SER G 15 18.22 43.79 -30.81
CA SER G 15 19.61 44.06 -30.50
C SER G 15 19.75 44.92 -29.24
N ASN G 16 20.88 44.74 -28.55
CA ASN G 16 21.23 45.52 -27.37
C ASN G 16 22.61 46.19 -27.45
N THR G 17 23.33 45.98 -28.53
CA THR G 17 24.64 46.61 -28.62
C THR G 17 24.61 48.09 -29.06
N ASP G 18 25.35 48.90 -28.31
CA ASP G 18 25.41 50.34 -28.55
C ASP G 18 25.91 50.65 -29.93
N TYR G 19 25.36 51.73 -30.48
CA TYR G 19 25.66 52.17 -31.83
C TYR G 19 25.39 53.68 -31.88
N PRO G 20 26.42 54.49 -31.61
CA PRO G 20 26.19 55.93 -31.60
C PRO G 20 25.72 56.43 -32.95
N GLY G 21 26.15 55.78 -34.03
CA GLY G 21 25.71 56.18 -35.36
C GLY G 21 26.26 57.52 -35.80
N PRO G 22 25.73 58.08 -36.90
CA PRO G 22 26.21 59.36 -37.43
C PRO G 22 26.14 60.50 -36.42
N HIS G 23 25.04 60.56 -35.70
CA HIS G 23 24.83 61.58 -34.67
C HIS G 23 25.31 61.01 -33.37
N HIS G 24 25.77 61.87 -32.48
CA HIS G 24 26.43 61.41 -31.26
C HIS G 24 25.47 60.80 -30.21
N PHE G 25 24.68 59.83 -30.66
CA PHE G 25 23.53 59.32 -29.89
C PHE G 25 23.98 58.72 -28.57
N GLU G 26 23.44 59.25 -27.48
CA GLU G 26 23.82 58.74 -26.16
C GLU G 26 22.80 59.09 -25.11
N VAL G 27 22.67 58.19 -24.15
CA VAL G 27 21.78 58.39 -23.03
C VAL G 27 22.53 58.55 -21.71
N THR G 28 22.00 59.42 -20.87
CA THR G 28 22.61 59.76 -19.59
C THR G 28 21.58 59.88 -18.52
N PHE G 29 22.04 59.84 -17.28
CA PHE G 29 21.15 60.00 -16.12
C PHE G 29 21.74 61.11 -15.25
N GLN G 30 21.00 62.21 -15.15
CA GLN G 30 21.58 63.46 -14.68
C GLN G 30 21.80 63.50 -13.19
N GLN G 31 20.77 63.16 -12.41
CA GLN G 31 20.78 63.31 -10.96
C GLN G 31 21.20 62.05 -10.26
N SER G 32 22.46 62.00 -9.86
CA SER G 32 22.85 60.92 -9.00
C SER G 32 21.89 61.15 -7.86
N SER G 33 20.99 60.19 -7.65
CA SER G 33 19.92 60.33 -6.70
C SER G 33 20.36 60.05 -5.26
N THR G 34 19.41 60.26 -4.36
CA THR G 34 19.63 60.00 -2.92
C THR G 34 20.11 58.61 -2.52
N ALA G 35 20.73 58.59 -1.35
CA ALA G 35 21.41 57.41 -0.80
C ALA G 35 20.57 56.14 -0.83
N LYS G 36 19.49 56.03 -0.05
CA LYS G 36 18.58 54.89 -0.03
C LYS G 36 17.10 55.16 -0.41
N SER G 37 16.46 54.14 -0.98
CA SER G 37 15.03 54.12 -1.35
C SER G 37 14.59 55.36 -2.14
N ALA G 38 15.51 55.83 -2.95
CA ALA G 38 15.28 56.95 -3.84
C ALA G 38 14.34 56.50 -4.96
N THR G 39 13.44 57.36 -5.40
CA THR G 39 12.53 56.99 -6.48
C THR G 39 13.20 56.26 -7.63
N TRP G 40 14.41 56.71 -7.93
CA TRP G 40 15.25 56.03 -8.88
C TRP G 40 16.70 56.43 -8.69
N THR G 41 17.58 55.56 -9.10
CA THR G 41 19.01 55.84 -9.03
C THR G 41 19.73 55.07 -10.11
N TYR G 42 20.88 55.59 -10.54
CA TYR G 42 21.65 54.97 -11.60
C TYR G 42 23.07 54.67 -11.15
N SER G 43 23.50 53.44 -11.41
CA SER G 43 24.88 53.03 -11.19
C SER G 43 25.58 53.12 -12.54
N PRO G 44 26.44 54.15 -12.73
CA PRO G 44 27.19 54.17 -14.00
C PRO G 44 28.22 53.05 -14.07
N LEU G 45 28.70 52.62 -12.90
CA LEU G 45 29.61 51.48 -12.82
C LEU G 45 29.03 50.21 -13.45
N LEU G 46 27.82 49.84 -13.02
CA LEU G 46 27.13 48.62 -13.51
C LEU G 46 26.21 48.87 -14.71
N LYS G 47 26.15 50.12 -15.16
CA LYS G 47 25.31 50.52 -16.31
C LYS G 47 23.84 50.12 -16.12
N LYS G 48 23.39 50.27 -14.90
CA LYS G 48 22.10 49.75 -14.50
C LYS G 48 21.24 50.82 -13.85
N LEU G 49 20.00 50.92 -14.31
CA LEU G 49 19.02 51.85 -13.75
C LEU G 49 18.09 51.16 -12.76
N TYR G 50 17.91 51.79 -11.60
CA TYR G 50 17.08 51.25 -10.54
C TYR G 50 15.91 52.17 -10.29
N CYS G 51 14.69 51.72 -10.62
CA CYS G 51 13.50 52.59 -10.51
C CYS G 51 12.31 51.90 -9.86
N GLN G 52 11.51 52.69 -9.17
CA GLN G 52 10.32 52.17 -8.51
C GLN G 52 9.15 51.97 -9.48
N ILE G 53 8.27 51.02 -9.20
CA ILE G 53 7.11 50.82 -10.09
C ILE G 53 6.21 52.07 -10.08
N ALA G 54 5.82 52.47 -11.28
CA ALA G 54 4.87 53.55 -11.51
C ALA G 54 5.38 54.93 -11.14
N LYS G 55 6.68 55.04 -10.86
CA LYS G 55 7.29 56.33 -10.59
C LYS G 55 7.99 56.84 -11.85
N THR G 56 7.91 58.15 -12.02
CA THR G 56 8.45 58.78 -13.20
C THR G 56 9.96 58.80 -13.15
N CYS G 57 10.55 58.23 -14.19
CA CYS G 57 11.99 58.14 -14.34
C CYS G 57 12.43 58.93 -15.57
N PRO G 58 13.26 59.97 -15.41
CA PRO G 58 13.72 60.78 -16.55
C PRO G 58 15.01 60.29 -17.16
N ILE G 59 15.00 60.17 -18.49
CA ILE G 59 16.19 59.76 -19.25
C ILE G 59 16.62 60.89 -20.14
N GLN G 60 17.92 61.03 -20.31
CA GLN G 60 18.48 62.10 -21.11
C GLN G 60 19.09 61.68 -22.41
N ILE G 61 18.66 62.31 -23.50
CA ILE G 61 19.14 62.00 -24.82
C ILE G 61 19.96 63.16 -25.39
N LYS G 62 21.21 62.89 -25.75
CA LYS G 62 22.15 63.91 -26.30
C LYS G 62 22.52 63.56 -27.73
N VAL G 63 22.89 64.56 -28.53
CA VAL G 63 23.40 64.34 -29.90
C VAL G 63 24.03 65.57 -30.59
N SER G 64 24.52 65.27 -31.80
CA SER G 64 24.63 66.23 -32.93
C SER G 64 23.24 66.50 -33.68
N THR G 65 23.19 66.95 -34.93
CA THR G 65 21.84 67.16 -35.57
C THR G 65 21.21 65.83 -36.03
N PRO G 66 19.86 65.70 -35.98
CA PRO G 66 19.18 64.50 -36.45
C PRO G 66 18.33 64.73 -37.69
N PRO G 67 18.00 63.69 -38.44
CA PRO G 67 17.21 63.81 -39.67
C PRO G 67 15.91 64.63 -39.52
N PRO G 68 15.11 64.72 -40.60
CA PRO G 68 13.87 65.49 -40.55
C PRO G 68 13.11 64.93 -39.35
N PRO G 69 12.34 65.73 -38.63
CA PRO G 69 11.71 65.10 -37.43
C PRO G 69 10.94 63.76 -37.68
N GLY G 70 10.95 63.27 -38.91
CA GLY G 70 10.48 61.93 -39.19
C GLY G 70 11.00 60.96 -38.13
N THR G 71 12.19 61.31 -37.67
CA THR G 71 12.89 60.53 -36.65
C THR G 71 12.18 60.53 -35.29
N ALA G 72 12.23 59.38 -34.64
CA ALA G 72 11.57 59.14 -33.37
C ALA G 72 12.46 58.35 -32.42
N ILE G 73 12.03 58.28 -31.16
CA ILE G 73 12.72 57.47 -30.15
C ILE G 73 11.84 56.35 -29.63
N ARG G 74 12.34 55.13 -29.76
CA ARG G 74 11.64 53.92 -29.25
C ARG G 74 12.32 53.32 -28.03
N ALA G 75 11.52 52.98 -27.03
CA ALA G 75 11.99 52.25 -25.85
C ALA G 75 11.36 50.87 -25.86
N MET G 76 12.18 49.85 -25.68
CA MET G 76 11.73 48.44 -25.69
C MET G 76 12.51 47.61 -24.67
N PRO G 77 11.80 46.83 -23.85
CA PRO G 77 12.45 45.95 -22.90
C PRO G 77 12.73 44.58 -23.47
N VAL G 78 13.82 43.98 -23.03
CA VAL G 78 14.11 42.60 -23.41
C VAL G 78 14.96 41.94 -22.33
N TYR G 79 14.73 40.65 -22.10
CA TYR G 79 15.45 39.92 -21.04
C TYR G 79 16.94 39.81 -21.36
N LYS G 80 17.75 39.99 -20.32
CA LYS G 80 19.21 40.01 -20.42
C LYS G 80 19.76 38.62 -20.69
N LYS G 81 19.28 37.65 -19.92
CA LYS G 81 19.72 36.25 -19.98
C LYS G 81 19.30 35.51 -21.24
N ALA G 82 20.25 34.78 -21.83
CA ALA G 82 20.05 34.02 -23.08
C ALA G 82 18.94 32.97 -22.98
N GLU G 83 18.86 32.28 -21.84
CA GLU G 83 17.74 31.36 -21.57
C GLU G 83 16.42 32.03 -21.95
N HIS G 84 16.27 33.25 -21.46
CA HIS G 84 14.98 33.98 -21.47
C HIS G 84 14.74 34.95 -22.63
N VAL G 85 15.79 35.30 -23.36
CA VAL G 85 15.68 36.43 -24.31
C VAL G 85 14.48 36.31 -25.24
N THR G 86 14.17 35.09 -25.65
CA THR G 86 13.08 34.82 -26.59
C THR G 86 11.68 35.18 -26.05
N ASP G 87 11.57 35.24 -24.73
CA ASP G 87 10.32 35.64 -24.06
C ASP G 87 10.10 37.16 -24.06
N VAL G 88 8.93 37.59 -24.53
CA VAL G 88 8.66 39.01 -24.63
C VAL G 88 8.32 39.55 -23.24
N VAL G 89 8.79 40.76 -22.97
CA VAL G 89 8.67 41.36 -21.65
C VAL G 89 7.34 42.08 -21.57
N LYS G 90 6.41 41.47 -20.85
CA LYS G 90 5.09 42.00 -20.65
C LYS G 90 4.89 42.33 -19.20
N ARG G 91 3.81 43.05 -18.95
CA ARG G 91 3.36 43.29 -17.62
C ARG G 91 2.80 41.97 -17.09
N CYS G 92 3.03 41.71 -15.81
CA CYS G 92 2.50 40.51 -15.16
C CYS G 92 0.96 40.56 -15.17
N PRO G 93 0.29 39.40 -15.13
CA PRO G 93 -1.17 39.42 -15.28
C PRO G 93 -1.85 40.14 -14.13
N ASN G 94 -1.29 39.96 -12.93
CA ASN G 94 -1.81 40.60 -11.72
C ASN G 94 -1.99 42.09 -11.88
N HIS G 95 -0.93 42.75 -12.32
CA HIS G 95 -0.91 44.20 -12.51
C HIS G 95 -1.67 44.63 -13.75
N GLU G 96 -1.52 43.86 -14.82
CA GLU G 96 -2.16 44.19 -16.09
C GLU G 96 -3.64 44.39 -15.84
N LEU G 97 -4.23 43.44 -15.12
CA LEU G 97 -5.64 43.45 -14.78
C LEU G 97 -5.84 44.14 -13.45
N GLY G 98 -6.68 45.15 -13.43
CA GLY G 98 -6.88 45.91 -12.20
C GLY G 98 -6.77 47.38 -12.53
N ARG G 99 -7.65 48.17 -11.94
CA ARG G 99 -7.70 49.61 -12.19
C ARG G 99 -6.50 50.33 -11.53
N ASP G 100 -5.74 49.57 -10.78
CA ASP G 100 -4.61 50.07 -9.98
C ASP G 100 -3.59 50.98 -10.68
N PHE G 101 -3.38 50.83 -11.98
CA PHE G 101 -2.67 51.88 -12.76
C PHE G 101 -3.18 52.07 -14.18
N ASN G 102 -4.32 51.42 -14.45
CA ASN G 102 -4.85 51.32 -15.77
C ASN G 102 -6.18 52.00 -15.80
N GLU G 103 -6.08 53.29 -15.49
CA GLU G 103 -7.18 54.24 -15.42
C GLU G 103 -7.39 55.01 -16.74
N GLY G 104 -8.39 54.61 -17.52
CA GLY G 104 -8.66 55.17 -18.88
C GLY G 104 -7.39 55.56 -19.62
N GLN G 105 -6.67 54.54 -20.12
CA GLN G 105 -5.31 54.75 -20.59
C GLN G 105 -5.15 54.99 -22.09
N SER G 106 -4.16 55.82 -22.44
CA SER G 106 -3.69 56.03 -23.82
C SER G 106 -2.78 54.86 -24.15
N ALA G 107 -2.23 54.21 -23.10
CA ALA G 107 -1.34 53.06 -23.20
C ALA G 107 -2.05 51.77 -22.85
N PRO G 108 -1.68 50.69 -23.54
CA PRO G 108 -2.21 49.38 -23.21
C PRO G 108 -1.74 48.89 -21.84
N ALA G 109 -2.60 48.11 -21.19
CA ALA G 109 -2.37 47.64 -19.82
C ALA G 109 -1.27 46.60 -19.77
N SER G 110 -1.00 45.97 -20.91
CA SER G 110 -0.01 44.91 -20.99
C SER G 110 1.42 45.41 -21.07
N HIS G 111 1.61 46.63 -21.56
CA HIS G 111 2.96 47.23 -21.73
C HIS G 111 3.68 47.57 -20.44
N LEU G 112 4.94 47.15 -20.35
CA LEU G 112 5.77 47.44 -19.17
C LEU G 112 6.16 48.91 -19.20
N ILE G 113 6.68 49.36 -20.36
CA ILE G 113 7.20 50.74 -20.45
C ILE G 113 6.17 51.71 -21.00
N ARG G 114 5.96 52.77 -20.24
CA ARG G 114 5.01 53.83 -20.58
C ARG G 114 5.78 55.15 -20.67
N VAL G 115 5.27 56.10 -21.47
CA VAL G 115 5.89 57.42 -21.56
C VAL G 115 4.97 58.46 -20.96
N GLU G 116 5.57 59.36 -20.20
CA GLU G 116 4.79 60.27 -19.37
C GLU G 116 4.24 61.55 -19.99
N GLY G 117 5.09 62.38 -20.57
CA GLY G 117 4.61 63.69 -20.99
C GLY G 117 4.22 63.87 -22.45
N ASN G 118 4.06 62.78 -23.20
CA ASN G 118 3.95 62.92 -24.67
C ASN G 118 2.56 62.68 -25.25
N ASN G 119 2.04 63.72 -25.90
CA ASN G 119 0.70 63.69 -26.48
C ASN G 119 0.62 63.05 -27.88
N LEU G 120 1.78 62.64 -28.41
CA LEU G 120 1.92 61.86 -29.67
C LEU G 120 2.61 60.48 -29.53
N SER G 121 2.71 60.02 -28.28
CA SER G 121 3.33 58.73 -27.96
C SER G 121 2.54 57.57 -28.54
N GLN G 122 3.26 56.64 -29.15
CA GLN G 122 2.68 55.50 -29.83
C GLN G 122 3.11 54.21 -29.20
N TYR G 123 2.14 53.35 -28.88
CA TYR G 123 2.41 52.05 -28.28
C TYR G 123 2.24 50.94 -29.29
N VAL G 124 3.35 50.29 -29.61
CA VAL G 124 3.33 49.26 -30.65
C VAL G 124 3.29 47.86 -30.09
N ASP G 125 2.42 47.05 -30.68
CA ASP G 125 2.46 45.61 -30.53
C ASP G 125 2.68 45.05 -31.92
N ASP G 126 3.94 44.79 -32.25
CA ASP G 126 4.23 44.18 -33.54
C ASP G 126 3.42 42.89 -33.63
N PRO G 127 2.53 42.78 -34.64
CA PRO G 127 1.68 41.57 -34.80
C PRO G 127 2.45 40.34 -35.28
N VAL G 128 3.62 40.60 -35.87
CA VAL G 128 4.50 39.57 -36.46
C VAL G 128 5.38 38.99 -35.35
N THR G 129 5.95 39.89 -34.55
CA THR G 129 6.88 39.57 -33.49
C THR G 129 6.26 39.47 -32.08
N GLY G 130 5.11 40.10 -31.90
CA GLY G 130 4.44 40.18 -30.57
C GLY G 130 5.24 41.02 -29.59
N ARG G 131 6.23 41.77 -30.08
CA ARG G 131 7.09 42.58 -29.24
C ARG G 131 6.41 43.88 -28.91
N GLN G 132 6.63 44.33 -27.69
CA GLN G 132 6.01 45.55 -27.20
C GLN G 132 7.03 46.63 -27.04
N SER G 133 6.65 47.83 -27.48
CA SER G 133 7.46 49.03 -27.29
C SER G 133 6.62 50.29 -27.26
N VAL G 134 7.28 51.41 -26.94
CA VAL G 134 6.66 52.75 -26.99
C VAL G 134 7.57 53.70 -27.77
N VAL G 135 6.98 54.43 -28.68
CA VAL G 135 7.76 55.32 -29.56
C VAL G 135 7.20 56.75 -29.54
N VAL G 136 8.06 57.72 -29.19
CA VAL G 136 7.74 59.18 -29.21
C VAL G 136 8.63 59.82 -30.26
N PRO G 137 8.17 60.88 -30.93
CA PRO G 137 9.02 61.53 -31.94
C PRO G 137 10.14 62.34 -31.31
N TYR G 138 11.26 62.46 -32.02
CA TYR G 138 12.40 63.21 -31.55
C TYR G 138 12.09 64.71 -31.56
N GLU G 139 12.40 65.37 -30.46
CA GLU G 139 12.29 66.83 -30.33
C GLU G 139 13.68 67.35 -29.98
N PRO G 140 14.11 68.51 -30.52
CA PRO G 140 15.44 68.97 -30.08
C PRO G 140 15.37 69.55 -28.66
N PRO G 141 16.53 69.76 -28.01
CA PRO G 141 16.52 70.18 -26.60
C PRO G 141 15.93 71.56 -26.35
N GLN G 142 15.26 71.70 -25.22
CA GLN G 142 14.76 72.99 -24.78
C GLN G 142 15.92 73.94 -24.57
N VAL G 143 15.70 75.22 -24.88
CA VAL G 143 16.76 76.25 -24.82
C VAL G 143 17.28 76.37 -23.36
N GLY G 144 18.60 76.39 -23.25
CA GLY G 144 19.26 76.40 -21.93
C GLY G 144 19.59 75.01 -21.42
N THR G 145 19.17 73.99 -22.18
CA THR G 145 19.51 72.59 -21.91
C THR G 145 20.16 71.89 -23.12
N GLU G 146 21.09 71.01 -22.80
CA GLU G 146 21.90 70.28 -23.78
C GLU G 146 21.32 68.93 -24.24
N PHE G 147 20.40 68.36 -23.45
CA PHE G 147 19.71 67.09 -23.78
C PHE G 147 18.19 67.20 -23.80
N THR G 148 17.59 66.31 -24.60
CA THR G 148 16.13 66.18 -24.66
C THR G 148 15.74 65.15 -23.62
N THR G 149 15.03 65.58 -22.59
CA THR G 149 14.55 64.67 -21.55
C THR G 149 13.33 63.93 -22.05
N ILE G 150 13.28 62.64 -21.76
CA ILE G 150 12.08 61.83 -21.91
C ILE G 150 11.67 61.25 -20.56
N LEU G 151 10.38 61.25 -20.30
CA LEU G 151 9.87 60.71 -19.03
C LEU G 151 9.30 59.32 -19.23
N TYR G 152 9.86 58.37 -18.51
CA TYR G 152 9.42 56.98 -18.57
C TYR G 152 8.81 56.47 -17.28
N ASN G 153 7.83 55.61 -17.45
CA ASN G 153 7.25 54.87 -16.34
C ASN G 153 7.36 53.37 -16.60
N PHE G 154 7.77 52.62 -15.57
CA PHE G 154 7.88 51.17 -15.65
C PHE G 154 6.83 50.55 -14.75
N MET G 155 5.95 49.76 -15.34
CA MET G 155 4.66 49.41 -14.72
C MET G 155 4.56 48.04 -14.04
N CYS G 156 5.69 47.38 -13.83
CA CYS G 156 5.78 46.17 -12.99
C CYS G 156 7.10 46.12 -12.28
N ASN G 157 7.13 45.55 -11.08
CA ASN G 157 8.43 45.26 -10.44
C ASN G 157 9.16 44.12 -11.13
N SER G 158 10.50 44.19 -11.17
CA SER G 158 11.32 43.17 -11.85
C SER G 158 11.18 41.83 -11.10
N SER G 159 10.69 41.85 -9.85
CA SER G 159 10.40 40.65 -9.00
C SER G 159 8.97 40.11 -9.11
N CYS G 160 8.09 40.88 -9.72
CA CYS G 160 6.72 40.45 -9.96
C CYS G 160 6.63 39.04 -10.51
N VAL G 161 5.89 38.22 -9.78
CA VAL G 161 5.61 36.85 -10.20
C VAL G 161 4.54 36.85 -11.30
N GLY G 162 4.72 35.99 -12.31
CA GLY G 162 3.84 35.93 -13.48
C GLY G 162 4.29 36.86 -14.59
N GLY G 163 5.19 37.78 -14.24
CA GLY G 163 5.81 38.69 -15.18
C GLY G 163 7.30 38.40 -15.22
N MET G 164 8.10 39.46 -15.07
CA MET G 164 9.53 39.33 -14.99
C MET G 164 9.72 38.69 -13.62
N ASN G 165 9.64 37.37 -13.54
CA ASN G 165 9.70 36.70 -12.25
C ASN G 165 11.14 36.67 -11.80
N ARG G 166 11.69 37.80 -11.32
CA ARG G 166 13.09 37.89 -10.84
C ARG G 166 14.12 37.94 -11.98
N ARG G 167 13.66 37.78 -13.20
CA ARG G 167 14.53 37.76 -14.37
C ARG G 167 14.95 39.18 -14.79
N PRO G 168 16.26 39.50 -14.81
CA PRO G 168 16.67 40.85 -15.22
C PRO G 168 16.40 41.14 -16.70
N ILE G 169 16.08 42.40 -16.99
CA ILE G 169 15.87 42.90 -18.36
C ILE G 169 16.74 44.09 -18.59
N LEU G 170 16.91 44.37 -19.86
CA LEU G 170 17.57 45.58 -20.25
C LEU G 170 16.64 46.39 -21.12
N ILE G 171 16.87 47.69 -21.08
CA ILE G 171 16.02 48.65 -21.77
C ILE G 171 16.78 49.08 -23.01
N ILE G 172 16.13 49.02 -24.17
CA ILE G 172 16.78 49.37 -25.41
C ILE G 172 16.17 50.65 -25.98
N ILE G 173 16.91 51.75 -25.84
CA ILE G 173 16.52 53.05 -26.37
C ILE G 173 17.06 53.17 -27.78
N THR G 174 16.16 53.41 -28.72
CA THR G 174 16.54 53.44 -30.10
C THR G 174 16.12 54.73 -30.79
N LEU G 175 17.09 55.35 -31.47
CA LEU G 175 16.89 56.55 -32.25
C LEU G 175 16.72 56.12 -33.70
N GLU G 176 15.57 56.41 -34.27
CA GLU G 176 15.25 55.89 -35.61
C GLU G 176 14.43 56.80 -36.55
N MET G 177 14.60 56.55 -37.85
CA MET G 177 13.94 57.29 -38.92
C MET G 177 12.46 56.93 -39.01
N ARG G 178 11.72 57.79 -39.69
CA ARG G 178 10.27 57.70 -39.74
C ARG G 178 9.75 56.37 -40.24
N ASP G 179 10.31 55.93 -41.36
CA ASP G 179 10.06 54.60 -41.93
C ASP G 179 11.31 53.73 -41.88
N GLY G 180 12.33 54.17 -42.61
CA GLY G 180 13.67 53.67 -42.47
C GLY G 180 13.90 53.71 -41.00
N GLN G 181 14.77 52.87 -40.46
CA GLN G 181 14.89 52.77 -39.03
C GLN G 181 16.13 53.37 -38.44
N VAL G 182 17.19 52.60 -38.30
CA VAL G 182 18.10 52.83 -37.17
C VAL G 182 19.33 53.65 -37.45
N LEU G 183 19.48 54.73 -36.70
CA LEU G 183 20.70 55.54 -36.73
C LEU G 183 21.33 55.73 -35.37
N GLY G 184 20.71 55.16 -34.34
CA GLY G 184 21.29 55.22 -33.03
C GLY G 184 20.71 54.16 -32.14
N ARG G 185 21.52 53.71 -31.19
CA ARG G 185 21.05 52.77 -30.21
C ARG G 185 21.87 52.80 -28.93
N ARG G 186 21.18 52.55 -27.82
CA ARG G 186 21.83 52.32 -26.53
C ARG G 186 21.00 51.41 -25.69
N SER G 187 21.67 50.67 -24.81
CA SER G 187 20.96 49.85 -23.83
C SER G 187 21.53 50.07 -22.46
N PHE G 188 20.70 49.73 -21.49
CA PHE G 188 21.10 49.68 -20.09
C PHE G 188 20.21 48.69 -19.35
N GLU G 189 20.76 48.06 -18.31
CA GLU G 189 20.00 47.06 -17.53
C GLU G 189 18.99 47.82 -16.69
N GLY G 190 17.79 47.25 -16.59
CA GLY G 190 16.72 47.87 -15.81
C GLY G 190 16.36 46.98 -14.64
N ARG G 191 16.00 47.62 -13.54
CA ARG G 191 15.60 46.86 -12.35
C ARG G 191 14.54 47.67 -11.60
N ILE G 192 13.31 47.16 -11.60
CA ILE G 192 12.20 47.81 -10.97
C ILE G 192 12.04 47.19 -9.59
N CYS G 193 12.30 47.99 -8.56
CA CYS G 193 12.30 47.46 -7.20
C CYS G 193 11.73 48.44 -6.20
N ALA G 194 11.51 47.95 -4.99
CA ALA G 194 10.96 48.75 -3.91
C ALA G 194 11.99 49.72 -3.35
N CYS G 195 13.23 49.24 -3.21
CA CYS G 195 14.31 50.04 -2.60
C CYS G 195 15.51 50.19 -3.53
N PRO G 196 15.42 51.09 -4.53
CA PRO G 196 16.52 51.23 -5.49
C PRO G 196 17.85 51.50 -4.84
N GLY G 197 17.81 52.25 -3.74
CA GLY G 197 19.03 52.60 -3.04
C GLY G 197 19.79 51.42 -2.53
N ARG G 198 19.16 50.61 -1.67
CA ARG G 198 19.86 49.44 -1.14
C ARG G 198 20.31 48.52 -2.24
N ASP G 199 19.49 48.35 -3.27
CA ASP G 199 19.76 47.41 -4.36
C ASP G 199 20.94 47.88 -5.23
N ARG G 200 21.02 49.17 -5.46
CA ARG G 200 22.19 49.77 -6.13
C ARG G 200 23.42 49.56 -5.26
N LYS G 201 23.29 49.96 -4.00
CA LYS G 201 24.37 49.88 -3.02
C LYS G 201 24.91 48.46 -2.92
N ALA G 202 24.01 47.50 -2.79
CA ALA G 202 24.33 46.08 -2.74
C ALA G 202 25.14 45.65 -3.97
N ASP G 203 24.70 46.10 -5.14
CA ASP G 203 25.41 45.82 -6.39
C ASP G 203 26.78 46.53 -6.45
N GLU G 204 26.86 47.74 -5.91
CA GLU G 204 28.12 48.50 -5.83
C GLU G 204 29.21 47.72 -5.04
N ASP G 205 28.80 47.15 -3.91
CA ASP G 205 29.64 46.36 -2.99
C ASP G 205 30.07 45.03 -3.62
N HIS G 206 29.16 44.43 -4.37
CA HIS G 206 29.40 43.17 -5.09
C HIS G 206 30.42 43.29 -6.20
N TYR G 207 30.79 44.52 -6.57
CA TYR G 207 31.76 44.74 -7.64
C TYR G 207 33.19 44.77 -7.09
N ARG G 208 33.32 44.98 -5.77
CA ARG G 208 34.60 44.82 -5.06
C ARG G 208 35.10 43.37 -5.09
N GLU G 209 34.18 42.45 -5.31
CA GLU G 209 34.49 41.03 -5.46
C GLU G 209 34.99 40.72 -6.88
N HIS H 9 -21.38 39.58 -2.51
CA HIS H 9 -20.82 38.99 -1.26
C HIS H 9 -21.78 37.95 -0.66
N HIS H 10 -21.23 36.82 -0.21
CA HIS H 10 -21.97 35.80 0.53
C HIS H 10 -21.10 35.45 1.73
N GLU H 11 -21.75 35.30 2.88
CA GLU H 11 -21.08 35.08 4.15
C GLU H 11 -21.57 33.78 4.77
N PHE H 12 -20.85 32.72 4.43
CA PHE H 12 -21.15 31.36 4.84
C PHE H 12 -19.87 30.80 5.41
N ILE H 13 -20.00 30.03 6.49
CA ILE H 13 -18.87 29.39 7.12
C ILE H 13 -18.97 27.88 6.98
N PRO H 14 -18.05 27.26 6.23
CA PRO H 14 -18.04 25.80 6.27
C PRO H 14 -17.86 25.27 7.69
N SER H 15 -18.76 24.40 8.09
CA SER H 15 -18.65 23.79 9.39
C SER H 15 -17.26 23.16 9.50
N ASN H 16 -16.69 23.14 10.71
CA ASN H 16 -15.35 22.57 10.97
C ASN H 16 -15.20 21.68 12.20
N THR H 17 -16.22 21.60 13.04
CA THR H 17 -16.12 20.85 14.27
C THR H 17 -15.54 19.50 14.03
N ASP H 18 -14.57 19.12 14.85
CA ASP H 18 -14.03 17.78 14.79
C ASP H 18 -15.20 16.81 14.96
N TYR H 19 -15.29 15.81 14.08
CA TYR H 19 -16.38 14.81 14.11
C TYR H 19 -15.89 13.44 13.68
N PRO H 20 -15.70 12.54 14.65
CA PRO H 20 -15.16 11.23 14.29
C PRO H 20 -16.22 10.37 13.65
N GLY H 21 -17.43 10.47 14.17
CA GLY H 21 -18.55 9.77 13.56
C GLY H 21 -18.53 8.26 13.72
N PRO H 22 -19.47 7.60 13.03
CA PRO H 22 -19.77 6.19 13.22
C PRO H 22 -18.56 5.30 13.02
N HIS H 23 -17.66 5.73 12.14
CA HIS H 23 -16.48 4.96 11.71
C HIS H 23 -15.12 5.50 12.17
N HIS H 24 -15.13 6.23 13.28
CA HIS H 24 -13.92 6.83 13.86
C HIS H 24 -12.95 7.23 12.76
N PHE H 25 -13.39 8.22 12.04
CA PHE H 25 -12.63 8.81 10.96
C PHE H 25 -11.47 9.60 11.51
N GLU H 26 -10.27 9.27 11.03
CA GLU H 26 -9.06 9.96 11.49
C GLU H 26 -8.03 10.22 10.39
N VAL H 27 -7.51 11.44 10.43
CA VAL H 27 -6.53 11.90 9.48
C VAL H 27 -5.19 12.02 10.17
N THR H 28 -4.19 11.31 9.62
CA THR H 28 -2.87 11.22 10.26
C THR H 28 -1.78 11.41 9.22
N PHE H 29 -0.57 11.68 9.70
CA PHE H 29 0.59 11.92 8.81
C PHE H 29 1.74 10.96 9.06
N GLN H 30 2.33 10.47 7.98
CA GLN H 30 3.39 9.46 8.04
C GLN H 30 4.76 9.84 8.63
N GLN H 31 5.49 10.76 7.99
CA GLN H 31 6.89 11.05 8.29
C GLN H 31 7.31 12.52 8.16
N SER H 32 8.50 12.74 8.71
CA SER H 32 9.03 14.08 8.92
C SER H 32 10.03 14.59 7.86
N SER H 33 11.05 13.79 7.57
CA SER H 33 12.13 14.18 6.64
C SER H 33 12.67 15.61 6.92
N THR H 34 12.66 16.04 8.17
CA THR H 34 12.93 17.47 8.46
C THR H 34 14.19 17.99 7.77
N ALA H 35 13.98 18.90 6.84
CA ALA H 35 15.02 19.51 6.10
C ALA H 35 14.52 20.92 5.99
N LYS H 36 15.44 21.85 5.81
CA LYS H 36 15.08 23.26 5.71
C LYS H 36 14.08 23.47 4.58
N SER H 37 14.34 22.83 3.44
CA SER H 37 13.47 22.90 2.28
C SER H 37 12.85 21.55 1.91
N ALA H 38 12.42 20.80 2.92
CA ALA H 38 11.80 19.48 2.69
C ALA H 38 10.48 19.63 1.98
N THR H 39 10.17 18.75 1.04
CA THR H 39 8.91 18.81 0.30
C THR H 39 7.72 19.15 1.21
N TRP H 40 7.70 18.55 2.39
CA TRP H 40 6.66 18.80 3.38
C TRP H 40 7.04 18.27 4.76
N THR H 41 6.30 18.71 5.77
CA THR H 41 6.39 18.15 7.11
C THR H 41 5.15 18.52 7.93
N TYR H 42 4.84 17.70 8.93
CA TYR H 42 3.71 17.96 9.81
C TYR H 42 4.17 18.02 11.27
N SER H 43 3.74 19.08 11.95
CA SER H 43 4.04 19.26 13.38
C SER H 43 2.84 18.83 14.18
N PRO H 44 2.96 17.78 15.01
CA PRO H 44 1.81 17.48 15.86
C PRO H 44 1.67 18.45 17.05
N LEU H 45 2.76 19.11 17.45
CA LEU H 45 2.77 20.06 18.57
C LEU H 45 1.76 21.18 18.36
N LEU H 46 1.90 21.86 17.21
CA LEU H 46 0.83 22.72 16.69
C LEU H 46 0.32 21.98 15.49
N LYS H 47 -0.97 21.62 15.50
CA LYS H 47 -1.52 20.64 14.51
C LYS H 47 -1.49 21.24 13.12
N LYS H 48 -0.30 21.33 12.55
CA LYS H 48 -0.06 22.16 11.40
C LYS H 48 0.77 21.48 10.33
N LEU H 49 0.24 21.49 9.10
CA LEU H 49 0.94 20.91 7.96
C LEU H 49 1.71 22.00 7.24
N TYR H 50 2.97 21.71 6.97
CA TYR H 50 3.84 22.62 6.23
C TYR H 50 4.15 21.94 4.89
N CYS H 51 3.56 22.46 3.81
CA CYS H 51 3.73 21.87 2.49
C CYS H 51 4.37 22.87 1.55
N GLN H 52 5.21 22.37 0.66
CA GLN H 52 5.87 23.16 -0.37
C GLN H 52 4.98 23.30 -1.63
N ILE H 53 4.87 24.50 -2.15
CA ILE H 53 3.88 24.77 -3.19
C ILE H 53 4.01 23.81 -4.36
N ALA H 54 2.88 23.23 -4.74
CA ALA H 54 2.74 22.37 -5.93
C ALA H 54 3.45 21.03 -5.82
N LYS H 55 3.82 20.68 -4.60
CA LYS H 55 4.51 19.43 -4.36
C LYS H 55 3.60 18.39 -3.69
N THR H 56 3.90 17.14 -3.95
CA THR H 56 3.08 16.03 -3.51
C THR H 56 3.14 15.83 -1.99
N CYS H 57 1.97 15.92 -1.37
CA CYS H 57 1.78 15.84 0.06
C CYS H 57 0.77 14.74 0.39
N PRO H 58 1.24 13.62 0.97
CA PRO H 58 0.34 12.52 1.30
C PRO H 58 -0.38 12.73 2.61
N ILE H 59 -1.67 12.43 2.62
CA ILE H 59 -2.49 12.37 3.82
C ILE H 59 -2.97 10.95 4.05
N GLN H 60 -2.85 10.46 5.27
CA GLN H 60 -3.35 9.13 5.60
C GLN H 60 -4.74 9.19 6.20
N ILE H 61 -5.62 8.34 5.71
CA ILE H 61 -6.99 8.30 6.17
C ILE H 61 -7.34 6.95 6.72
N LYS H 62 -7.90 6.98 7.92
CA LYS H 62 -8.21 5.79 8.63
C LYS H 62 -9.66 5.83 9.08
N VAL H 63 -10.35 4.72 8.87
CA VAL H 63 -11.71 4.51 9.37
C VAL H 63 -11.72 3.16 10.09
N SER H 64 -12.05 3.13 11.37
CA SER H 64 -12.17 1.84 12.07
C SER H 64 -13.12 0.81 11.43
N THR H 65 -14.26 1.30 10.96
CA THR H 65 -15.23 0.49 10.20
C THR H 65 -15.29 1.01 8.75
N PRO H 66 -15.58 0.12 7.80
CA PRO H 66 -15.82 0.64 6.45
C PRO H 66 -17.05 1.54 6.40
N PRO H 67 -17.09 2.50 5.47
CA PRO H 67 -18.26 3.33 5.24
C PRO H 67 -19.22 2.57 4.33
N PRO H 68 -20.46 3.07 4.16
CA PRO H 68 -21.41 2.47 3.21
C PRO H 68 -20.83 2.55 1.79
N PRO H 69 -21.58 2.08 0.77
CA PRO H 69 -21.08 2.18 -0.60
C PRO H 69 -21.28 3.55 -1.20
N GLY H 70 -20.31 4.03 -1.99
CA GLY H 70 -20.43 5.31 -2.71
C GLY H 70 -20.18 6.60 -1.91
N THR H 71 -19.56 6.44 -0.75
CA THR H 71 -19.14 7.56 0.09
C THR H 71 -17.79 8.01 -0.42
N ALA H 72 -17.45 9.26 -0.09
CA ALA H 72 -16.32 9.96 -0.68
C ALA H 72 -15.62 10.87 0.33
N ILE H 73 -14.47 11.38 -0.08
CA ILE H 73 -13.70 12.27 0.76
C ILE H 73 -13.48 13.62 0.10
N ARG H 74 -13.88 14.67 0.84
CA ARG H 74 -13.74 16.04 0.38
C ARG H 74 -12.75 16.81 1.19
N ALA H 75 -12.01 17.65 0.51
CA ALA H 75 -11.07 18.55 1.15
C ALA H 75 -11.30 19.97 0.69
N MET H 76 -11.37 20.89 1.65
CA MET H 76 -11.70 22.27 1.36
C MET H 76 -10.90 23.20 2.25
N PRO H 77 -10.30 24.25 1.65
CA PRO H 77 -9.58 25.26 2.43
C PRO H 77 -10.47 26.37 2.99
N VAL H 78 -10.14 26.80 4.20
CA VAL H 78 -10.84 27.86 4.91
C VAL H 78 -9.85 28.71 5.64
N TYR H 79 -10.02 30.04 5.64
CA TYR H 79 -9.15 30.91 6.43
C TYR H 79 -9.41 30.71 7.91
N LYS H 80 -8.35 30.66 8.67
CA LYS H 80 -8.49 30.29 10.07
C LYS H 80 -8.91 31.48 10.96
N LYS H 81 -8.47 32.70 10.65
CA LYS H 81 -8.79 33.90 11.44
C LYS H 81 -10.23 34.37 11.26
N ALA H 82 -10.86 34.74 12.38
CA ALA H 82 -12.28 35.12 12.38
C ALA H 82 -12.65 36.20 11.36
N GLU H 83 -11.84 37.25 11.24
CA GLU H 83 -12.12 38.32 10.28
C GLU H 83 -12.37 37.74 8.91
N HIS H 84 -11.47 36.84 8.56
CA HIS H 84 -11.34 36.37 7.18
C HIS H 84 -12.16 35.11 6.88
N VAL H 85 -12.75 34.51 7.91
CA VAL H 85 -13.36 33.19 7.75
C VAL H 85 -14.36 33.11 6.59
N THR H 86 -15.21 34.13 6.44
CA THR H 86 -16.21 34.10 5.34
C THR H 86 -15.59 34.23 3.96
N ASP H 87 -14.35 34.72 3.88
CA ASP H 87 -13.69 34.86 2.58
C ASP H 87 -13.31 33.51 2.01
N VAL H 88 -13.60 33.32 0.73
CA VAL H 88 -13.29 32.07 0.06
C VAL H 88 -11.80 31.98 -0.28
N VAL H 89 -11.25 30.79 -0.13
CA VAL H 89 -9.84 30.56 -0.37
C VAL H 89 -9.61 30.12 -1.81
N LYS H 90 -8.99 30.99 -2.59
CA LYS H 90 -8.72 30.67 -3.98
C LYS H 90 -7.27 30.88 -4.35
N ARG H 91 -6.89 30.47 -5.54
CA ARG H 91 -5.55 30.65 -6.02
C ARG H 91 -5.34 32.10 -6.42
N CYS H 92 -4.14 32.62 -6.22
CA CYS H 92 -3.83 34.01 -6.58
C CYS H 92 -3.86 34.19 -8.11
N PRO H 93 -4.19 35.40 -8.61
CA PRO H 93 -4.34 35.63 -10.05
C PRO H 93 -3.06 35.27 -10.78
N ASN H 94 -1.93 35.61 -10.17
CA ASN H 94 -0.61 35.35 -10.76
C ASN H 94 -0.40 33.89 -11.17
N HIS H 95 -0.63 33.00 -10.22
CA HIS H 95 -0.47 31.56 -10.42
C HIS H 95 -1.60 30.96 -11.27
N GLU H 96 -2.80 31.51 -11.13
CA GLU H 96 -3.97 31.10 -11.92
C GLU H 96 -3.80 31.41 -13.41
N LEU H 97 -3.41 32.65 -13.69
CA LEU H 97 -3.24 33.17 -15.06
C LEU H 97 -1.94 32.73 -15.71
N GLY H 98 -0.93 32.47 -14.89
CA GLY H 98 0.31 31.84 -15.35
C GLY H 98 0.03 30.48 -15.98
N ARG H 99 0.93 30.02 -16.84
CA ARG H 99 0.91 28.67 -17.40
C ARG H 99 2.00 27.75 -16.83
N ASP H 100 2.16 27.78 -15.51
CA ASP H 100 3.24 27.07 -14.88
C ASP H 100 2.92 25.63 -14.50
N PHE H 101 1.74 25.41 -13.92
CA PHE H 101 1.26 24.06 -13.58
C PHE H 101 -0.06 23.76 -14.26
N ASN H 102 -0.53 24.75 -15.01
CA ASN H 102 -1.91 24.75 -15.47
C ASN H 102 -2.02 24.19 -16.88
N GLU H 103 -0.88 24.05 -17.55
CA GLU H 103 -0.86 23.48 -18.89
C GLU H 103 -1.18 22.00 -18.75
N GLY H 104 -2.42 21.65 -19.10
CA GLY H 104 -2.82 20.25 -19.23
C GLY H 104 -3.17 19.48 -17.95
N GLN H 105 -3.96 20.11 -17.09
CA GLN H 105 -4.59 19.47 -15.92
C GLN H 105 -6.13 19.36 -16.04
N SER H 106 -6.69 18.49 -15.19
CA SER H 106 -8.12 18.24 -15.04
C SER H 106 -8.69 19.26 -14.06
N ALA H 107 -7.81 19.89 -13.27
CA ALA H 107 -8.25 20.84 -12.24
C ALA H 107 -8.37 22.25 -12.78
N PRO H 108 -9.35 23.02 -12.26
CA PRO H 108 -9.45 24.42 -12.62
C PRO H 108 -8.26 25.20 -12.09
N ALA H 109 -7.87 26.24 -12.82
CA ALA H 109 -6.69 27.02 -12.47
C ALA H 109 -6.92 27.86 -11.22
N SER H 110 -8.18 28.04 -10.83
CA SER H 110 -8.54 28.83 -9.64
C SER H 110 -8.38 28.07 -8.33
N HIS H 111 -8.49 26.74 -8.38
CA HIS H 111 -8.45 25.88 -7.18
C HIS H 111 -7.12 25.77 -6.50
N LEU H 112 -7.14 25.98 -5.20
CA LEU H 112 -5.94 25.90 -4.41
C LEU H 112 -5.54 24.46 -4.23
N ILE H 113 -6.48 23.64 -3.81
CA ILE H 113 -6.13 22.26 -3.49
C ILE H 113 -6.53 21.31 -4.61
N ARG H 114 -5.53 20.56 -5.08
CA ARG H 114 -5.71 19.56 -6.12
C ARG H 114 -5.40 18.20 -5.56
N VAL H 115 -5.87 17.18 -6.27
CA VAL H 115 -5.47 15.83 -5.97
C VAL H 115 -4.44 15.35 -7.00
N GLU H 116 -3.50 14.53 -6.55
CA GLU H 116 -2.47 13.99 -7.41
C GLU H 116 -2.60 12.48 -7.52
N GLY H 117 -2.77 12.02 -8.76
CA GLY H 117 -2.82 10.60 -9.02
C GLY H 117 -4.19 9.99 -8.82
N ASN H 118 -5.24 10.75 -9.08
CA ASN H 118 -6.55 10.14 -9.15
C ASN H 118 -7.44 10.70 -10.26
N ASN H 119 -7.82 9.82 -11.16
CA ASN H 119 -8.60 10.17 -12.34
C ASN H 119 -10.09 10.36 -12.07
N LEU H 120 -10.57 9.96 -10.89
CA LEU H 120 -11.98 10.10 -10.48
C LEU H 120 -12.28 11.35 -9.64
N SER H 121 -11.24 12.10 -9.35
CA SER H 121 -11.38 13.29 -8.56
C SER H 121 -12.36 14.25 -9.21
N GLN H 122 -13.28 14.79 -8.41
CA GLN H 122 -14.23 15.83 -8.83
C GLN H 122 -13.83 17.14 -8.19
N TYR H 123 -13.64 18.19 -8.98
CA TYR H 123 -13.34 19.53 -8.49
C TYR H 123 -14.60 20.35 -8.41
N VAL H 124 -14.98 20.72 -7.19
CA VAL H 124 -16.28 21.35 -6.96
C VAL H 124 -16.19 22.86 -6.74
N ASP H 125 -17.11 23.57 -7.39
CA ASP H 125 -17.36 24.99 -7.15
C ASP H 125 -18.82 25.16 -6.77
N ASP H 126 -19.11 25.29 -5.50
CA ASP H 126 -20.50 25.39 -5.03
C ASP H 126 -21.23 26.58 -5.65
N PRO H 127 -22.45 26.34 -6.22
CA PRO H 127 -23.20 27.40 -6.89
C PRO H 127 -23.78 28.45 -5.96
N VAL H 128 -24.06 28.06 -4.73
CA VAL H 128 -24.69 28.93 -3.73
C VAL H 128 -23.61 29.72 -3.00
N THR H 129 -22.64 28.99 -2.43
CA THR H 129 -21.53 29.54 -1.66
C THR H 129 -20.26 29.24 -2.40
N GLY H 130 -19.81 30.19 -3.20
CA GLY H 130 -18.71 29.97 -4.14
C GLY H 130 -17.41 29.35 -3.68
N ARG H 131 -17.54 28.29 -2.90
CA ARG H 131 -16.40 27.70 -2.24
C ARG H 131 -15.67 26.74 -3.18
N GLN H 132 -14.37 26.65 -2.99
CA GLN H 132 -13.58 25.69 -3.75
C GLN H 132 -13.53 24.38 -3.00
N SER H 133 -13.17 23.33 -3.72
CA SER H 133 -13.25 22.01 -3.11
C SER H 133 -12.74 20.93 -4.03
N VAL H 134 -12.37 19.78 -3.48
CA VAL H 134 -12.06 18.63 -4.29
C VAL H 134 -12.50 17.37 -3.59
N VAL H 135 -13.13 16.48 -4.33
CA VAL H 135 -13.66 15.26 -3.73
C VAL H 135 -13.18 14.04 -4.51
N VAL H 136 -13.16 12.95 -3.79
CA VAL H 136 -12.64 11.70 -4.31
C VAL H 136 -13.32 10.53 -3.65
N PRO H 137 -13.62 9.45 -4.40
CA PRO H 137 -14.31 8.34 -3.76
C PRO H 137 -13.45 7.66 -2.70
N TYR H 138 -14.11 7.19 -1.65
CA TYR H 138 -13.43 6.46 -0.60
C TYR H 138 -13.06 5.13 -1.16
N GLU H 139 -11.81 4.76 -0.94
CA GLU H 139 -11.28 3.48 -1.39
C GLU H 139 -10.72 2.73 -0.20
N PRO H 140 -11.34 1.57 0.09
CA PRO H 140 -10.77 0.75 1.14
C PRO H 140 -9.36 0.34 0.74
N PRO H 141 -8.41 0.44 1.67
CA PRO H 141 -7.01 0.22 1.34
C PRO H 141 -6.71 -1.25 1.02
N GLN H 142 -5.47 -1.50 0.63
CA GLN H 142 -5.00 -2.86 0.34
C GLN H 142 -5.25 -3.73 1.54
N VAL H 143 -5.55 -5.00 1.30
CA VAL H 143 -5.71 -5.95 2.40
C VAL H 143 -4.40 -5.89 3.21
N GLY H 144 -4.55 -5.53 4.48
CA GLY H 144 -3.43 -5.49 5.42
C GLY H 144 -2.75 -4.14 5.66
N THR H 145 -3.12 -3.12 4.88
CA THR H 145 -2.60 -1.74 5.09
C THR H 145 -3.48 -1.01 6.10
N GLU H 146 -2.87 -0.15 6.91
CA GLU H 146 -3.58 0.54 7.99
C GLU H 146 -4.53 1.56 7.42
N PHE H 147 -4.08 2.34 6.45
CA PHE H 147 -4.86 3.47 5.92
C PHE H 147 -4.92 3.65 4.39
N THR H 148 -5.96 4.36 3.99
CA THR H 148 -6.11 4.85 2.65
C THR H 148 -5.38 6.17 2.53
N THR H 149 -4.40 6.22 1.64
CA THR H 149 -3.59 7.42 1.50
C THR H 149 -4.02 8.26 0.31
N ILE H 150 -4.21 9.55 0.55
CA ILE H 150 -4.54 10.49 -0.52
C ILE H 150 -3.39 11.47 -0.76
N LEU H 151 -3.11 11.72 -2.03
CA LEU H 151 -2.05 12.64 -2.42
C LEU H 151 -2.65 13.99 -2.82
N TYR H 152 -2.28 15.00 -2.06
CA TYR H 152 -2.75 16.36 -2.31
C TYR H 152 -1.67 17.25 -2.88
N ASN H 153 -2.10 18.23 -3.65
CA ASN H 153 -1.24 19.31 -4.09
C ASN H 153 -1.84 20.63 -3.68
N PHE H 154 -1.01 21.53 -3.15
CA PHE H 154 -1.45 22.87 -2.81
C PHE H 154 -0.77 23.84 -3.75
N MET H 155 -1.58 24.64 -4.45
CA MET H 155 -1.13 25.33 -5.65
C MET H 155 -0.73 26.80 -5.52
N CYS H 156 -0.67 27.31 -4.30
CA CYS H 156 -0.20 28.68 -4.05
C CYS H 156 0.52 28.71 -2.71
N ASN H 157 1.54 29.53 -2.60
CA ASN H 157 2.19 29.76 -1.29
C ASN H 157 1.21 30.52 -0.36
N SER H 158 1.31 30.28 0.94
CA SER H 158 0.50 31.04 1.90
C SER H 158 0.73 32.54 1.72
N SER H 159 1.98 32.89 1.45
CA SER H 159 2.42 34.29 1.35
C SER H 159 1.96 34.98 0.08
N CYS H 160 1.55 34.21 -0.91
CA CYS H 160 1.10 34.76 -2.19
C CYS H 160 0.15 35.93 -2.00
N VAL H 161 0.58 37.11 -2.42
CA VAL H 161 -0.23 38.33 -2.27
C VAL H 161 -1.36 38.31 -3.30
N GLY H 162 -2.52 38.82 -2.90
CA GLY H 162 -3.69 38.83 -3.77
C GLY H 162 -4.43 37.50 -3.75
N GLY H 163 -3.73 36.47 -3.30
CA GLY H 163 -4.36 35.18 -3.03
C GLY H 163 -4.50 35.13 -1.54
N MET H 164 -4.09 34.02 -0.94
CA MET H 164 -4.14 33.92 0.52
C MET H 164 -3.46 35.12 1.26
N ASN H 165 -2.47 35.71 0.62
CA ASN H 165 -1.77 36.91 1.12
C ASN H 165 -1.35 36.85 2.56
N ARG H 166 -0.57 35.82 2.88
CA ARG H 166 0.01 35.60 4.22
C ARG H 166 -0.98 35.17 5.28
N ARG H 167 -2.26 35.06 4.93
CA ARG H 167 -3.26 34.69 5.95
C ARG H 167 -3.38 33.17 6.11
N PRO H 168 -3.24 32.66 7.34
CA PRO H 168 -3.32 31.21 7.55
C PRO H 168 -4.67 30.60 7.17
N ILE H 169 -4.61 29.33 6.81
CA ILE H 169 -5.79 28.55 6.43
C ILE H 169 -5.88 27.24 7.20
N LEU H 170 -7.10 26.72 7.22
CA LEU H 170 -7.46 25.49 7.86
C LEU H 170 -7.89 24.58 6.76
N ILE H 171 -7.43 23.33 6.76
CA ILE H 171 -7.79 22.38 5.69
C ILE H 171 -8.77 21.45 6.32
N ILE H 172 -9.95 21.36 5.71
CA ILE H 172 -11.01 20.55 6.28
C ILE H 172 -11.27 19.36 5.42
N ILE H 173 -10.94 18.19 5.96
CA ILE H 173 -11.16 16.92 5.30
C ILE H 173 -12.39 16.24 5.86
N THR H 174 -13.35 15.97 4.97
CA THR H 174 -14.61 15.40 5.37
C THR H 174 -14.88 14.10 4.66
N LEU H 175 -15.28 13.12 5.47
CA LEU H 175 -15.75 11.83 4.99
C LEU H 175 -17.25 11.91 4.86
N GLU H 176 -17.78 11.71 3.66
CA GLU H 176 -19.23 11.92 3.43
C GLU H 176 -19.91 11.00 2.41
N MET H 177 -21.22 10.89 2.58
CA MET H 177 -22.04 10.03 1.72
C MET H 177 -22.29 10.65 0.36
N ARG H 178 -22.85 9.86 -0.54
CA ARG H 178 -23.36 10.39 -1.81
C ARG H 178 -24.18 11.71 -1.71
N ASP H 179 -25.11 11.71 -0.76
CA ASP H 179 -25.97 12.87 -0.44
C ASP H 179 -25.10 14.11 -0.34
N GLY H 180 -24.04 13.97 0.45
CA GLY H 180 -23.20 15.08 0.92
C GLY H 180 -23.19 15.06 2.44
N GLN H 181 -24.06 14.23 3.00
CA GLN H 181 -24.12 13.94 4.44
C GLN H 181 -22.77 13.62 5.03
N VAL H 182 -22.46 14.26 6.14
CA VAL H 182 -21.19 14.06 6.81
C VAL H 182 -21.19 12.88 7.77
N LEU H 183 -20.20 12.00 7.58
CA LEU H 183 -19.94 10.85 8.43
C LEU H 183 -18.71 11.05 9.28
N GLY H 184 -17.91 12.01 8.89
CA GLY H 184 -16.66 12.26 9.58
C GLY H 184 -16.02 13.54 9.15
N ARG H 185 -15.28 14.16 10.05
CA ARG H 185 -14.57 15.37 9.71
C ARG H 185 -13.39 15.62 10.63
N ARG H 186 -12.29 16.04 10.02
CA ARG H 186 -11.09 16.41 10.72
C ARG H 186 -10.52 17.61 10.03
N SER H 187 -9.75 18.37 10.77
CA SER H 187 -9.14 19.54 10.20
C SER H 187 -7.81 19.85 10.83
N PHE H 188 -6.95 20.49 10.05
CA PHE H 188 -5.63 20.93 10.51
C PHE H 188 -5.27 22.23 9.81
N GLU H 189 -4.41 23.03 10.43
CA GLU H 189 -3.98 24.28 9.84
C GLU H 189 -3.00 23.96 8.72
N GLY H 190 -3.03 24.74 7.67
CA GLY H 190 -2.07 24.58 6.57
C GLY H 190 -1.15 25.77 6.46
N ARG H 191 0.08 25.54 6.03
CA ARG H 191 0.98 26.61 5.60
C ARG H 191 1.78 26.18 4.41
N ILE H 192 1.60 26.86 3.30
CA ILE H 192 2.33 26.56 2.07
C ILE H 192 3.49 27.53 1.97
N CYS H 193 4.69 26.99 2.04
CA CYS H 193 5.89 27.82 2.02
C CYS H 193 7.03 27.16 1.30
N ALA H 194 8.09 27.91 1.13
CA ALA H 194 9.27 27.42 0.44
C ALA H 194 10.07 26.47 1.33
N CYS H 195 10.14 26.78 2.61
CA CYS H 195 10.96 26.02 3.53
C CYS H 195 10.17 25.46 4.72
N PRO H 196 9.39 24.35 4.54
CA PRO H 196 8.57 23.76 5.61
C PRO H 196 9.38 23.08 6.73
N GLY H 197 10.69 23.19 6.68
CA GLY H 197 11.49 22.73 7.78
C GLY H 197 11.78 23.92 8.65
N ARG H 198 12.31 24.96 8.02
CA ARG H 198 12.67 26.21 8.69
C ARG H 198 11.49 26.79 9.43
N ASP H 199 10.38 26.89 8.70
CA ASP H 199 9.16 27.51 9.18
C ASP H 199 8.53 26.70 10.29
N ARG H 200 8.57 25.38 10.18
CA ARG H 200 8.07 24.50 11.26
C ARG H 200 8.89 24.69 12.52
N LYS H 201 10.20 24.60 12.35
CA LYS H 201 11.15 24.78 13.43
C LYS H 201 10.92 26.13 14.11
N ALA H 202 10.88 27.18 13.31
CA ALA H 202 10.66 28.56 13.80
C ALA H 202 9.38 28.69 14.60
N ASP H 203 8.30 28.14 14.07
CA ASP H 203 7.01 28.22 14.73
C ASP H 203 7.00 27.48 16.04
N GLU H 204 7.51 26.26 16.01
CA GLU H 204 7.53 25.42 17.18
C GLU H 204 8.38 26.06 18.29
N ASP H 205 9.53 26.63 17.90
CA ASP H 205 10.43 27.31 18.84
C ASP H 205 9.68 28.37 19.60
N HIS H 206 8.97 29.22 18.86
CA HIS H 206 8.21 30.33 19.50
C HIS H 206 7.05 29.91 20.39
N TYR H 207 6.49 28.75 20.08
CA TYR H 207 5.32 28.30 20.81
C TYR H 207 5.79 27.88 22.19
N ARG H 208 7.01 27.36 22.25
CA ARG H 208 7.65 26.91 23.49
C ARG H 208 8.23 28.05 24.30
N GLU H 209 7.98 29.29 23.89
CA GLU H 209 8.45 30.48 24.62
C GLU H 209 7.40 30.93 25.64
#